data_4IUY
#
_entry.id   4IUY
#
_cell.length_a   106.219
_cell.length_b   89.525
_cell.length_c   120.905
_cell.angle_alpha   90.00
_cell.angle_beta   112.69
_cell.angle_gamma   90.00
#
_symmetry.space_group_name_H-M   'P 1 21 1'
#
loop_
_entity.id
_entity.type
_entity.pdbx_description
1 polymer 'Short chain dehydrogenase/reductase'
2 water water
#
_entity_poly.entity_id   1
_entity_poly.type   'polypeptide(L)'
_entity_poly.pdbx_seq_one_letter_code
;(MSE)GSSHHHHHHSSGLVPRGS(MSE)NIFDVKDKYILITGASSGLGHHIAELFAKEGANIVICARRLERLKELESHIK
NEYGVQVYTFALDVNDRSAVKD(MSE)LSSLEAEGVTIDVLINNAGVSDTKRFLDYNDEDWDKIVDTNLKAPWQCAQEVV
QH(MSE)IKAERKGSIINITSILSQSTNLGVSPYCASKAGLRHLTEV(MSE)AVELARFGINVNAIAPGY(MSE)ITEIN
EEYLTSEVGQQLLKKIPTRKFVEFDDLNGPLLLLASQAGQGITGIEIKVDGGHSAAPI
;
_entity_poly.pdbx_strand_id   A,B,E,C,H,D,F,G
#
# COMPACT_ATOMS: atom_id res chain seq x y z
N ASN A 21 21.81 -6.66 41.56
CA ASN A 21 21.91 -7.82 40.67
C ASN A 21 21.09 -7.70 39.36
N ILE A 22 21.76 -7.43 38.25
CA ILE A 22 21.05 -7.23 36.98
C ILE A 22 20.51 -8.51 36.34
N PHE A 23 20.95 -9.66 36.86
CA PHE A 23 20.52 -10.95 36.34
C PHE A 23 19.37 -11.57 37.15
N ASP A 24 18.73 -10.74 37.97
CA ASP A 24 17.69 -11.23 38.86
C ASP A 24 16.50 -11.89 38.16
N VAL A 25 16.13 -13.09 38.59
CA VAL A 25 14.94 -13.75 38.06
C VAL A 25 14.03 -14.23 39.18
N LYS A 26 14.31 -13.78 40.39
CA LYS A 26 13.57 -14.20 41.56
C LYS A 26 12.06 -13.89 41.40
N ASP A 27 11.22 -14.89 41.66
CA ASP A 27 9.77 -14.76 41.57
C ASP A 27 9.19 -14.65 40.17
N LYS A 28 10.05 -14.63 39.15
CA LYS A 28 9.54 -14.71 37.79
C LYS A 28 8.94 -16.09 37.51
N TYR A 29 8.09 -16.19 36.49
CA TYR A 29 7.66 -17.53 36.05
C TYR A 29 8.31 -17.89 34.71
N ILE A 30 9.06 -18.97 34.71
CA ILE A 30 9.75 -19.42 33.52
C ILE A 30 9.05 -20.63 32.94
N LEU A 31 8.58 -20.51 31.70
CA LEU A 31 7.94 -21.61 30.99
C LEU A 31 8.96 -22.36 30.14
N ILE A 32 9.09 -23.65 30.42
CA ILE A 32 10.08 -24.49 29.77
C ILE A 32 9.43 -25.65 29.06
N THR A 33 9.56 -25.65 27.73
CA THR A 33 9.13 -26.75 26.90
C THR A 33 10.28 -27.76 26.83
N GLY A 34 9.97 -28.97 26.36
CA GLY A 34 10.94 -30.03 26.25
C GLY A 34 11.55 -30.35 27.59
N ALA A 35 10.77 -30.18 28.66
CA ALA A 35 11.31 -30.25 30.01
C ALA A 35 11.77 -31.65 30.48
N SER A 36 11.40 -32.70 29.75
CA SER A 36 11.78 -34.05 30.17
C SER A 36 13.20 -34.46 29.72
N SER A 37 13.81 -33.70 28.82
CA SER A 37 15.19 -33.96 28.39
C SER A 37 16.21 -33.64 29.49
N GLY A 38 17.44 -34.11 29.33
CA GLY A 38 18.51 -33.76 30.25
C GLY A 38 18.69 -32.25 30.32
N LEU A 39 18.67 -31.60 29.16
CA LEU A 39 18.80 -30.15 29.08
C LEU A 39 17.63 -29.45 29.77
N GLY A 40 16.43 -29.97 29.54
CA GLY A 40 15.23 -29.41 30.15
C GLY A 40 15.29 -29.47 31.67
N HIS A 41 15.80 -30.57 32.22
CA HIS A 41 15.97 -30.70 33.67
C HIS A 41 16.93 -29.65 34.21
N HIS A 42 18.05 -29.49 33.52
CA HIS A 42 19.10 -28.53 33.87
C HIS A 42 18.56 -27.10 33.88
N ILE A 43 17.82 -26.75 32.84
CA ILE A 43 17.28 -25.40 32.74
C ILE A 43 16.28 -25.15 33.90
N ALA A 44 15.41 -26.11 34.18
CA ALA A 44 14.48 -26.00 35.31
C ALA A 44 15.23 -25.78 36.62
N GLU A 45 16.28 -26.55 36.83
CA GLU A 45 17.03 -26.44 38.07
C GLU A 45 17.79 -25.11 38.17
N LEU A 46 18.36 -24.68 37.05
CA LEU A 46 19.07 -23.41 37.02
C LEU A 46 18.18 -22.27 37.49
N PHE A 47 17.01 -22.15 36.88
CA PHE A 47 16.11 -21.05 37.22
C PHE A 47 15.50 -21.18 38.63
N ALA A 48 15.24 -22.42 39.06
CA ALA A 48 14.71 -22.65 40.41
C ALA A 48 15.73 -22.22 41.46
N LYS A 49 16.99 -22.56 41.19
CA LYS A 49 18.11 -22.19 42.04
C LYS A 49 18.21 -20.66 42.18
N GLU A 50 17.84 -19.94 41.12
CA GLU A 50 17.90 -18.48 41.11
C GLU A 50 16.61 -17.82 41.66
N GLY A 51 15.74 -18.63 42.24
CA GLY A 51 14.54 -18.11 42.90
C GLY A 51 13.34 -17.83 42.00
N ALA A 52 13.40 -18.34 40.78
CA ALA A 52 12.31 -18.15 39.84
C ALA A 52 11.33 -19.31 39.94
N ASN A 53 10.06 -19.05 39.67
CA ASN A 53 9.08 -20.12 39.56
C ASN A 53 9.11 -20.80 38.19
N ILE A 54 8.70 -22.06 38.18
CA ILE A 54 8.91 -22.96 37.06
C ILE A 54 7.59 -23.51 36.50
N VAL A 55 7.37 -23.35 35.21
CA VAL A 55 6.30 -24.07 34.53
C VAL A 55 6.94 -25.04 33.52
N ILE A 56 6.78 -26.33 33.79
CA ILE A 56 7.40 -27.36 32.96
C ILE A 56 6.38 -28.26 32.27
N CYS A 57 6.63 -28.55 31.01
CA CYS A 57 5.83 -29.53 30.30
C CYS A 57 6.61 -30.50 29.41
N ALA A 58 6.00 -31.65 29.17
CA ALA A 58 6.56 -32.72 28.37
C ALA A 58 5.39 -33.59 27.94
N ARG A 59 5.64 -34.57 27.08
CA ARG A 59 4.56 -35.42 26.61
C ARG A 59 4.00 -36.28 27.76
N ARG A 60 4.89 -36.89 28.55
CA ARG A 60 4.45 -37.81 29.62
C ARG A 60 4.61 -37.17 31.00
N LEU A 61 3.48 -36.96 31.67
CA LEU A 61 3.49 -36.29 32.97
C LEU A 61 4.41 -36.99 33.97
N GLU A 62 4.53 -38.31 33.87
CA GLU A 62 5.28 -39.05 34.88
C GLU A 62 6.78 -38.67 34.91
N ARG A 63 7.37 -38.36 33.76
CA ARG A 63 8.78 -37.97 33.72
C ARG A 63 9.06 -36.63 34.42
N LEU A 64 8.02 -35.83 34.60
CA LEU A 64 8.19 -34.52 35.20
C LEU A 64 8.07 -34.51 36.72
N LYS A 65 7.40 -35.51 37.29
CA LYS A 65 7.10 -35.51 38.73
C LYS A 65 8.35 -35.63 39.59
N GLU A 66 9.31 -36.45 39.18
CA GLU A 66 10.58 -36.57 39.90
C GLU A 66 11.26 -35.19 40.04
N LEU A 67 11.30 -34.46 38.92
CA LEU A 67 11.93 -33.14 38.85
C LEU A 67 11.17 -32.15 39.72
N GLU A 68 9.85 -32.19 39.61
CA GLU A 68 8.97 -31.32 40.39
C GLU A 68 9.22 -31.42 41.89
N SER A 69 9.28 -32.65 42.38
CA SER A 69 9.47 -32.87 43.81
C SER A 69 10.85 -32.34 44.21
N HIS A 70 11.84 -32.70 43.42
CA HIS A 70 13.21 -32.24 43.68
C HIS A 70 13.30 -30.72 43.77
N ILE A 71 12.69 -30.02 42.83
CA ILE A 71 12.70 -28.57 42.82
C ILE A 71 11.89 -27.97 43.97
N LYS A 72 10.68 -28.50 44.19
CA LYS A 72 9.86 -28.04 45.30
C LYS A 72 10.64 -28.23 46.61
N ASN A 73 11.25 -29.39 46.78
CA ASN A 73 12.01 -29.69 47.98
C ASN A 73 13.31 -28.89 48.13
N GLU A 74 14.08 -28.77 47.06
CA GLU A 74 15.38 -28.11 47.21
C GLU A 74 15.32 -26.59 47.24
N TYR A 75 14.42 -26.00 46.46
CA TYR A 75 14.40 -24.55 46.30
C TYR A 75 13.13 -23.88 46.81
N GLY A 76 12.09 -24.68 47.03
CA GLY A 76 10.84 -24.18 47.58
C GLY A 76 10.10 -23.17 46.72
N VAL A 77 10.34 -23.20 45.41
CA VAL A 77 9.64 -22.34 44.48
C VAL A 77 8.35 -23.03 44.02
N GLN A 78 7.47 -22.26 43.41
CA GLN A 78 6.26 -22.79 42.77
C GLN A 78 6.66 -23.58 41.50
N VAL A 79 6.06 -24.76 41.34
CA VAL A 79 6.24 -25.56 40.12
C VAL A 79 4.87 -26.00 39.57
N TYR A 80 4.63 -25.74 38.29
CA TYR A 80 3.42 -26.22 37.66
C TYR A 80 3.81 -27.18 36.53
N THR A 81 3.22 -28.38 36.50
CA THR A 81 3.50 -29.33 35.45
C THR A 81 2.31 -29.50 34.50
N PHE A 82 2.59 -29.74 33.23
CA PHE A 82 1.54 -29.99 32.23
C PHE A 82 1.96 -31.07 31.27
N ALA A 83 1.07 -32.02 31.04
CA ALA A 83 1.25 -32.99 29.98
C ALA A 83 0.63 -32.43 28.71
N LEU A 84 1.41 -32.38 27.65
CA LEU A 84 0.90 -31.96 26.36
C LEU A 84 1.85 -32.30 25.24
N ASP A 85 1.36 -32.25 24.02
CA ASP A 85 2.22 -32.26 22.84
C ASP A 85 2.52 -30.80 22.48
N VAL A 86 3.78 -30.41 22.35
CA VAL A 86 4.08 -29.00 22.00
C VAL A 86 3.50 -28.59 20.62
N ASN A 87 3.15 -29.59 19.79
CA ASN A 87 2.49 -29.35 18.49
C ASN A 87 1.00 -29.20 18.60
N ASP A 88 0.49 -29.47 19.79
CA ASP A 88 -0.93 -29.34 20.04
C ASP A 88 -1.17 -27.91 20.48
N ARG A 89 -1.59 -27.07 19.54
CA ARG A 89 -1.82 -25.66 19.83
C ARG A 89 -2.91 -25.46 20.89
N SER A 90 -4.02 -26.19 20.77
CA SER A 90 -5.12 -26.00 21.71
C SER A 90 -4.74 -26.41 23.14
N ALA A 91 -3.91 -27.44 23.28
CA ALA A 91 -3.44 -27.84 24.60
C ALA A 91 -2.53 -26.75 25.23
N VAL A 92 -1.63 -26.17 24.43
CA VAL A 92 -0.78 -25.08 24.91
C VAL A 92 -1.64 -23.91 25.37
N LYS A 93 -2.62 -23.56 24.56
CA LYS A 93 -3.58 -22.50 24.86
C LYS A 93 -4.34 -22.78 26.17
N ASP A 94 -4.80 -24.03 26.34
CA ASP A 94 -5.48 -24.42 27.58
C ASP A 94 -4.56 -24.31 28.78
N LEU A 96 -2.00 -22.17 29.25
CA LEU A 96 -1.92 -20.75 29.57
C LEU A 96 -3.20 -20.20 30.22
N SER A 97 -4.37 -20.55 29.68
CA SER A 97 -5.63 -20.12 30.28
C SER A 97 -5.75 -20.64 31.70
N SER A 98 -5.30 -21.88 31.89
CA SER A 98 -5.32 -22.50 33.21
C SER A 98 -4.45 -21.71 34.17
N LEU A 99 -3.27 -21.30 33.69
CA LEU A 99 -2.36 -20.48 34.49
C LEU A 99 -2.96 -19.10 34.76
N GLU A 100 -3.51 -18.47 33.72
CA GLU A 100 -4.21 -17.19 33.86
C GLU A 100 -5.26 -17.28 34.95
N ALA A 101 -5.99 -18.39 34.97
CA ALA A 101 -7.08 -18.55 35.94
C ALA A 101 -6.57 -18.67 37.36
N GLU A 102 -5.30 -19.04 37.52
CA GLU A 102 -4.71 -19.12 38.85
C GLU A 102 -3.94 -17.85 39.22
N GLY A 103 -4.03 -16.82 38.39
CA GLY A 103 -3.31 -15.60 38.65
C GLY A 103 -1.83 -15.65 38.30
N VAL A 104 -1.43 -16.61 37.48
CA VAL A 104 -0.03 -16.75 37.10
C VAL A 104 0.24 -16.10 35.73
N THR A 105 1.30 -15.31 35.65
CA THR A 105 1.75 -14.77 34.37
C THR A 105 3.18 -15.22 34.05
N ILE A 106 3.38 -15.82 32.88
CA ILE A 106 4.69 -16.22 32.36
C ILE A 106 5.55 -14.99 32.03
N ASP A 107 6.77 -14.97 32.55
CA ASP A 107 7.74 -13.91 32.26
C ASP A 107 8.66 -14.30 31.12
N VAL A 108 9.05 -15.56 31.10
CA VAL A 108 9.99 -16.01 30.09
C VAL A 108 9.54 -17.33 29.46
N LEU A 109 9.48 -17.37 28.13
CA LEU A 109 9.32 -18.62 27.40
C LEU A 109 10.68 -19.10 26.88
N ILE A 110 11.01 -20.32 27.29
CA ILE A 110 12.18 -21.01 26.80
C ILE A 110 11.75 -22.19 25.93
N ASN A 111 11.86 -22.00 24.62
CA ASN A 111 11.56 -23.02 23.64
C ASN A 111 12.76 -23.95 23.57
N ASN A 112 12.60 -25.11 24.15
CA ASN A 112 13.66 -26.10 24.29
C ASN A 112 13.21 -27.40 23.62
N ALA A 113 12.26 -27.30 22.71
CA ALA A 113 11.79 -28.48 21.98
C ALA A 113 12.74 -28.84 20.85
N GLY A 114 13.11 -30.12 20.74
CA GLY A 114 14.05 -30.53 19.71
C GLY A 114 14.27 -32.03 19.48
N VAL A 115 14.00 -32.51 18.27
CA VAL A 115 14.28 -33.90 17.89
C VAL A 115 15.08 -33.96 16.61
N SER A 116 15.80 -35.06 16.43
CA SER A 116 16.61 -35.26 15.24
C SER A 116 16.71 -36.73 14.87
N ASP A 117 17.64 -37.04 13.97
CA ASP A 117 17.84 -38.38 13.47
C ASP A 117 19.18 -38.39 12.74
N THR A 118 19.57 -39.53 12.17
CA THR A 118 20.74 -39.59 11.29
C THR A 118 20.42 -40.40 10.06
N LYS A 119 20.29 -39.74 8.91
CA LYS A 119 20.03 -40.44 7.66
C LYS A 119 20.71 -39.67 6.55
N ARG A 120 21.19 -40.38 5.53
CA ARG A 120 21.71 -39.71 4.35
C ARG A 120 20.61 -38.87 3.72
N PHE A 121 20.99 -37.84 2.97
CA PHE A 121 20.04 -36.88 2.42
C PHE A 121 18.83 -37.49 1.73
N LEU A 122 19.05 -38.52 0.92
CA LEU A 122 18.00 -39.10 0.12
C LEU A 122 17.12 -40.14 0.87
N ASP A 123 17.52 -40.52 2.08
CA ASP A 123 16.80 -41.55 2.86
C ASP A 123 15.72 -40.98 3.80
N TYR A 124 15.75 -39.68 4.06
CA TYR A 124 14.73 -39.02 4.86
C TYR A 124 13.38 -39.00 4.12
N ASN A 125 12.32 -39.40 4.82
CA ASN A 125 11.00 -39.39 4.22
C ASN A 125 10.07 -38.29 4.76
N ASP A 126 8.87 -38.21 4.21
CA ASP A 126 7.93 -37.16 4.60
C ASP A 126 7.58 -37.17 6.10
N GLU A 127 7.50 -38.37 6.67
CA GLU A 127 7.19 -38.54 8.08
C GLU A 127 8.31 -38.02 8.98
N ASP A 128 9.57 -38.32 8.62
CA ASP A 128 10.74 -37.80 9.34
C ASP A 128 10.73 -36.28 9.31
N TRP A 129 10.53 -35.74 8.12
CA TRP A 129 10.52 -34.29 7.89
C TRP A 129 9.48 -33.64 8.78
N ASP A 130 8.25 -34.14 8.70
CA ASP A 130 7.18 -33.60 9.54
C ASP A 130 7.54 -33.63 11.03
N LYS A 131 8.02 -34.77 11.50
CA LYS A 131 8.40 -34.87 12.91
C LYS A 131 9.49 -33.84 13.26
N ILE A 132 10.56 -33.82 12.48
CA ILE A 132 11.66 -32.93 12.80
C ILE A 132 11.31 -31.45 12.65
N VAL A 133 10.71 -31.08 11.52
CA VAL A 133 10.46 -29.69 11.26
C VAL A 133 9.32 -29.11 12.10
N ASP A 134 8.26 -29.90 12.31
CA ASP A 134 7.16 -29.43 13.15
C ASP A 134 7.57 -29.27 14.61
N THR A 135 8.33 -30.23 15.12
CA THR A 135 8.82 -30.19 16.48
C THR A 135 9.86 -29.06 16.70
N ASN A 136 10.79 -28.91 15.76
CA ASN A 136 11.88 -27.95 15.95
C ASN A 136 11.57 -26.52 15.58
N LEU A 137 10.58 -26.32 14.71
CA LEU A 137 10.31 -25.00 14.16
C LEU A 137 8.86 -24.56 14.30
N LYS A 138 7.92 -25.36 13.85
CA LYS A 138 6.51 -24.96 13.94
C LYS A 138 6.04 -24.82 15.40
N ALA A 139 6.40 -25.81 16.23
CA ALA A 139 6.02 -25.81 17.65
C ALA A 139 6.49 -24.58 18.44
N PRO A 140 7.79 -24.22 18.33
CA PRO A 140 8.21 -22.99 19.04
C PRO A 140 7.44 -21.78 18.53
N TRP A 141 7.19 -21.74 17.23
CA TRP A 141 6.38 -20.67 16.67
C TRP A 141 4.95 -20.66 17.30
N GLN A 142 4.29 -21.81 17.36
CA GLN A 142 2.97 -21.89 18.03
C GLN A 142 3.03 -21.45 19.48
N CYS A 143 3.99 -21.98 20.23
CA CYS A 143 4.14 -21.60 21.64
C CYS A 143 4.39 -20.13 21.79
N ALA A 144 5.25 -19.58 20.94
CA ALA A 144 5.58 -18.15 21.00
C ALA A 144 4.31 -17.32 20.82
N GLN A 145 3.56 -17.64 19.77
CA GLN A 145 2.28 -16.95 19.53
C GLN A 145 1.36 -17.02 20.73
N GLU A 146 1.18 -18.21 21.28
CA GLU A 146 0.26 -18.35 22.40
C GLU A 146 0.74 -17.62 23.65
N VAL A 147 2.01 -17.75 23.98
CA VAL A 147 2.59 -17.10 25.16
C VAL A 147 2.56 -15.55 25.06
N VAL A 148 2.78 -15.01 23.87
CA VAL A 148 2.66 -13.57 23.65
C VAL A 148 1.24 -13.06 23.89
N GLN A 149 0.23 -13.81 23.43
CA GLN A 149 -1.17 -13.43 23.69
C GLN A 149 -1.43 -13.35 25.19
N HIS A 150 -0.89 -14.34 25.89
CA HIS A 150 -0.98 -14.46 27.34
C HIS A 150 -0.30 -13.28 28.03
N ILE A 152 0.48 -10.20 26.60
CA ILE A 152 -0.24 -8.99 26.21
C ILE A 152 -1.54 -8.84 27.00
N LYS A 153 -2.26 -9.94 27.16
CA LYS A 153 -3.48 -9.95 27.96
C LYS A 153 -3.21 -9.49 29.39
N ALA A 154 -2.04 -9.85 29.92
CA ALA A 154 -1.65 -9.47 31.28
C ALA A 154 -0.84 -8.18 31.32
N GLU A 155 -0.63 -7.58 30.15
CA GLU A 155 0.22 -6.40 30.01
C GLU A 155 1.60 -6.60 30.64
N ARG A 156 2.29 -7.64 30.20
CA ARG A 156 3.56 -8.07 30.77
C ARG A 156 4.67 -8.03 29.70
N LYS A 157 5.80 -7.41 30.03
CA LYS A 157 6.90 -7.24 29.07
C LYS A 157 8.01 -8.28 29.26
N GLY A 158 7.76 -9.49 28.79
CA GLY A 158 8.67 -10.61 29.00
C GLY A 158 9.72 -10.88 27.94
N SER A 159 10.22 -12.11 27.97
CA SER A 159 11.31 -12.51 27.08
C SER A 159 11.06 -13.88 26.49
N ILE A 160 11.56 -14.09 25.28
CA ILE A 160 11.49 -15.40 24.65
C ILE A 160 12.90 -15.86 24.32
N ILE A 161 13.20 -17.10 24.65
CA ILE A 161 14.50 -17.66 24.33
C ILE A 161 14.31 -18.92 23.50
N ASN A 162 14.78 -18.91 22.25
CA ASN A 162 14.73 -20.09 21.43
C ASN A 162 16.06 -20.82 21.46
N ILE A 163 16.03 -22.10 21.84
CA ILE A 163 17.24 -22.89 21.78
C ILE A 163 17.38 -23.39 20.35
N THR A 164 18.37 -22.87 19.64
CA THR A 164 18.60 -23.34 18.28
C THR A 164 19.68 -24.43 18.31
N SER A 165 20.83 -24.14 17.71
CA SER A 165 21.93 -25.09 17.55
C SER A 165 22.95 -24.39 16.65
N ILE A 166 24.23 -24.70 16.78
CA ILE A 166 25.19 -24.10 15.85
C ILE A 166 24.92 -24.54 14.42
N LEU A 167 24.18 -25.64 14.29
CA LEU A 167 23.75 -26.19 13.02
C LEU A 167 22.68 -25.34 12.34
N SER A 168 22.29 -24.23 12.95
CA SER A 168 21.44 -23.28 12.26
C SER A 168 22.25 -22.55 11.18
N GLN A 169 23.59 -22.52 11.33
CA GLN A 169 24.46 -21.91 10.31
C GLN A 169 25.56 -22.85 9.85
N SER A 170 25.94 -23.78 10.71
CA SER A 170 26.98 -24.72 10.29
C SER A 170 26.27 -25.93 9.73
N THR A 171 27.02 -26.78 9.02
CA THR A 171 26.44 -28.01 8.47
C THR A 171 27.10 -29.24 9.07
N ASN A 172 26.39 -30.35 8.95
CA ASN A 172 26.98 -31.63 9.18
C ASN A 172 26.22 -32.60 8.30
N LEU A 173 26.70 -33.82 8.18
CA LEU A 173 26.11 -34.85 7.35
C LEU A 173 25.04 -35.60 8.16
N GLY A 174 23.96 -36.01 7.49
CA GLY A 174 22.95 -36.88 8.05
C GLY A 174 21.86 -36.19 8.86
N VAL A 175 21.82 -34.86 8.80
CA VAL A 175 20.90 -34.08 9.63
C VAL A 175 20.21 -32.95 8.88
N SER A 176 19.93 -33.17 7.59
N SER A 176 19.93 -33.17 7.60
CA SER A 176 19.42 -32.10 6.74
CA SER A 176 19.40 -32.11 6.73
C SER A 176 18.15 -31.38 7.24
C SER A 176 18.14 -31.39 7.24
N PRO A 177 17.09 -32.12 7.65
CA PRO A 177 15.87 -31.42 8.12
C PRO A 177 16.10 -30.66 9.42
N TYR A 178 16.94 -31.19 10.28
CA TYR A 178 17.30 -30.52 11.51
C TYR A 178 17.95 -29.17 11.19
N CYS A 179 18.91 -29.19 10.25
CA CYS A 179 19.59 -27.97 9.84
C CYS A 179 18.61 -26.94 9.32
N ALA A 180 17.67 -27.40 8.48
CA ALA A 180 16.65 -26.54 7.88
C ALA A 180 15.79 -25.89 8.95
N SER A 181 15.34 -26.71 9.89
CA SER A 181 14.42 -26.26 10.93
C SER A 181 15.12 -25.29 11.90
N LYS A 182 16.37 -25.59 12.25
CA LYS A 182 17.15 -24.69 13.13
C LYS A 182 17.49 -23.34 12.45
N ALA A 183 17.87 -23.38 11.18
CA ALA A 183 18.09 -22.16 10.42
C ALA A 183 16.78 -21.37 10.33
N GLY A 184 15.69 -22.10 10.15
CA GLY A 184 14.37 -21.51 10.16
C GLY A 184 14.09 -20.82 11.48
N LEU A 185 14.37 -21.53 12.58
CA LEU A 185 14.10 -20.97 13.89
C LEU A 185 15.01 -19.76 14.16
N ARG A 186 16.27 -19.84 13.71
CA ARG A 186 17.20 -18.71 13.88
C ARG A 186 16.70 -17.41 13.22
N HIS A 187 16.30 -17.49 11.96
CA HIS A 187 15.83 -16.29 11.30
C HIS A 187 14.47 -15.87 11.87
N LEU A 188 13.65 -16.83 12.29
CA LEU A 188 12.35 -16.49 12.88
C LEU A 188 12.52 -15.69 14.18
N THR A 189 13.53 -16.06 14.94
CA THR A 189 13.92 -15.30 16.12
C THR A 189 14.17 -13.80 15.80
N GLU A 190 14.90 -13.53 14.72
CA GLU A 190 15.16 -12.15 14.27
C GLU A 190 13.88 -11.45 13.86
N VAL A 191 13.05 -12.14 13.09
CA VAL A 191 11.78 -11.57 12.62
C VAL A 191 10.83 -11.29 13.79
N ALA A 193 11.69 -10.76 16.80
CA ALA A 193 12.26 -9.68 17.58
C ALA A 193 11.73 -8.33 17.10
N VAL A 194 11.70 -8.18 15.79
CA VAL A 194 11.22 -6.97 15.14
C VAL A 194 9.73 -6.75 15.39
N GLU A 195 8.95 -7.81 15.20
CA GLU A 195 7.50 -7.70 15.30
C GLU A 195 6.96 -7.64 16.73
N LEU A 196 7.75 -8.07 17.70
CA LEU A 196 7.25 -8.08 19.08
C LEU A 196 7.80 -6.95 19.95
N ALA A 197 8.74 -6.17 19.42
CA ALA A 197 9.31 -5.03 20.16
C ALA A 197 8.24 -4.07 20.66
N ARG A 198 7.18 -3.92 19.87
CA ARG A 198 6.08 -3.02 20.20
C ARG A 198 5.35 -3.43 21.49
N PHE A 199 5.50 -4.70 21.87
CA PHE A 199 4.91 -5.21 23.09
C PHE A 199 5.86 -5.34 24.27
N GLY A 200 7.07 -4.84 24.13
CA GLY A 200 8.05 -4.91 25.21
C GLY A 200 8.61 -6.31 25.43
N ILE A 201 8.49 -7.15 24.41
CA ILE A 201 8.97 -8.52 24.44
C ILE A 201 10.23 -8.69 23.57
N ASN A 202 11.36 -9.05 24.17
CA ASN A 202 12.54 -9.33 23.39
C ASN A 202 12.67 -10.84 23.06
N VAL A 203 13.29 -11.14 21.92
CA VAL A 203 13.31 -12.50 21.40
C VAL A 203 14.75 -12.79 20.99
N ASN A 204 15.34 -13.80 21.62
CA ASN A 204 16.73 -14.16 21.32
C ASN A 204 16.86 -15.65 21.29
N ALA A 205 18.00 -16.12 20.77
CA ALA A 205 18.29 -17.55 20.70
C ALA A 205 19.63 -17.89 21.34
N ILE A 206 19.75 -19.13 21.84
CA ILE A 206 21.03 -19.68 22.27
C ILE A 206 21.31 -20.89 21.38
N ALA A 207 22.52 -20.96 20.81
CA ALA A 207 22.87 -22.04 19.85
C ALA A 207 23.97 -22.88 20.45
N PRO A 208 23.61 -23.97 21.13
CA PRO A 208 24.69 -24.80 21.71
C PRO A 208 25.42 -25.58 20.62
N GLY A 209 26.70 -25.86 20.85
CA GLY A 209 27.40 -26.84 20.03
C GLY A 209 26.98 -28.24 20.48
N TYR A 210 27.83 -29.24 20.26
CA TYR A 210 27.48 -30.61 20.64
C TYR A 210 27.67 -30.81 22.15
N ILE A 212 27.83 -32.92 25.69
CA ILE A 212 28.13 -34.24 26.21
C ILE A 212 27.03 -34.68 27.20
N THR A 213 26.12 -35.52 26.71
CA THR A 213 25.00 -35.97 27.53
C THR A 213 24.94 -37.49 27.49
N GLU A 214 23.94 -38.08 28.16
CA GLU A 214 23.84 -39.54 28.25
C GLU A 214 22.97 -40.09 27.13
N ILE A 215 22.18 -39.20 26.54
CA ILE A 215 21.31 -39.48 25.40
C ILE A 215 22.14 -39.66 24.11
N ASN A 216 23.38 -39.16 24.12
CA ASN A 216 24.31 -39.22 22.97
C ASN A 216 25.70 -39.79 23.32
N GLU A 217 25.74 -40.84 24.12
CA GLU A 217 26.99 -41.43 24.58
C GLU A 217 27.88 -42.05 23.48
N GLU A 218 27.26 -42.75 22.51
CA GLU A 218 28.01 -43.41 21.45
C GLU A 218 28.80 -42.53 20.48
N TYR A 219 28.14 -41.54 19.89
CA TYR A 219 28.77 -40.65 18.92
C TYR A 219 29.95 -39.92 19.60
N LEU A 220 29.72 -39.41 20.82
CA LEU A 220 30.70 -38.58 21.53
C LEU A 220 31.83 -39.26 22.34
N THR A 221 31.50 -40.30 23.12
CA THR A 221 32.54 -40.89 23.98
C THR A 221 33.41 -41.88 23.22
N SER A 222 32.97 -42.21 22.02
CA SER A 222 33.76 -43.06 21.16
C SER A 222 34.90 -42.26 20.53
N GLU A 223 35.71 -42.97 19.77
CA GLU A 223 36.84 -42.40 19.04
C GLU A 223 36.48 -41.80 17.67
N VAL A 224 35.43 -42.31 17.03
CA VAL A 224 34.97 -41.76 15.76
C VAL A 224 34.59 -40.29 15.93
N GLY A 225 34.00 -39.97 17.08
CA GLY A 225 33.63 -38.62 17.47
C GLY A 225 34.82 -37.86 18.05
N GLN A 226 35.83 -38.61 18.48
CA GLN A 226 37.02 -38.06 19.14
C GLN A 226 37.86 -37.21 18.21
N GLN A 227 37.70 -37.40 16.91
CA GLN A 227 38.39 -36.57 15.93
C GLN A 227 37.79 -35.17 15.89
N LEU A 228 36.49 -35.06 16.20
CA LEU A 228 35.87 -33.75 16.38
C LEU A 228 36.50 -33.02 17.56
N LEU A 229 36.73 -33.72 18.66
CA LEU A 229 37.33 -33.10 19.84
C LEU A 229 38.59 -32.35 19.44
N LYS A 230 39.37 -32.92 18.53
CA LYS A 230 40.58 -32.27 18.05
C LYS A 230 40.27 -31.08 17.14
N LYS A 231 39.04 -31.01 16.61
CA LYS A 231 38.65 -29.89 15.76
C LYS A 231 38.17 -28.69 16.58
N ILE A 232 37.55 -28.98 17.73
CA ILE A 232 37.04 -27.94 18.58
C ILE A 232 38.21 -27.22 19.30
N PRO A 233 38.28 -25.88 19.18
CA PRO A 233 39.39 -25.10 19.74
C PRO A 233 39.61 -25.36 21.22
N THR A 234 38.53 -25.42 22.01
CA THR A 234 38.68 -25.72 23.43
C THR A 234 38.94 -27.19 23.74
N ARG A 235 38.84 -28.04 22.73
CA ARG A 235 38.97 -29.48 22.94
C ARG A 235 37.97 -30.01 23.99
N LYS A 236 36.80 -29.39 24.08
CA LYS A 236 35.77 -29.81 25.02
C LYS A 236 34.42 -29.75 24.34
N PHE A 237 33.61 -30.77 24.58
CA PHE A 237 32.22 -30.69 24.17
C PHE A 237 31.51 -29.71 25.08
N VAL A 238 30.33 -29.29 24.68
CA VAL A 238 29.58 -28.32 25.44
C VAL A 238 28.96 -28.98 26.68
N GLU A 239 29.17 -28.36 27.83
CA GLU A 239 28.52 -28.77 29.09
C GLU A 239 27.30 -27.91 29.27
N PHE A 240 26.30 -28.46 29.95
CA PHE A 240 25.07 -27.75 30.24
C PHE A 240 25.34 -26.41 30.93
N ASP A 241 26.29 -26.43 31.84
CA ASP A 241 26.68 -25.24 32.62
C ASP A 241 27.15 -24.09 31.74
N ASP A 242 27.65 -24.41 30.55
CA ASP A 242 28.12 -23.38 29.64
C ASP A 242 27.00 -22.46 29.20
N LEU A 243 25.76 -22.96 29.30
CA LEU A 243 24.58 -22.22 28.85
C LEU A 243 24.04 -21.30 29.92
N ASN A 244 24.45 -21.54 31.16
CA ASN A 244 23.90 -20.83 32.31
C ASN A 244 23.96 -19.31 32.17
N GLY A 245 25.12 -18.79 31.80
CA GLY A 245 25.31 -17.36 31.62
C GLY A 245 24.39 -16.75 30.59
N PRO A 246 24.41 -17.29 29.34
CA PRO A 246 23.49 -16.81 28.31
C PRO A 246 22.02 -16.91 28.72
N LEU A 247 21.65 -17.99 29.39
CA LEU A 247 20.26 -18.17 29.83
C LEU A 247 19.83 -17.06 30.78
N LEU A 248 20.67 -16.76 31.76
CA LEU A 248 20.34 -15.73 32.74
C LEU A 248 20.41 -14.33 32.14
N LEU A 249 21.39 -14.11 31.26
CA LEU A 249 21.45 -12.85 30.52
C LEU A 249 20.14 -12.58 29.80
N LEU A 250 19.69 -13.54 29.02
CA LEU A 250 18.55 -13.32 28.13
C LEU A 250 17.19 -13.39 28.85
N ALA A 251 17.16 -13.86 30.09
CA ALA A 251 15.88 -13.95 30.81
C ALA A 251 15.70 -12.80 31.79
N SER A 252 16.73 -11.98 31.97
CA SER A 252 16.67 -10.91 32.97
C SER A 252 16.78 -9.51 32.38
N GLN A 253 16.74 -8.53 33.28
CA GLN A 253 16.92 -7.13 32.94
C GLN A 253 18.26 -6.89 32.25
N ALA A 254 19.27 -7.68 32.60
CA ALA A 254 20.59 -7.59 31.99
C ALA A 254 20.49 -7.69 30.49
N GLY A 255 19.49 -8.41 30.01
CA GLY A 255 19.37 -8.62 28.58
C GLY A 255 18.33 -7.79 27.85
N GLN A 256 17.72 -6.83 28.54
CA GLN A 256 16.59 -6.10 27.95
C GLN A 256 16.90 -5.27 26.69
N GLY A 257 18.15 -4.80 26.55
CA GLY A 257 18.52 -4.01 25.38
C GLY A 257 18.89 -4.88 24.19
N ILE A 258 18.77 -6.20 24.37
CA ILE A 258 19.18 -7.19 23.38
C ILE A 258 17.98 -7.88 22.79
N THR A 259 17.85 -7.80 21.47
CA THR A 259 16.77 -8.52 20.81
C THR A 259 17.22 -8.86 19.40
N GLY A 260 16.84 -10.06 18.96
CA GLY A 260 17.12 -10.48 17.61
C GLY A 260 18.45 -11.14 17.37
N ILE A 261 19.06 -11.63 18.45
CA ILE A 261 20.38 -12.25 18.30
C ILE A 261 20.37 -13.74 18.64
N GLU A 262 21.44 -14.40 18.22
CA GLU A 262 21.71 -15.79 18.59
C GLU A 262 23.10 -15.88 19.22
N ILE A 263 23.17 -16.30 20.48
CA ILE A 263 24.44 -16.51 21.19
C ILE A 263 24.93 -17.96 21.02
N LYS A 264 26.05 -18.15 20.31
CA LYS A 264 26.62 -19.50 20.14
C LYS A 264 27.41 -19.91 21.38
N VAL A 265 27.17 -21.14 21.83
CA VAL A 265 27.91 -21.69 22.93
C VAL A 265 28.50 -23.01 22.47
N ASP A 266 29.75 -22.96 22.03
CA ASP A 266 30.32 -24.07 21.29
C ASP A 266 31.84 -24.23 21.42
N GLY A 267 32.44 -23.46 22.31
CA GLY A 267 33.90 -23.52 22.46
C GLY A 267 34.63 -23.21 21.15
N GLY A 268 34.00 -22.42 20.26
CA GLY A 268 34.69 -22.01 19.05
C GLY A 268 34.58 -23.04 17.93
N HIS A 269 33.73 -24.05 18.15
CA HIS A 269 33.56 -25.11 17.18
C HIS A 269 33.20 -24.56 15.77
N SER A 270 32.26 -23.63 15.72
CA SER A 270 31.79 -23.10 14.44
C SER A 270 32.82 -22.22 13.75
N ALA A 271 33.85 -21.82 14.49
CA ALA A 271 34.92 -20.98 13.97
C ALA A 271 36.12 -21.78 13.50
N ALA A 272 36.10 -23.09 13.74
CA ALA A 272 37.23 -23.96 13.45
C ALA A 272 37.58 -23.95 11.96
N PRO A 273 38.87 -24.15 11.63
CA PRO A 273 39.39 -24.14 10.25
C PRO A 273 38.63 -25.07 9.31
N ASN B 21 31.48 -21.59 -25.50
CA ASN B 21 30.46 -20.97 -24.66
C ASN B 21 30.19 -21.74 -23.34
N ILE B 22 30.67 -21.16 -22.24
CA ILE B 22 30.54 -21.81 -20.94
C ILE B 22 29.14 -21.70 -20.32
N PHE B 23 28.31 -20.83 -20.88
CA PHE B 23 26.94 -20.65 -20.38
C PHE B 23 25.94 -21.44 -21.19
N ASP B 24 26.44 -22.33 -22.04
CA ASP B 24 25.59 -23.11 -22.92
C ASP B 24 24.64 -24.06 -22.16
N VAL B 25 23.36 -23.96 -22.48
CA VAL B 25 22.34 -24.84 -21.91
C VAL B 25 21.48 -25.47 -23.01
N LYS B 26 21.96 -25.36 -24.25
CA LYS B 26 21.27 -25.90 -25.40
C LYS B 26 21.05 -27.41 -25.29
N ASP B 27 19.82 -27.83 -25.55
CA ASP B 27 19.43 -29.25 -25.53
C ASP B 27 19.31 -29.85 -24.15
N LYS B 28 19.61 -29.07 -23.10
CA LYS B 28 19.37 -29.55 -21.75
C LYS B 28 17.87 -29.63 -21.48
N TYR B 29 17.48 -30.36 -20.44
CA TYR B 29 16.11 -30.28 -19.99
C TYR B 29 16.06 -29.54 -18.67
N ILE B 30 15.33 -28.44 -18.64
CA ILE B 30 15.17 -27.64 -17.44
C ILE B 30 13.77 -27.87 -16.82
N LEU B 31 13.74 -28.38 -15.58
CA LEU B 31 12.48 -28.58 -14.87
C LEU B 31 12.18 -27.37 -13.97
N ILE B 32 11.05 -26.73 -14.23
CA ILE B 32 10.70 -25.52 -13.52
C ILE B 32 9.38 -25.69 -12.78
N THR B 33 9.42 -25.63 -11.45
CA THR B 33 8.20 -25.62 -10.65
C THR B 33 7.73 -24.18 -10.51
N GLY B 34 6.49 -24.01 -10.05
CA GLY B 34 5.92 -22.67 -9.90
C GLY B 34 5.86 -21.98 -11.23
N ALA B 35 5.64 -22.76 -12.29
CA ALA B 35 5.74 -22.29 -13.65
C ALA B 35 4.65 -21.32 -14.12
N SER B 36 3.53 -21.23 -13.41
CA SER B 36 2.44 -20.35 -13.87
C SER B 36 2.56 -18.90 -13.40
N SER B 37 3.45 -18.62 -12.46
CA SER B 37 3.68 -17.25 -12.00
C SER B 37 4.41 -16.45 -13.08
N GLY B 38 4.41 -15.12 -12.94
CA GLY B 38 5.17 -14.27 -13.82
C GLY B 38 6.64 -14.69 -13.86
N LEU B 39 7.24 -14.95 -12.69
CA LEU B 39 8.63 -15.40 -12.66
C LEU B 39 8.80 -16.76 -13.34
N GLY B 40 7.85 -17.66 -13.10
CA GLY B 40 7.90 -18.98 -13.71
C GLY B 40 7.89 -18.91 -15.23
N HIS B 41 7.06 -18.01 -15.76
CA HIS B 41 6.98 -17.76 -17.19
C HIS B 41 8.30 -17.24 -17.74
N HIS B 42 8.86 -16.26 -17.05
CA HIS B 42 10.10 -15.64 -17.48
C HIS B 42 11.22 -16.68 -17.53
N ILE B 43 11.32 -17.51 -16.50
CA ILE B 43 12.40 -18.48 -16.43
C ILE B 43 12.34 -19.47 -17.58
N ALA B 44 11.13 -19.99 -17.83
CA ALA B 44 10.89 -20.95 -18.93
C ALA B 44 11.30 -20.36 -20.27
N GLU B 45 10.91 -19.11 -20.46
CA GLU B 45 11.17 -18.39 -21.69
C GLU B 45 12.67 -18.12 -21.87
N LEU B 46 13.35 -17.80 -20.78
CA LEU B 46 14.79 -17.55 -20.81
C LEU B 46 15.54 -18.77 -21.32
N PHE B 47 15.26 -19.93 -20.74
CA PHE B 47 15.93 -21.18 -21.11
C PHE B 47 15.54 -21.71 -22.50
N ALA B 48 14.28 -21.56 -22.88
CA ALA B 48 13.87 -21.92 -24.23
C ALA B 48 14.58 -21.02 -25.28
N LYS B 49 14.70 -19.73 -24.97
CA LYS B 49 15.42 -18.79 -25.82
C LYS B 49 16.88 -19.21 -25.99
N GLU B 50 17.47 -19.82 -24.96
CA GLU B 50 18.85 -20.27 -25.03
C GLU B 50 18.99 -21.69 -25.60
N GLY B 51 17.90 -22.23 -26.14
CA GLY B 51 17.91 -23.54 -26.78
C GLY B 51 17.75 -24.74 -25.86
N ALA B 52 17.31 -24.53 -24.62
CA ALA B 52 17.11 -25.64 -23.67
C ALA B 52 15.70 -26.16 -23.77
N ASN B 53 15.52 -27.46 -23.56
CA ASN B 53 14.18 -28.03 -23.52
C ASN B 53 13.57 -27.80 -22.13
N ILE B 54 12.25 -27.70 -22.06
CA ILE B 54 11.59 -27.19 -20.87
C ILE B 54 10.57 -28.17 -20.27
N VAL B 55 10.66 -28.41 -18.96
CA VAL B 55 9.59 -29.11 -18.27
C VAL B 55 8.96 -28.19 -17.24
N ILE B 56 7.70 -27.84 -17.45
CA ILE B 56 7.04 -26.88 -16.58
C ILE B 56 5.90 -27.56 -15.81
N CYS B 57 5.80 -27.24 -14.52
CA CYS B 57 4.66 -27.68 -13.74
C CYS B 57 4.15 -26.63 -12.78
N ALA B 58 2.86 -26.78 -12.45
CA ALA B 58 2.16 -25.89 -11.56
C ALA B 58 0.93 -26.65 -11.06
N ARG B 59 0.19 -26.06 -10.14
CA ARG B 59 -1.00 -26.72 -9.63
C ARG B 59 -2.05 -26.88 -10.71
N ARG B 60 -2.28 -25.81 -11.47
CA ARG B 60 -3.28 -25.80 -12.55
C ARG B 60 -2.74 -25.76 -13.99
N LEU B 61 -3.09 -26.80 -14.74
CA LEU B 61 -2.71 -27.06 -16.14
C LEU B 61 -3.01 -26.00 -17.21
N GLU B 62 -4.13 -25.30 -17.07
CA GLU B 62 -4.57 -24.42 -18.15
C GLU B 62 -3.61 -23.27 -18.45
N ARG B 63 -2.98 -22.72 -17.42
CA ARG B 63 -2.02 -21.63 -17.57
C ARG B 63 -0.73 -22.10 -18.27
N LEU B 64 -0.47 -23.39 -18.23
CA LEU B 64 0.74 -23.97 -18.79
C LEU B 64 0.57 -24.31 -20.27
N LYS B 65 -0.66 -24.59 -20.69
CA LYS B 65 -0.89 -24.97 -22.07
C LYS B 65 -0.60 -23.75 -22.93
N GLU B 66 -0.98 -22.61 -22.39
CA GLU B 66 -0.72 -21.32 -23.00
C GLU B 66 0.77 -21.06 -23.16
N LEU B 67 1.53 -21.22 -22.07
CA LEU B 67 2.97 -20.99 -22.07
C LEU B 67 3.65 -21.95 -23.02
N GLU B 68 3.21 -23.20 -22.99
CA GLU B 68 3.67 -24.26 -23.89
C GLU B 68 3.56 -23.91 -25.38
N SER B 69 2.41 -23.42 -25.80
CA SER B 69 2.20 -23.11 -27.22
C SER B 69 3.14 -22.00 -27.63
N HIS B 70 3.20 -20.97 -26.80
CA HIS B 70 4.07 -19.86 -27.08
C HIS B 70 5.51 -20.29 -27.23
N ILE B 71 5.98 -21.13 -26.31
CA ILE B 71 7.37 -21.56 -26.31
C ILE B 71 7.66 -22.44 -27.51
N LYS B 72 6.77 -23.37 -27.81
CA LYS B 72 6.98 -24.21 -28.99
C LYS B 72 7.02 -23.38 -30.25
N ASN B 73 6.09 -22.42 -30.36
CA ASN B 73 6.01 -21.56 -31.54
C ASN B 73 7.19 -20.63 -31.74
N GLU B 74 7.65 -19.99 -30.66
CA GLU B 74 8.73 -19.01 -30.76
C GLU B 74 10.09 -19.68 -30.88
N TYR B 75 10.28 -20.78 -30.15
CA TYR B 75 11.61 -21.38 -30.05
C TYR B 75 11.76 -22.80 -30.59
N GLY B 76 10.65 -23.52 -30.76
CA GLY B 76 10.72 -24.87 -31.28
C GLY B 76 11.48 -25.86 -30.40
N VAL B 77 11.58 -25.60 -29.10
CA VAL B 77 12.22 -26.56 -28.22
C VAL B 77 11.18 -27.56 -27.73
N GLN B 78 11.62 -28.68 -27.18
CA GLN B 78 10.69 -29.62 -26.55
C GLN B 78 10.13 -29.04 -25.24
N VAL B 79 8.81 -29.14 -25.06
CA VAL B 79 8.16 -28.68 -23.83
C VAL B 79 7.24 -29.77 -23.28
N TYR B 80 7.37 -30.04 -21.98
CA TYR B 80 6.47 -30.94 -21.26
C TYR B 80 5.72 -30.20 -20.18
N THR B 81 4.40 -30.35 -20.15
CA THR B 81 3.61 -29.76 -19.09
C THR B 81 3.07 -30.81 -18.12
N PHE B 82 3.05 -30.48 -16.83
CA PHE B 82 2.49 -31.34 -15.80
C PHE B 82 1.75 -30.51 -14.77
N ALA B 83 0.49 -30.86 -14.51
CA ALA B 83 -0.23 -30.32 -13.39
C ALA B 83 -0.04 -31.25 -12.21
N LEU B 84 0.42 -30.71 -11.09
CA LEU B 84 0.55 -31.47 -9.86
C LEU B 84 0.76 -30.51 -8.69
N ASP B 85 0.55 -31.02 -7.48
CA ASP B 85 0.93 -30.28 -6.29
C ASP B 85 2.37 -30.69 -5.94
N VAL B 86 3.25 -29.69 -5.85
CA VAL B 86 4.66 -29.92 -5.56
C VAL B 86 4.90 -30.61 -4.20
N ASN B 87 3.91 -30.57 -3.32
CA ASN B 87 3.99 -31.29 -2.04
C ASN B 87 3.54 -32.73 -2.13
N ASP B 88 3.01 -33.10 -3.29
CA ASP B 88 2.58 -34.48 -3.48
C ASP B 88 3.75 -35.23 -4.07
N ARG B 89 4.46 -35.97 -3.21
CA ARG B 89 5.69 -36.66 -3.63
C ARG B 89 5.42 -37.68 -4.71
N SER B 90 4.37 -38.45 -4.54
CA SER B 90 4.04 -39.50 -5.49
C SER B 90 3.70 -38.91 -6.86
N ALA B 91 3.10 -37.72 -6.86
CA ALA B 91 2.81 -37.01 -8.09
C ALA B 91 4.10 -36.59 -8.81
N VAL B 92 5.06 -36.08 -8.05
CA VAL B 92 6.35 -35.68 -8.63
C VAL B 92 7.10 -36.89 -9.20
N LYS B 93 7.13 -37.96 -8.42
CA LYS B 93 7.73 -39.22 -8.81
C LYS B 93 7.04 -39.76 -10.07
N ASP B 94 5.72 -39.72 -10.10
CA ASP B 94 4.98 -40.16 -11.29
C ASP B 94 5.31 -39.28 -12.51
N LEU B 96 8.30 -37.83 -13.00
CA LEU B 96 9.63 -38.23 -13.43
C LEU B 96 9.65 -39.57 -14.20
N SER B 97 8.88 -40.54 -13.70
CA SER B 97 8.72 -41.85 -14.36
C SER B 97 8.18 -41.70 -15.77
N SER B 98 7.21 -40.80 -15.89
CA SER B 98 6.60 -40.52 -17.18
C SER B 98 7.68 -39.95 -18.12
N LEU B 99 8.51 -39.05 -17.62
CA LEU B 99 9.60 -38.51 -18.42
C LEU B 99 10.64 -39.56 -18.79
N GLU B 100 11.08 -40.34 -17.80
CA GLU B 100 12.03 -41.44 -18.05
C GLU B 100 11.54 -42.38 -19.15
N ALA B 101 10.24 -42.68 -19.17
CA ALA B 101 9.66 -43.57 -20.19
C ALA B 101 9.68 -42.94 -21.59
N GLU B 102 9.78 -41.61 -21.66
CA GLU B 102 9.88 -40.94 -22.94
C GLU B 102 11.36 -40.67 -23.28
N GLY B 103 12.26 -41.26 -22.49
CA GLY B 103 13.69 -41.15 -22.70
C GLY B 103 14.36 -39.86 -22.25
N VAL B 104 13.66 -39.11 -21.38
CA VAL B 104 14.10 -37.79 -20.94
C VAL B 104 14.83 -37.77 -19.60
N THR B 105 15.99 -37.11 -19.55
CA THR B 105 16.67 -36.90 -18.28
C THR B 105 16.76 -35.42 -17.96
N ILE B 106 16.25 -35.03 -16.79
CA ILE B 106 16.38 -33.65 -16.32
C ILE B 106 17.85 -33.28 -16.04
N ASP B 107 18.29 -32.15 -16.57
CA ASP B 107 19.63 -31.61 -16.30
C ASP B 107 19.68 -30.61 -15.15
N VAL B 108 18.67 -29.74 -15.09
CA VAL B 108 18.60 -28.70 -14.08
C VAL B 108 17.19 -28.63 -13.50
N LEU B 109 17.10 -28.66 -12.19
CA LEU B 109 15.85 -28.38 -11.49
C LEU B 109 15.84 -26.95 -10.98
N ILE B 110 14.83 -26.19 -11.36
CA ILE B 110 14.64 -24.87 -10.78
C ILE B 110 13.41 -24.84 -9.87
N ASN B 111 13.68 -24.84 -8.58
CA ASN B 111 12.67 -24.80 -7.54
C ASN B 111 12.19 -23.39 -7.35
N ASN B 112 11.03 -23.10 -7.92
CA ASN B 112 10.51 -21.77 -7.95
C ASN B 112 9.08 -21.71 -7.38
N ALA B 113 8.71 -22.72 -6.63
CA ALA B 113 7.38 -22.69 -6.04
C ALA B 113 7.41 -21.80 -4.80
N GLY B 114 6.42 -20.93 -4.67
CA GLY B 114 6.41 -19.99 -3.57
C GLY B 114 5.10 -19.26 -3.37
N VAL B 115 4.59 -19.31 -2.13
CA VAL B 115 3.42 -18.54 -1.76
C VAL B 115 3.74 -17.71 -0.52
N SER B 116 3.01 -16.62 -0.32
CA SER B 116 3.22 -15.79 0.86
C SER B 116 1.90 -15.17 1.29
N ASP B 117 1.97 -14.19 2.17
CA ASP B 117 0.78 -13.53 2.64
C ASP B 117 1.22 -12.28 3.36
N THR B 118 0.28 -11.48 3.84
CA THR B 118 0.61 -10.34 4.69
C THR B 118 -0.34 -10.34 5.87
N LYS B 119 0.21 -10.68 7.03
CA LYS B 119 -0.55 -10.74 8.27
C LYS B 119 0.38 -10.35 9.39
N ARG B 120 -0.16 -9.71 10.42
CA ARG B 120 0.58 -9.43 11.65
C ARG B 120 1.07 -10.74 12.22
N PHE B 121 2.17 -10.71 12.96
CA PHE B 121 2.74 -11.93 13.51
C PHE B 121 1.72 -12.84 14.23
N LEU B 122 0.84 -12.25 15.05
CA LEU B 122 -0.11 -13.04 15.86
C LEU B 122 -1.33 -13.53 15.13
N ASP B 123 -1.53 -13.07 13.90
CA ASP B 123 -2.72 -13.41 13.12
C ASP B 123 -2.52 -14.62 12.20
N TYR B 124 -1.27 -15.01 11.97
CA TYR B 124 -1.00 -16.20 11.16
C TYR B 124 -1.50 -17.44 11.90
N ASN B 125 -2.22 -18.32 11.21
CA ASN B 125 -2.70 -19.54 11.84
C ASN B 125 -1.97 -20.78 11.32
N ASP B 126 -2.29 -21.92 11.90
CA ASP B 126 -1.66 -23.18 11.52
C ASP B 126 -1.86 -23.47 10.05
N GLU B 127 -3.02 -23.09 9.52
CA GLU B 127 -3.32 -23.31 8.12
C GLU B 127 -2.42 -22.42 7.22
N ASP B 128 -2.24 -21.16 7.60
CA ASP B 128 -1.31 -20.26 6.91
C ASP B 128 0.09 -20.85 6.94
N TRP B 129 0.53 -21.29 8.12
CA TRP B 129 1.86 -21.87 8.29
C TRP B 129 2.10 -23.07 7.35
N ASP B 130 1.23 -24.07 7.42
CA ASP B 130 1.39 -25.27 6.59
C ASP B 130 1.52 -24.90 5.11
N LYS B 131 0.64 -24.03 4.64
CA LYS B 131 0.66 -23.58 3.24
C LYS B 131 1.98 -22.91 2.87
N ILE B 132 2.42 -21.95 3.68
CA ILE B 132 3.62 -21.18 3.34
C ILE B 132 4.90 -22.00 3.48
N VAL B 133 5.01 -22.70 4.61
CA VAL B 133 6.20 -23.45 4.94
C VAL B 133 6.31 -24.73 4.09
N ASP B 134 5.19 -25.42 3.87
CA ASP B 134 5.24 -26.62 3.03
C ASP B 134 5.55 -26.25 1.57
N THR B 135 4.96 -25.18 1.07
CA THR B 135 5.22 -24.75 -0.30
C THR B 135 6.64 -24.22 -0.51
N ASN B 136 7.15 -23.42 0.41
CA ASN B 136 8.45 -22.75 0.25
C ASN B 136 9.69 -23.56 0.66
N LEU B 137 9.49 -24.56 1.50
CA LEU B 137 10.60 -25.28 2.09
C LEU B 137 10.49 -26.79 1.91
N LYS B 138 9.36 -27.38 2.30
CA LYS B 138 9.18 -28.82 2.16
C LYS B 138 9.12 -29.29 0.70
N ALA B 139 8.34 -28.60 -0.12
CA ALA B 139 8.20 -28.96 -1.53
C ALA B 139 9.53 -28.94 -2.33
N PRO B 140 10.33 -27.85 -2.25
CA PRO B 140 11.64 -27.88 -2.94
C PRO B 140 12.50 -29.06 -2.48
N TRP B 141 12.43 -29.37 -1.18
CA TRP B 141 13.15 -30.50 -0.63
C TRP B 141 12.71 -31.84 -1.24
N GLN B 142 11.40 -32.10 -1.23
CA GLN B 142 10.85 -33.30 -1.85
C GLN B 142 11.23 -33.37 -3.31
N CYS B 143 11.03 -32.26 -4.03
CA CYS B 143 11.33 -32.22 -5.46
C CYS B 143 12.81 -32.48 -5.73
N ALA B 144 13.68 -31.86 -4.94
CA ALA B 144 15.11 -32.11 -5.06
C ALA B 144 15.44 -33.60 -4.82
N GLN B 145 14.88 -34.17 -3.76
CA GLN B 145 15.13 -35.57 -3.50
C GLN B 145 14.79 -36.46 -4.71
N GLU B 146 13.58 -36.30 -5.25
CA GLU B 146 13.13 -37.14 -6.37
C GLU B 146 13.92 -36.87 -7.66
N VAL B 147 14.17 -35.60 -7.97
CA VAL B 147 14.93 -35.28 -9.18
C VAL B 147 16.35 -35.84 -9.11
N VAL B 148 16.95 -35.72 -7.92
CA VAL B 148 18.28 -36.26 -7.68
C VAL B 148 18.33 -37.79 -7.88
N GLN B 149 17.32 -38.51 -7.41
CA GLN B 149 17.24 -39.97 -7.60
C GLN B 149 17.29 -40.25 -9.08
N HIS B 150 16.46 -39.50 -9.80
CA HIS B 150 16.35 -39.56 -11.26
C HIS B 150 17.67 -39.21 -11.95
N ILE B 152 20.76 -39.37 -10.70
CA ILE B 152 21.72 -40.39 -10.30
C ILE B 152 21.59 -41.67 -11.12
N LYS B 153 20.36 -42.14 -11.29
CA LYS B 153 20.09 -43.35 -12.09
C LYS B 153 20.58 -43.23 -13.53
N ALA B 154 20.49 -42.02 -14.08
CA ALA B 154 20.90 -41.74 -15.45
C ALA B 154 22.36 -41.32 -15.53
N GLU B 155 23.02 -41.33 -14.37
CA GLU B 155 24.40 -40.89 -14.20
C GLU B 155 24.59 -39.50 -14.77
N ARG B 156 23.76 -38.57 -14.33
CA ARG B 156 23.79 -37.23 -14.90
C ARG B 156 24.21 -36.29 -13.81
N LYS B 157 25.25 -35.52 -14.08
CA LYS B 157 25.78 -34.65 -13.05
C LYS B 157 25.18 -33.27 -13.17
N GLY B 158 23.92 -33.15 -12.76
CA GLY B 158 23.17 -31.95 -13.01
C GLY B 158 23.30 -30.87 -11.95
N SER B 159 22.35 -29.96 -11.98
CA SER B 159 22.37 -28.80 -11.12
C SER B 159 21.01 -28.56 -10.50
N ILE B 160 21.01 -28.01 -9.31
CA ILE B 160 19.77 -27.62 -8.69
C ILE B 160 19.87 -26.16 -8.30
N ILE B 161 18.81 -25.42 -8.62
CA ILE B 161 18.73 -24.00 -8.26
C ILE B 161 17.49 -23.74 -7.41
N ASN B 162 17.71 -23.24 -6.20
CA ASN B 162 16.60 -22.86 -5.33
C ASN B 162 16.31 -21.37 -5.39
N ILE B 163 15.09 -20.99 -5.73
CA ILE B 163 14.75 -19.59 -5.64
C ILE B 163 14.38 -19.29 -4.20
N THR B 164 15.24 -18.58 -3.50
CA THR B 164 14.95 -18.16 -2.16
C THR B 164 14.39 -16.73 -2.17
N SER B 165 15.10 -15.79 -1.57
CA SER B 165 14.63 -14.42 -1.37
C SER B 165 15.61 -13.72 -0.46
N ILE B 166 15.73 -12.41 -0.54
CA ILE B 166 16.56 -11.72 0.45
C ILE B 166 16.00 -11.81 1.86
N LEU B 167 14.72 -12.15 1.94
CA LEU B 167 14.07 -12.37 3.22
C LEU B 167 14.53 -13.64 3.91
N SER B 168 15.43 -14.39 3.26
CA SER B 168 16.07 -15.54 3.91
C SER B 168 17.08 -15.06 4.95
N GLN B 169 17.53 -13.81 4.80
CA GLN B 169 18.44 -13.20 5.78
C GLN B 169 18.00 -11.84 6.29
N SER B 170 17.27 -11.08 5.46
CA SER B 170 16.75 -9.79 5.88
C SER B 170 15.36 -10.00 6.43
N THR B 171 14.82 -9.02 7.13
CA THR B 171 13.46 -9.16 7.64
C THR B 171 12.52 -8.13 7.05
N ASN B 172 11.24 -8.45 7.10
CA ASN B 172 10.22 -7.45 6.90
C ASN B 172 8.99 -7.81 7.71
N LEU B 173 8.06 -6.87 7.77
CA LEU B 173 6.87 -7.02 8.60
C LEU B 173 5.80 -7.76 7.82
N GLY B 174 5.02 -8.58 8.55
CA GLY B 174 3.86 -9.25 7.99
C GLY B 174 4.16 -10.53 7.20
N VAL B 175 5.37 -11.05 7.27
CA VAL B 175 5.71 -12.18 6.42
C VAL B 175 6.55 -13.22 7.21
N SER B 176 6.25 -13.38 8.49
N SER B 176 6.21 -13.39 8.48
CA SER B 176 7.06 -14.26 9.34
CA SER B 176 6.98 -14.26 9.38
C SER B 176 7.27 -15.73 8.89
C SER B 176 7.26 -15.70 8.90
N PRO B 177 6.20 -16.46 8.52
CA PRO B 177 6.47 -17.85 8.11
C PRO B 177 7.29 -17.93 6.82
N TYR B 178 7.08 -16.96 5.94
CA TYR B 178 7.84 -16.84 4.71
C TYR B 178 9.32 -16.67 5.00
N CYS B 179 9.64 -15.75 5.92
CA CYS B 179 11.03 -15.52 6.32
C CYS B 179 11.62 -16.80 6.90
N ALA B 180 10.86 -17.46 7.76
CA ALA B 180 11.31 -18.70 8.39
C ALA B 180 11.63 -19.75 7.32
N SER B 181 10.70 -19.90 6.38
CA SER B 181 10.83 -20.93 5.37
C SER B 181 12.01 -20.66 4.42
N LYS B 182 12.19 -19.40 4.04
CA LYS B 182 13.26 -19.01 3.12
C LYS B 182 14.62 -19.22 3.72
N ALA B 183 14.75 -18.87 4.99
CA ALA B 183 15.98 -19.09 5.73
C ALA B 183 16.29 -20.58 5.82
N GLY B 184 15.24 -21.39 6.05
CA GLY B 184 15.39 -22.83 6.05
C GLY B 184 15.93 -23.37 4.72
N LEU B 185 15.35 -22.88 3.62
CA LEU B 185 15.74 -23.33 2.28
C LEU B 185 17.19 -22.91 1.94
N ARG B 186 17.58 -21.72 2.41
CA ARG B 186 18.96 -21.23 2.20
C ARG B 186 19.97 -22.16 2.87
N HIS B 187 19.71 -22.53 4.13
CA HIS B 187 20.65 -23.39 4.82
C HIS B 187 20.54 -24.80 4.25
N LEU B 188 19.35 -25.18 3.79
CA LEU B 188 19.17 -26.50 3.22
C LEU B 188 20.02 -26.61 1.97
N THR B 189 20.06 -25.52 1.22
CA THR B 189 20.89 -25.42 0.03
C THR B 189 22.34 -25.75 0.32
N GLU B 190 22.87 -25.17 1.38
CA GLU B 190 24.25 -25.44 1.77
C GLU B 190 24.45 -26.91 2.14
N VAL B 191 23.54 -27.43 2.95
CA VAL B 191 23.63 -28.81 3.38
C VAL B 191 23.48 -29.79 2.21
N ALA B 193 24.28 -29.18 -0.86
CA ALA B 193 25.50 -29.11 -1.66
C ALA B 193 26.56 -30.02 -1.08
N VAL B 194 26.68 -30.00 0.25
CA VAL B 194 27.66 -30.86 0.92
C VAL B 194 27.30 -32.34 0.71
N GLU B 195 26.02 -32.69 0.85
CA GLU B 195 25.62 -34.10 0.77
C GLU B 195 25.52 -34.63 -0.66
N LEU B 196 25.39 -33.74 -1.66
CA LEU B 196 25.20 -34.22 -3.02
C LEU B 196 26.43 -34.09 -3.93
N ALA B 197 27.49 -33.45 -3.42
CA ALA B 197 28.73 -33.30 -4.22
C ALA B 197 29.24 -34.65 -4.72
N ARG B 198 29.04 -35.69 -3.93
CA ARG B 198 29.49 -37.04 -4.29
C ARG B 198 28.79 -37.59 -5.56
N PHE B 199 27.67 -37.01 -5.93
CA PHE B 199 26.96 -37.40 -7.13
C PHE B 199 27.24 -36.39 -8.24
N GLY B 200 28.16 -35.46 -7.99
CA GLY B 200 28.53 -34.49 -8.99
C GLY B 200 27.44 -33.46 -9.26
N ILE B 201 26.52 -33.33 -8.30
CA ILE B 201 25.39 -32.41 -8.43
C ILE B 201 25.62 -31.19 -7.56
N ASN B 202 25.69 -30.01 -8.18
CA ASN B 202 25.83 -28.78 -7.40
C ASN B 202 24.47 -28.16 -7.11
N VAL B 203 24.41 -27.51 -5.97
CA VAL B 203 23.15 -26.99 -5.46
C VAL B 203 23.38 -25.56 -4.99
N ASN B 204 22.64 -24.65 -5.59
CA ASN B 204 22.80 -23.22 -5.29
C ASN B 204 21.48 -22.50 -5.22
N ALA B 205 21.52 -21.29 -4.69
CA ALA B 205 20.32 -20.51 -4.55
C ALA B 205 20.46 -19.16 -5.23
N ILE B 206 19.34 -18.62 -5.71
CA ILE B 206 19.29 -17.23 -6.13
C ILE B 206 18.25 -16.53 -5.25
N ALA B 207 18.62 -15.38 -4.69
CA ALA B 207 17.75 -14.64 -3.76
C ALA B 207 17.31 -13.28 -4.32
N PRO B 208 16.14 -13.23 -4.96
CA PRO B 208 15.71 -11.93 -5.47
C PRO B 208 15.26 -10.98 -4.35
N GLY B 209 15.43 -9.67 -4.60
CA GLY B 209 14.79 -8.65 -3.79
C GLY B 209 13.34 -8.51 -4.19
N TYR B 210 12.73 -7.37 -3.93
CA TYR B 210 11.32 -7.19 -4.30
C TYR B 210 11.16 -7.01 -5.78
N ILE B 212 8.75 -6.44 -9.08
CA ILE B 212 7.51 -5.79 -9.42
C ILE B 212 6.49 -6.72 -10.13
N THR B 213 5.53 -7.22 -9.34
CA THR B 213 4.54 -8.18 -9.82
C THR B 213 3.13 -7.71 -9.44
N GLU B 214 2.11 -8.49 -9.79
CA GLU B 214 0.71 -8.08 -9.59
C GLU B 214 0.15 -8.48 -8.25
N ILE B 215 0.81 -9.45 -7.60
CA ILE B 215 0.41 -9.91 -6.30
C ILE B 215 0.73 -8.85 -5.23
N ASN B 216 1.67 -7.97 -5.57
CA ASN B 216 2.05 -6.85 -4.70
C ASN B 216 2.07 -5.52 -5.44
N GLU B 217 1.14 -5.35 -6.37
CA GLU B 217 1.04 -4.15 -7.18
C GLU B 217 0.60 -2.94 -6.38
N GLU B 218 -0.39 -3.17 -5.51
CA GLU B 218 -0.94 -2.12 -4.67
C GLU B 218 0.12 -1.62 -3.71
N TYR B 219 0.79 -2.59 -3.09
CA TYR B 219 1.86 -2.34 -2.12
C TYR B 219 3.02 -1.49 -2.64
N LEU B 220 3.54 -1.83 -3.82
CA LEU B 220 4.77 -1.19 -4.33
C LEU B 220 4.54 0.19 -4.93
N THR B 221 3.44 0.35 -5.66
CA THR B 221 3.16 1.62 -6.35
C THR B 221 2.55 2.63 -5.37
N SER B 222 2.27 2.18 -4.15
CA SER B 222 1.71 3.07 -3.14
C SER B 222 2.77 4.06 -2.69
N GLU B 223 2.42 4.94 -1.78
CA GLU B 223 3.38 5.91 -1.28
C GLU B 223 4.30 5.31 -0.23
N VAL B 224 3.75 4.43 0.61
CA VAL B 224 4.53 3.76 1.63
C VAL B 224 5.63 2.86 1.05
N GLY B 225 5.32 2.19 -0.07
CA GLY B 225 6.27 1.33 -0.74
C GLY B 225 7.24 2.13 -1.58
N GLN B 226 6.80 3.32 -1.97
CA GLN B 226 7.63 4.21 -2.77
C GLN B 226 8.78 4.75 -1.93
N GLN B 227 8.59 4.74 -0.60
CA GLN B 227 9.68 5.13 0.28
C GLN B 227 10.76 4.07 0.30
N LEU B 228 10.39 2.82 0.04
CA LEU B 228 11.38 1.75 -0.07
C LEU B 228 12.35 2.04 -1.18
N LEU B 229 11.83 2.50 -2.31
CA LEU B 229 12.65 2.83 -3.45
C LEU B 229 13.81 3.74 -3.05
N LYS B 230 13.53 4.72 -2.19
CA LYS B 230 14.56 5.65 -1.75
C LYS B 230 15.59 5.06 -0.78
N LYS B 231 15.29 3.89 -0.21
CA LYS B 231 16.26 3.18 0.64
C LYS B 231 17.16 2.25 -0.17
N ILE B 232 16.61 1.67 -1.25
CA ILE B 232 17.37 0.78 -2.13
C ILE B 232 18.42 1.56 -2.94
N PRO B 233 19.70 1.14 -2.85
CA PRO B 233 20.79 1.91 -3.48
C PRO B 233 20.60 2.18 -4.96
N THR B 234 20.13 1.21 -5.75
CA THR B 234 19.90 1.47 -7.17
C THR B 234 18.63 2.28 -7.44
N ARG B 235 17.84 2.53 -6.40
CA ARG B 235 16.53 3.21 -6.51
C ARG B 235 15.56 2.53 -7.48
N LYS B 236 15.71 1.22 -7.66
CA LYS B 236 14.89 0.43 -8.56
C LYS B 236 14.53 -0.89 -7.92
N PHE B 237 13.29 -1.34 -8.11
CA PHE B 237 12.93 -2.70 -7.74
C PHE B 237 13.53 -3.68 -8.76
N VAL B 238 13.50 -4.97 -8.41
CA VAL B 238 14.10 -6.01 -9.24
C VAL B 238 13.24 -6.33 -10.46
N GLU B 239 13.89 -6.31 -11.63
CA GLU B 239 13.30 -6.71 -12.90
C GLU B 239 13.69 -8.18 -13.17
N PHE B 240 12.82 -8.92 -13.86
CA PHE B 240 13.05 -10.34 -14.14
C PHE B 240 14.38 -10.59 -14.82
N ASP B 241 14.71 -9.73 -15.77
CA ASP B 241 15.98 -9.79 -16.52
C ASP B 241 17.23 -9.75 -15.62
N ASP B 242 17.14 -9.14 -14.44
CA ASP B 242 18.26 -9.06 -13.50
C ASP B 242 18.68 -10.49 -13.06
N LEU B 243 17.76 -11.44 -13.20
CA LEU B 243 17.97 -12.82 -12.74
C LEU B 243 18.64 -13.68 -13.81
N ASN B 244 18.59 -13.22 -15.05
CA ASN B 244 19.09 -13.99 -16.20
C ASN B 244 20.52 -14.47 -16.04
N GLY B 245 21.39 -13.55 -15.65
CA GLY B 245 22.79 -13.88 -15.48
C GLY B 245 23.02 -15.00 -14.49
N PRO B 246 22.58 -14.82 -13.24
CA PRO B 246 22.76 -15.90 -12.25
C PRO B 246 22.09 -17.22 -12.65
N LEU B 247 20.93 -17.14 -13.31
CA LEU B 247 20.24 -18.35 -13.74
C LEU B 247 21.09 -19.16 -14.70
N LEU B 248 21.68 -18.49 -15.68
CA LEU B 248 22.51 -19.17 -16.68
C LEU B 248 23.83 -19.69 -16.07
N LEU B 249 24.42 -18.90 -15.18
CA LEU B 249 25.61 -19.32 -14.46
C LEU B 249 25.37 -20.64 -13.70
N LEU B 250 24.30 -20.67 -12.89
CA LEU B 250 24.10 -21.79 -11.97
C LEU B 250 23.54 -23.01 -12.67
N ALA B 251 23.10 -22.85 -13.90
CA ALA B 251 22.53 -23.96 -14.66
C ALA B 251 23.49 -24.55 -15.67
N SER B 252 24.67 -23.93 -15.84
CA SER B 252 25.60 -24.37 -16.89
C SER B 252 26.97 -24.78 -16.36
N GLN B 253 27.84 -25.18 -17.28
CA GLN B 253 29.23 -25.48 -16.95
C GLN B 253 29.95 -24.32 -16.27
N ALA B 254 29.57 -23.10 -16.61
CA ALA B 254 30.18 -21.92 -16.02
C ALA B 254 30.11 -21.98 -14.50
N GLY B 255 29.06 -22.64 -14.00
CA GLY B 255 28.88 -22.70 -12.57
C GLY B 255 29.30 -23.98 -11.88
N GLN B 256 29.96 -24.90 -12.59
CA GLN B 256 30.22 -26.21 -12.01
C GLN B 256 31.09 -26.27 -10.76
N GLY B 257 31.96 -25.29 -10.57
CA GLY B 257 32.82 -25.23 -9.40
C GLY B 257 32.17 -24.51 -8.22
N ILE B 258 30.90 -24.14 -8.39
CA ILE B 258 30.18 -23.39 -7.39
C ILE B 258 29.09 -24.25 -6.77
N THR B 259 29.14 -24.43 -5.47
CA THR B 259 28.08 -25.17 -4.81
C THR B 259 27.88 -24.68 -3.39
N GLY B 260 26.61 -24.62 -2.98
CA GLY B 260 26.28 -24.26 -1.63
C GLY B 260 26.17 -22.77 -1.36
N ILE B 261 25.92 -21.97 -2.40
CA ILE B 261 25.91 -20.53 -2.21
C ILE B 261 24.55 -19.94 -2.50
N GLU B 262 24.37 -18.71 -2.05
CA GLU B 262 23.19 -17.96 -2.40
C GLU B 262 23.59 -16.63 -3.05
N ILE B 263 23.20 -16.42 -4.30
CA ILE B 263 23.45 -15.17 -5.01
C ILE B 263 22.27 -14.20 -4.85
N LYS B 264 22.49 -13.09 -4.14
CA LYS B 264 21.42 -12.07 -3.96
C LYS B 264 21.35 -11.16 -5.18
N VAL B 265 20.13 -10.93 -5.68
CA VAL B 265 19.90 -10.01 -6.79
C VAL B 265 18.90 -8.96 -6.34
N ASP B 266 19.42 -7.83 -5.89
CA ASP B 266 18.56 -6.91 -5.15
C ASP B 266 18.95 -5.44 -5.26
N GLY B 267 19.90 -5.12 -6.15
CA GLY B 267 20.33 -3.74 -6.30
C GLY B 267 20.85 -3.13 -5.01
N GLY B 268 21.41 -3.98 -4.15
CA GLY B 268 21.98 -3.55 -2.90
C GLY B 268 20.95 -3.42 -1.78
N HIS B 269 19.71 -3.86 -2.03
CA HIS B 269 18.63 -3.70 -1.05
C HIS B 269 19.06 -4.20 0.34
N SER B 270 19.62 -5.39 0.40
CA SER B 270 20.03 -6.01 1.66
C SER B 270 21.24 -5.32 2.32
N ALA B 271 21.98 -4.50 1.58
CA ALA B 271 23.14 -3.82 2.19
C ALA B 271 22.82 -2.41 2.66
N ALA B 272 21.63 -1.90 2.33
CA ALA B 272 21.25 -0.53 2.64
C ALA B 272 21.26 -0.28 4.16
N PRO B 273 21.56 0.96 4.57
CA PRO B 273 21.65 1.39 5.96
C PRO B 273 20.42 1.07 6.80
N ASN C 21 -36.34 -18.72 -4.31
CA ASN C 21 -36.47 -17.38 -3.72
C ASN C 21 -35.15 -16.61 -3.57
N ILE C 22 -34.95 -15.63 -4.44
CA ILE C 22 -33.71 -14.85 -4.44
C ILE C 22 -33.66 -13.84 -3.29
N PHE C 23 -34.80 -13.63 -2.63
CA PHE C 23 -34.89 -12.71 -1.49
C PHE C 23 -34.82 -13.41 -0.12
N ASP C 24 -34.36 -14.66 -0.14
CA ASP C 24 -34.27 -15.46 1.08
C ASP C 24 -33.35 -14.86 2.15
N VAL C 25 -33.89 -14.74 3.37
CA VAL C 25 -33.13 -14.30 4.53
C VAL C 25 -33.32 -15.30 5.67
N LYS C 26 -33.84 -16.47 5.34
CA LYS C 26 -34.14 -17.49 6.33
C LYS C 26 -32.90 -17.87 7.15
N ASP C 27 -33.06 -17.84 8.48
CA ASP C 27 -32.01 -18.23 9.42
C ASP C 27 -30.83 -17.26 9.55
N LYS C 28 -30.84 -16.18 8.77
CA LYS C 28 -29.80 -15.15 8.94
C LYS C 28 -29.94 -14.45 10.28
N TYR C 29 -28.86 -13.81 10.71
CA TYR C 29 -28.92 -12.96 11.88
C TYR C 29 -28.83 -11.50 11.45
N ILE C 30 -29.90 -10.76 11.73
CA ILE C 30 -30.00 -9.35 11.38
C ILE C 30 -29.85 -8.46 12.61
N LEU C 31 -28.83 -7.62 12.60
CA LEU C 31 -28.58 -6.69 13.69
C LEU C 31 -29.20 -5.32 13.41
N ILE C 32 -30.13 -4.91 14.29
CA ILE C 32 -30.87 -3.67 14.09
C ILE C 32 -30.67 -2.70 15.26
N THR C 33 -30.03 -1.57 14.97
CA THR C 33 -29.92 -0.49 15.94
C THR C 33 -31.19 0.35 15.91
N GLY C 34 -31.39 1.17 16.93
CA GLY C 34 -32.56 2.02 17.03
C GLY C 34 -33.84 1.18 17.07
N ALA C 35 -33.75 0.02 17.70
CA ALA C 35 -34.82 -0.98 17.65
C ALA C 35 -36.11 -0.60 18.39
N SER C 36 -36.05 0.44 19.22
CA SER C 36 -37.19 0.84 20.03
C SER C 36 -38.18 1.78 19.32
N SER C 37 -37.77 2.37 18.20
CA SER C 37 -38.66 3.22 17.42
C SER C 37 -39.74 2.41 16.70
N GLY C 38 -40.77 3.09 16.21
CA GLY C 38 -41.79 2.44 15.40
C GLY C 38 -41.16 1.76 14.20
N LEU C 39 -40.25 2.46 13.53
CA LEU C 39 -39.56 1.90 12.37
C LEU C 39 -38.73 0.67 12.78
N GLY C 40 -38.05 0.77 13.92
CA GLY C 40 -37.25 -0.32 14.42
C GLY C 40 -38.04 -1.60 14.66
N HIS C 41 -39.22 -1.46 15.26
CA HIS C 41 -40.10 -2.59 15.50
C HIS C 41 -40.48 -3.19 14.15
N HIS C 42 -40.84 -2.31 13.22
CA HIS C 42 -41.30 -2.75 11.91
C HIS C 42 -40.23 -3.56 11.20
N ILE C 43 -38.98 -3.08 11.22
CA ILE C 43 -37.90 -3.79 10.56
C ILE C 43 -37.73 -5.17 11.20
N ALA C 44 -37.69 -5.20 12.53
CA ALA C 44 -37.56 -6.44 13.29
C ALA C 44 -38.67 -7.43 12.94
N GLU C 45 -39.89 -6.91 12.88
CA GLU C 45 -41.06 -7.72 12.64
C GLU C 45 -41.04 -8.28 11.21
N LEU C 46 -40.60 -7.46 10.26
CA LEU C 46 -40.47 -7.86 8.88
C LEU C 46 -39.55 -9.06 8.70
N PHE C 47 -38.35 -8.96 9.26
CA PHE C 47 -37.32 -10.00 9.09
C PHE C 47 -37.66 -11.30 9.83
N ALA C 48 -38.29 -11.18 10.99
CA ALA C 48 -38.74 -12.36 11.74
C ALA C 48 -39.80 -13.09 10.92
N LYS C 49 -40.69 -12.30 10.30
CA LYS C 49 -41.74 -12.82 9.43
C LYS C 49 -41.10 -13.58 8.27
N GLU C 50 -39.95 -13.10 7.84
CA GLU C 50 -39.21 -13.74 6.76
C GLU C 50 -38.30 -14.83 7.27
N GLY C 51 -38.44 -15.20 8.54
CA GLY C 51 -37.72 -16.33 9.10
C GLY C 51 -36.29 -16.06 9.52
N ALA C 52 -35.95 -14.78 9.63
CA ALA C 52 -34.61 -14.41 10.04
C ALA C 52 -34.54 -14.25 11.53
N ASN C 53 -33.38 -14.55 12.12
CA ASN C 53 -33.15 -14.28 13.54
C ASN C 53 -32.81 -12.81 13.75
N ILE C 54 -33.17 -12.30 14.92
CA ILE C 54 -33.18 -10.87 15.16
C ILE C 54 -32.30 -10.51 16.36
N VAL C 55 -31.34 -9.61 16.15
CA VAL C 55 -30.59 -8.99 17.24
C VAL C 55 -30.93 -7.51 17.34
N ILE C 56 -31.59 -7.12 18.41
CA ILE C 56 -32.06 -5.75 18.54
C ILE C 56 -31.42 -4.96 19.67
N CYS C 57 -31.07 -3.71 19.41
CA CYS C 57 -30.62 -2.88 20.50
C CYS C 57 -31.16 -1.46 20.54
N ALA C 58 -31.26 -0.96 21.77
CA ALA C 58 -31.76 0.37 22.09
C ALA C 58 -31.27 0.70 23.49
N ARG C 59 -31.57 1.93 23.94
CA ARG C 59 -31.12 2.39 25.24
C ARG C 59 -31.79 1.64 26.39
N ARG C 60 -33.10 1.48 26.31
CA ARG C 60 -33.86 0.91 27.41
C ARG C 60 -34.34 -0.53 27.18
N LEU C 61 -33.84 -1.42 28.03
CA LEU C 61 -34.15 -2.84 27.96
C LEU C 61 -35.67 -3.07 27.99
N GLU C 62 -36.37 -2.21 28.74
CA GLU C 62 -37.81 -2.34 28.93
C GLU C 62 -38.58 -2.18 27.59
N ARG C 63 -38.09 -1.29 26.73
CA ARG C 63 -38.70 -1.11 25.42
C ARG C 63 -38.46 -2.30 24.48
N LEU C 64 -37.41 -3.07 24.75
CA LEU C 64 -37.02 -4.18 23.88
C LEU C 64 -37.72 -5.48 24.24
N LYS C 65 -38.11 -5.62 25.50
CA LYS C 65 -38.76 -6.83 26.00
C LYS C 65 -40.13 -6.98 25.35
N GLU C 66 -40.82 -5.86 25.18
CA GLU C 66 -42.11 -5.86 24.51
C GLU C 66 -41.96 -6.44 23.12
N LEU C 67 -40.98 -5.94 22.38
CA LEU C 67 -40.73 -6.40 21.03
C LEU C 67 -40.27 -7.86 21.00
N GLU C 68 -39.33 -8.20 21.88
CA GLU C 68 -38.78 -9.56 21.99
C GLU C 68 -39.88 -10.62 22.16
N SER C 69 -40.79 -10.35 23.09
CA SER C 69 -41.89 -11.28 23.39
C SER C 69 -42.81 -11.43 22.19
N HIS C 70 -43.16 -10.29 21.60
CA HIS C 70 -44.03 -10.25 20.44
C HIS C 70 -43.46 -11.06 19.28
N ILE C 71 -42.16 -10.92 19.03
CA ILE C 71 -41.50 -11.66 17.95
C ILE C 71 -41.35 -13.17 18.24
N LYS C 72 -40.91 -13.52 19.44
CA LYS C 72 -40.77 -14.93 19.81
C LYS C 72 -42.11 -15.67 19.72
N ASN C 73 -43.18 -15.02 20.17
CA ASN C 73 -44.51 -15.62 20.14
C ASN C 73 -45.08 -15.84 18.73
N GLU C 74 -44.96 -14.83 17.88
CA GLU C 74 -45.57 -14.88 16.56
C GLU C 74 -44.76 -15.68 15.54
N TYR C 75 -43.44 -15.59 15.61
CA TYR C 75 -42.60 -16.15 14.57
C TYR C 75 -41.65 -17.27 15.01
N GLY C 76 -41.40 -17.36 16.32
CA GLY C 76 -40.55 -18.39 16.86
C GLY C 76 -39.10 -18.38 16.40
N VAL C 77 -38.59 -17.21 16.02
CA VAL C 77 -37.18 -17.07 15.64
C VAL C 77 -36.33 -16.75 16.87
N GLN C 78 -35.00 -16.88 16.75
CA GLN C 78 -34.08 -16.43 17.81
C GLN C 78 -34.08 -14.91 17.91
N VAL C 79 -34.17 -14.40 19.13
CA VAL C 79 -34.08 -12.96 19.35
C VAL C 79 -33.08 -12.66 20.48
N TYR C 80 -32.12 -11.79 20.22
CA TYR C 80 -31.19 -11.32 21.26
C TYR C 80 -31.40 -9.84 21.49
N THR C 81 -31.56 -9.45 22.74
CA THR C 81 -31.74 -8.03 23.04
C THR C 81 -30.48 -7.48 23.72
N PHE C 82 -30.14 -6.22 23.41
CA PHE C 82 -29.02 -5.57 24.07
C PHE C 82 -29.36 -4.11 24.37
N ALA C 83 -29.24 -3.75 25.65
CA ALA C 83 -29.34 -2.37 26.07
C ALA C 83 -27.93 -1.81 26.04
N LEU C 84 -27.75 -0.73 25.29
CA LEU C 84 -26.46 -0.08 25.15
C LEU C 84 -26.72 1.27 24.48
N ASP C 85 -25.72 2.14 24.51
CA ASP C 85 -25.72 3.36 23.71
C ASP C 85 -25.01 3.05 22.39
N VAL C 86 -25.65 3.37 21.25
CA VAL C 86 -25.04 3.10 19.94
C VAL C 86 -23.71 3.84 19.75
N ASN C 87 -23.51 4.89 20.53
CA ASN C 87 -22.26 5.64 20.48
C ASN C 87 -21.15 5.10 21.38
N ASP C 88 -21.48 4.09 22.17
CA ASP C 88 -20.48 3.49 23.03
C ASP C 88 -19.86 2.36 22.24
N ARG C 89 -18.68 2.62 21.67
CA ARG C 89 -18.02 1.60 20.85
C ARG C 89 -17.73 0.35 21.67
N SER C 90 -17.29 0.51 22.92
CA SER C 90 -16.96 -0.68 23.71
C SER C 90 -18.18 -1.54 24.04
N ALA C 91 -19.33 -0.92 24.26
CA ALA C 91 -20.58 -1.66 24.50
C ALA C 91 -21.02 -2.44 23.24
N VAL C 92 -20.93 -1.78 22.08
CA VAL C 92 -21.25 -2.41 20.80
C VAL C 92 -20.33 -3.60 20.59
N LYS C 93 -19.05 -3.37 20.87
CA LYS C 93 -17.98 -4.35 20.80
C LYS C 93 -18.20 -5.56 21.73
N ASP C 94 -18.58 -5.31 22.99
CA ASP C 94 -18.86 -6.42 23.90
C ASP C 94 -20.07 -7.21 23.45
N LEU C 96 -20.93 -7.85 20.44
CA LEU C 96 -20.42 -8.74 19.40
C LEU C 96 -19.59 -9.92 19.95
N SER C 97 -18.72 -9.65 20.93
CA SER C 97 -17.95 -10.72 21.57
C SER C 97 -18.90 -11.73 22.17
N SER C 98 -19.97 -11.22 22.78
CA SER C 98 -20.99 -12.02 23.41
C SER C 98 -21.66 -12.94 22.41
N LEU C 99 -21.99 -12.40 21.24
CA LEU C 99 -22.61 -13.17 20.18
C LEU C 99 -21.66 -14.24 19.63
N GLU C 100 -20.42 -13.85 19.33
CA GLU C 100 -19.40 -14.78 18.85
C GLU C 100 -19.27 -15.98 19.78
N ALA C 101 -19.36 -15.72 21.08
CA ALA C 101 -19.22 -16.76 22.10
C ALA C 101 -20.39 -17.75 22.06
N GLU C 102 -21.51 -17.33 21.49
CA GLU C 102 -22.65 -18.24 21.34
C GLU C 102 -22.64 -18.86 19.94
N GLY C 103 -21.55 -18.61 19.21
CA GLY C 103 -21.39 -19.15 17.86
C GLY C 103 -22.21 -18.40 16.83
N VAL C 104 -22.66 -17.19 17.19
CA VAL C 104 -23.50 -16.40 16.30
C VAL C 104 -22.72 -15.34 15.51
N THR C 105 -22.92 -15.33 14.20
CA THR C 105 -22.35 -14.30 13.35
C THR C 105 -23.45 -13.51 12.64
N ILE C 106 -23.40 -12.20 12.79
CA ILE C 106 -24.32 -11.28 12.13
C ILE C 106 -24.11 -11.29 10.62
N ASP C 107 -25.19 -11.47 9.87
CA ASP C 107 -25.13 -11.43 8.41
C ASP C 107 -25.39 -10.04 7.84
N VAL C 108 -26.30 -9.30 8.46
CA VAL C 108 -26.68 -7.98 8.00
C VAL C 108 -26.70 -6.99 9.13
N LEU C 109 -26.03 -5.86 8.94
CA LEU C 109 -26.15 -4.73 9.85
C LEU C 109 -27.13 -3.71 9.28
N ILE C 110 -28.16 -3.39 10.05
CA ILE C 110 -29.05 -2.32 9.65
C ILE C 110 -28.89 -1.13 10.61
N ASN C 111 -28.22 -0.09 10.14
CA ASN C 111 -28.05 1.12 10.93
C ASN C 111 -29.29 1.97 10.87
N ASN C 112 -30.05 1.94 11.95
CA ASN C 112 -31.33 2.63 12.02
C ASN C 112 -31.37 3.55 13.24
N ALA C 113 -30.21 3.87 13.78
CA ALA C 113 -30.19 4.82 14.88
C ALA C 113 -30.31 6.20 14.26
N GLY C 114 -31.22 7.00 14.79
CA GLY C 114 -31.47 8.31 14.23
C GLY C 114 -32.35 9.18 15.08
N VAL C 115 -31.84 10.36 15.42
CA VAL C 115 -32.62 11.37 16.13
C VAL C 115 -32.56 12.70 15.38
N SER C 116 -33.54 13.55 15.63
CA SER C 116 -33.56 14.88 15.01
C SER C 116 -34.18 15.86 15.97
N ASP C 117 -34.51 17.03 15.45
CA ASP C 117 -35.09 18.10 16.25
C ASP C 117 -35.65 19.13 15.26
N THR C 118 -36.26 20.20 15.78
CA THR C 118 -36.68 21.31 14.94
C THR C 118 -36.30 22.63 15.56
N LYS C 119 -35.32 23.31 14.97
CA LYS C 119 -34.88 24.59 15.48
C LYS C 119 -34.45 25.44 14.30
N ARG C 120 -34.64 26.76 14.41
CA ARG C 120 -34.10 27.66 13.41
C ARG C 120 -32.59 27.46 13.34
N PHE C 121 -32.02 27.74 12.18
CA PHE C 121 -30.60 27.51 11.95
C PHE C 121 -29.68 28.09 13.03
N LEU C 122 -29.97 29.31 13.48
CA LEU C 122 -29.10 29.95 14.47
C LEU C 122 -29.37 29.53 15.92
N ASP C 123 -30.45 28.77 16.14
CA ASP C 123 -30.81 28.37 17.51
C ASP C 123 -30.23 27.01 17.91
N TYR C 124 -29.78 26.24 16.93
CA TYR C 124 -29.13 24.96 17.21
C TYR C 124 -27.80 25.18 17.92
N ASN C 125 -27.58 24.45 19.01
CA ASN C 125 -26.34 24.58 19.75
C ASN C 125 -25.40 23.37 19.66
N ASP C 126 -24.25 23.50 20.31
CA ASP C 126 -23.22 22.48 20.30
C ASP C 126 -23.73 21.14 20.85
N GLU C 127 -24.59 21.22 21.86
CA GLU C 127 -25.18 20.04 22.46
C GLU C 127 -26.13 19.38 21.46
N ASP C 128 -26.90 20.22 20.78
CA ASP C 128 -27.79 19.75 19.74
C ASP C 128 -27.01 19.06 18.63
N TRP C 129 -25.94 19.71 18.18
CA TRP C 129 -25.13 19.18 17.08
C TRP C 129 -24.57 17.81 17.42
N ASP C 130 -23.87 17.74 18.54
CA ASP C 130 -23.25 16.50 18.97
C ASP C 130 -24.26 15.35 19.06
N LYS C 131 -25.43 15.63 19.65
CA LYS C 131 -26.49 14.64 19.77
C LYS C 131 -26.91 14.10 18.40
N ILE C 132 -27.19 15.02 17.48
CA ILE C 132 -27.70 14.66 16.15
C ILE C 132 -26.65 14.03 15.21
N VAL C 133 -25.47 14.65 15.11
CA VAL C 133 -24.44 14.17 14.18
C VAL C 133 -23.76 12.89 14.68
N ASP C 134 -23.52 12.79 15.98
CA ASP C 134 -22.93 11.57 16.50
C ASP C 134 -23.89 10.38 16.33
N THR C 135 -25.17 10.58 16.62
CA THR C 135 -26.17 9.52 16.47
C THR C 135 -26.48 9.14 15.03
N ASN C 136 -26.61 10.14 14.17
CA ASN C 136 -27.02 9.90 12.80
C ASN C 136 -25.86 9.50 11.92
N LEU C 137 -24.65 9.88 12.31
CA LEU C 137 -23.50 9.67 11.43
C LEU C 137 -22.36 8.93 12.11
N LYS C 138 -21.92 9.39 13.26
CA LYS C 138 -20.80 8.73 13.94
C LYS C 138 -21.14 7.31 14.39
N ALA C 139 -22.29 7.15 15.02
CA ALA C 139 -22.72 5.84 15.51
C ALA C 139 -22.84 4.76 14.41
N PRO C 140 -23.53 5.06 13.29
CA PRO C 140 -23.51 4.02 12.24
C PRO C 140 -22.09 3.70 11.76
N TRP C 141 -21.21 4.71 11.69
CA TRP C 141 -19.82 4.45 11.30
C TRP C 141 -19.07 3.52 12.27
N GLN C 142 -19.16 3.83 13.57
CA GLN C 142 -18.61 2.98 14.61
C GLN C 142 -19.14 1.55 14.55
N CYS C 143 -20.46 1.42 14.47
CA CYS C 143 -21.12 0.10 14.42
C CYS C 143 -20.69 -0.71 13.21
N ALA C 144 -20.57 -0.03 12.07
CA ALA C 144 -20.11 -0.68 10.85
C ALA C 144 -18.71 -1.24 11.04
N GLN C 145 -17.82 -0.43 11.58
CA GLN C 145 -16.46 -0.90 11.86
C GLN C 145 -16.45 -2.16 12.73
N GLU C 146 -17.17 -2.12 13.84
CA GLU C 146 -17.17 -3.25 14.76
C GLU C 146 -17.81 -4.48 14.14
N VAL C 147 -18.94 -4.29 13.48
CA VAL C 147 -19.61 -5.40 12.82
C VAL C 147 -18.74 -6.00 11.72
N VAL C 148 -18.04 -5.14 10.96
CA VAL C 148 -17.14 -5.64 9.91
C VAL C 148 -15.99 -6.48 10.47
N GLN C 149 -15.35 -6.00 11.54
CA GLN C 149 -14.28 -6.76 12.21
C GLN C 149 -14.81 -8.11 12.68
N HIS C 150 -16.02 -8.08 13.21
CA HIS C 150 -16.72 -9.28 13.67
C HIS C 150 -16.92 -10.29 12.52
N ILE C 152 -15.36 -10.37 9.53
CA ILE C 152 -14.05 -10.80 9.00
C ILE C 152 -13.41 -11.94 9.79
N LYS C 153 -13.44 -11.82 11.12
CA LYS C 153 -12.92 -12.87 11.99
C LYS C 153 -13.65 -14.17 11.70
N ALA C 154 -14.91 -14.06 11.34
CA ALA C 154 -15.70 -15.25 11.03
C ALA C 154 -15.66 -15.58 9.54
N GLU C 155 -14.96 -14.74 8.77
CA GLU C 155 -14.91 -14.87 7.33
C GLU C 155 -16.30 -15.01 6.72
N ARG C 156 -17.15 -14.02 6.99
CA ARG C 156 -18.55 -14.00 6.56
C ARG C 156 -18.75 -12.82 5.63
N LYS C 157 -19.36 -13.07 4.48
CA LYS C 157 -19.55 -12.03 3.48
C LYS C 157 -20.95 -11.44 3.51
N GLY C 158 -21.18 -10.56 4.50
CA GLY C 158 -22.50 -10.00 4.76
C GLY C 158 -22.89 -8.68 4.10
N SER C 159 -23.89 -8.03 4.69
CA SER C 159 -24.46 -6.80 4.14
C SER C 159 -24.63 -5.71 5.20
N ILE C 160 -24.48 -4.47 4.77
CA ILE C 160 -24.75 -3.31 5.61
C ILE C 160 -25.78 -2.41 4.93
N ILE C 161 -26.79 -2.03 5.70
CA ILE C 161 -27.83 -1.16 5.22
C ILE C 161 -27.90 0.07 6.12
N ASN C 162 -27.63 1.24 5.55
CA ASN C 162 -27.72 2.50 6.28
C ASN C 162 -29.06 3.17 6.03
N ILE C 163 -29.84 3.39 7.07
CA ILE C 163 -31.06 4.14 6.87
C ILE C 163 -30.70 5.61 6.91
N THR C 164 -30.79 6.25 5.74
CA THR C 164 -30.53 7.68 5.67
C THR C 164 -31.83 8.45 5.76
N SER C 165 -32.17 9.13 4.67
CA SER C 165 -33.34 10.01 4.58
C SER C 165 -33.24 10.72 3.25
N ILE C 166 -34.37 11.07 2.65
CA ILE C 166 -34.29 11.89 1.44
C ILE C 166 -33.66 13.25 1.77
N LEU C 167 -33.61 13.58 3.06
CA LEU C 167 -32.97 14.82 3.50
C LEU C 167 -31.44 14.76 3.37
N SER C 168 -30.92 13.63 2.93
CA SER C 168 -29.51 13.52 2.65
C SER C 168 -29.13 14.28 1.38
N GLN C 169 -30.12 14.54 0.52
CA GLN C 169 -29.91 15.34 -0.69
C GLN C 169 -30.91 16.50 -0.86
N SER C 170 -32.09 16.35 -0.27
CA SER C 170 -33.12 17.41 -0.32
C SER C 170 -32.98 18.27 0.91
N THR C 171 -33.61 19.43 0.90
CA THR C 171 -33.54 20.30 2.06
C THR C 171 -34.91 20.47 2.69
N ASN C 172 -34.90 20.85 3.95
CA ASN C 172 -36.11 21.32 4.60
C ASN C 172 -35.72 22.33 5.66
N LEU C 173 -36.71 22.96 6.27
CA LEU C 173 -36.41 23.99 7.28
C LEU C 173 -36.29 23.39 8.67
N GLY C 174 -35.39 23.94 9.47
CA GLY C 174 -35.33 23.60 10.87
C GLY C 174 -34.61 22.30 11.20
N VAL C 175 -33.89 21.74 10.25
CA VAL C 175 -33.28 20.43 10.46
C VAL C 175 -31.85 20.35 9.96
N SER C 176 -31.12 21.46 10.06
N SER C 176 -31.12 21.46 10.06
CA SER C 176 -29.78 21.56 9.49
CA SER C 176 -29.77 21.55 9.48
C SER C 176 -28.74 20.50 9.92
C SER C 176 -28.80 20.45 9.91
N PRO C 177 -28.61 20.24 11.23
CA PRO C 177 -27.62 19.20 11.60
C PRO C 177 -27.98 17.81 11.09
N TYR C 178 -29.28 17.51 11.10
CA TYR C 178 -29.82 16.27 10.56
C TYR C 178 -29.49 16.12 9.07
N CYS C 179 -29.75 17.18 8.29
CA CYS C 179 -29.41 17.16 6.87
C CYS C 179 -27.93 16.93 6.64
N ALA C 180 -27.11 17.65 7.42
CA ALA C 180 -25.67 17.53 7.28
C ALA C 180 -25.23 16.09 7.54
N SER C 181 -25.75 15.52 8.63
CA SER C 181 -25.36 14.19 9.06
C SER C 181 -25.83 13.13 8.08
N LYS C 182 -27.04 13.31 7.55
CA LYS C 182 -27.58 12.37 6.56
C LYS C 182 -26.80 12.37 5.23
N ALA C 183 -26.42 13.55 4.73
CA ALA C 183 -25.57 13.62 3.53
C ALA C 183 -24.21 12.99 3.82
N GLY C 184 -23.72 13.22 5.04
CA GLY C 184 -22.48 12.58 5.45
C GLY C 184 -22.61 11.07 5.36
N LEU C 185 -23.71 10.53 5.90
CA LEU C 185 -23.91 9.09 5.93
C LEU C 185 -24.10 8.53 4.51
N ARG C 186 -24.78 9.28 3.65
CA ARG C 186 -24.98 8.86 2.26
C ARG C 186 -23.65 8.68 1.52
N HIS C 187 -22.79 9.67 1.62
CA HIS C 187 -21.51 9.58 0.93
C HIS C 187 -20.59 8.57 1.62
N LEU C 188 -20.71 8.45 2.94
CA LEU C 188 -19.93 7.46 3.67
C LEU C 188 -20.35 6.06 3.20
N THR C 189 -21.62 5.89 2.91
CA THR C 189 -22.10 4.64 2.33
C THR C 189 -21.32 4.30 1.05
N GLU C 190 -21.14 5.28 0.18
CA GLU C 190 -20.44 5.07 -1.07
C GLU C 190 -18.99 4.66 -0.84
N VAL C 191 -18.30 5.39 0.03
CA VAL C 191 -16.90 5.13 0.31
C VAL C 191 -16.71 3.75 0.97
N ALA C 193 -18.56 1.15 0.62
CA ALA C 193 -18.81 0.10 -0.36
C ALA C 193 -17.54 -0.22 -1.11
N VAL C 194 -16.80 0.83 -1.50
CA VAL C 194 -15.53 0.70 -2.20
C VAL C 194 -14.46 0.06 -1.31
N GLU C 195 -14.40 0.50 -0.05
CA GLU C 195 -13.37 0.03 0.85
C GLU C 195 -13.65 -1.36 1.45
N LEU C 196 -14.91 -1.77 1.46
CA LEU C 196 -15.26 -3.06 2.07
C LEU C 196 -15.54 -4.16 1.05
N ALA C 197 -15.51 -3.78 -0.22
CA ALA C 197 -15.74 -4.74 -1.30
C ALA C 197 -14.78 -5.92 -1.23
N ARG C 198 -13.56 -5.67 -0.77
CA ARG C 198 -12.55 -6.71 -0.66
C ARG C 198 -12.90 -7.80 0.38
N PHE C 199 -13.82 -7.50 1.28
CA PHE C 199 -14.25 -8.47 2.27
C PHE C 199 -15.56 -9.10 1.86
N GLY C 200 -16.03 -8.75 0.68
CA GLY C 200 -17.29 -9.29 0.19
C GLY C 200 -18.47 -8.69 0.91
N ILE C 201 -18.28 -7.51 1.50
CA ILE C 201 -19.34 -6.89 2.26
C ILE C 201 -19.92 -5.74 1.43
N ASN C 202 -21.19 -5.83 1.07
CA ASN C 202 -21.80 -4.74 0.30
C ASN C 202 -22.49 -3.78 1.25
N VAL C 203 -22.53 -2.52 0.86
CA VAL C 203 -23.02 -1.44 1.73
C VAL C 203 -23.93 -0.52 0.94
N ASN C 204 -25.19 -0.42 1.36
CA ASN C 204 -26.15 0.43 0.66
C ASN C 204 -27.06 1.20 1.63
N ALA C 205 -27.80 2.17 1.09
CA ALA C 205 -28.67 2.98 1.92
C ALA C 205 -30.11 2.96 1.42
N ILE C 206 -31.03 3.14 2.36
CA ILE C 206 -32.42 3.37 2.02
C ILE C 206 -32.78 4.72 2.59
N ALA C 207 -33.38 5.56 1.74
CA ALA C 207 -33.75 6.91 2.09
C ALA C 207 -35.28 7.08 2.05
N PRO C 208 -35.91 6.97 3.21
CA PRO C 208 -37.36 7.17 3.29
C PRO C 208 -37.68 8.64 3.17
N GLY C 209 -38.86 8.94 2.63
CA GLY C 209 -39.42 10.26 2.76
C GLY C 209 -40.06 10.40 4.13
N TYR C 210 -41.03 11.29 4.24
CA TYR C 210 -41.72 11.46 5.51
C TYR C 210 -42.66 10.29 5.75
N ILE C 212 -45.48 8.37 7.96
CA ILE C 212 -46.57 8.64 8.87
C ILE C 212 -46.35 7.85 10.18
N THR C 213 -45.76 8.53 11.16
CA THR C 213 -45.39 7.94 12.44
C THR C 213 -45.88 8.79 13.59
N GLU C 214 -45.55 8.37 14.80
CA GLU C 214 -46.03 9.02 16.02
C GLU C 214 -45.07 10.07 16.61
N ILE C 215 -43.80 10.02 16.21
CA ILE C 215 -42.81 10.99 16.69
C ILE C 215 -43.02 12.37 16.06
N ASN C 216 -43.66 12.39 14.89
CA ASN C 216 -43.99 13.62 14.18
C ASN C 216 -45.44 13.64 13.69
N GLU C 217 -46.36 13.14 14.51
CA GLU C 217 -47.77 13.03 14.12
C GLU C 217 -48.49 14.37 13.99
N GLU C 218 -48.20 15.31 14.90
CA GLU C 218 -48.85 16.62 14.88
C GLU C 218 -48.51 17.37 13.59
N TYR C 219 -47.23 17.33 13.23
CA TYR C 219 -46.72 17.96 12.02
C TYR C 219 -47.44 17.46 10.76
N LEU C 220 -47.62 16.14 10.64
CA LEU C 220 -48.15 15.52 9.42
C LEU C 220 -49.67 15.51 9.23
N THR C 221 -50.43 15.18 10.27
CA THR C 221 -51.88 15.03 10.13
C THR C 221 -52.65 16.33 10.25
N SER C 222 -51.98 17.39 10.68
CA SER C 222 -52.63 18.70 10.79
C SER C 222 -52.83 19.28 9.40
N GLU C 223 -53.38 20.49 9.35
CA GLU C 223 -53.61 21.15 8.08
C GLU C 223 -52.30 21.67 7.53
N VAL C 224 -51.40 22.04 8.44
CA VAL C 224 -50.07 22.53 8.07
C VAL C 224 -49.28 21.51 7.26
N GLY C 225 -49.44 20.23 7.60
CA GLY C 225 -48.79 19.14 6.89
C GLY C 225 -49.51 18.73 5.60
N GLN C 226 -50.80 19.04 5.52
CA GLN C 226 -51.61 18.66 4.37
C GLN C 226 -51.20 19.38 3.09
N GLN C 227 -50.53 20.52 3.25
CA GLN C 227 -50.02 21.24 2.10
C GLN C 227 -48.85 20.50 1.49
N LEU C 228 -48.10 19.78 2.32
CA LEU C 228 -47.03 18.92 1.84
C LEU C 228 -47.60 17.82 0.95
N LEU C 229 -48.69 17.22 1.42
CA LEU C 229 -49.34 16.10 0.74
C LEU C 229 -49.65 16.34 -0.74
N LYS C 230 -50.11 17.52 -1.07
CA LYS C 230 -50.43 17.82 -2.46
C LYS C 230 -49.18 18.01 -3.34
N LYS C 231 -48.01 18.18 -2.70
CA LYS C 231 -46.74 18.29 -3.42
C LYS C 231 -46.17 16.92 -3.76
N ILE C 232 -46.39 15.95 -2.89
CA ILE C 232 -45.90 14.59 -3.10
C ILE C 232 -46.69 13.98 -4.25
N PRO C 233 -45.99 13.48 -5.27
CA PRO C 233 -46.64 12.94 -6.47
C PRO C 233 -47.67 11.85 -6.18
N THR C 234 -47.38 10.90 -5.29
CA THR C 234 -48.39 9.89 -4.95
C THR C 234 -49.47 10.45 -4.02
N ARG C 235 -49.25 11.66 -3.52
CA ARG C 235 -50.14 12.30 -2.56
C ARG C 235 -50.40 11.43 -1.32
N LYS C 236 -49.39 10.63 -0.96
CA LYS C 236 -49.41 9.75 0.21
C LYS C 236 -48.04 9.86 0.85
N PHE C 237 -48.01 9.92 2.18
CA PHE C 237 -46.75 9.81 2.92
C PHE C 237 -46.24 8.38 2.84
N VAL C 238 -44.99 8.18 3.25
CA VAL C 238 -44.39 6.87 3.18
C VAL C 238 -44.93 5.97 4.30
N GLU C 239 -45.36 4.76 3.92
CA GLU C 239 -45.74 3.71 4.86
C GLU C 239 -44.54 2.84 5.15
N PHE C 240 -44.46 2.30 6.36
CA PHE C 240 -43.37 1.41 6.74
C PHE C 240 -43.23 0.28 5.73
N ASP C 241 -44.38 -0.26 5.30
CA ASP C 241 -44.43 -1.32 4.31
C ASP C 241 -43.77 -0.93 3.00
N ASP C 242 -43.72 0.37 2.70
CA ASP C 242 -43.06 0.86 1.47
C ASP C 242 -41.57 0.49 1.47
N LEU C 243 -41.03 0.27 2.67
CA LEU C 243 -39.62 -0.02 2.85
C LEU C 243 -39.31 -1.51 2.76
N ASN C 244 -40.34 -2.33 2.85
CA ASN C 244 -40.15 -3.78 2.84
C ASN C 244 -39.35 -4.28 1.64
N GLY C 245 -39.75 -3.88 0.43
CA GLY C 245 -39.05 -4.31 -0.78
C GLY C 245 -37.56 -3.98 -0.78
N PRO C 246 -37.21 -2.70 -0.61
CA PRO C 246 -35.79 -2.34 -0.57
C PRO C 246 -34.99 -3.04 0.54
N LEU C 247 -35.59 -3.21 1.71
CA LEU C 247 -34.91 -3.89 2.82
C LEU C 247 -34.55 -5.34 2.49
N LEU C 248 -35.49 -6.10 1.94
CA LEU C 248 -35.24 -7.50 1.63
C LEU C 248 -34.23 -7.63 0.48
N LEU C 249 -34.32 -6.74 -0.51
CA LEU C 249 -33.38 -6.69 -1.62
C LEU C 249 -31.93 -6.55 -1.15
N LEU C 250 -31.67 -5.54 -0.34
CA LEU C 250 -30.31 -5.21 0.04
C LEU C 250 -29.73 -6.13 1.12
N ALA C 251 -30.58 -6.95 1.72
CA ALA C 251 -30.16 -7.87 2.76
C ALA C 251 -30.01 -9.31 2.26
N SER C 252 -30.39 -9.56 1.00
CA SER C 252 -30.37 -10.92 0.46
C SER C 252 -29.46 -11.09 -0.75
N GLN C 253 -29.39 -12.32 -1.25
CA GLN C 253 -28.60 -12.63 -2.44
C GLN C 253 -29.03 -11.75 -3.62
N ALA C 254 -30.31 -11.41 -3.67
CA ALA C 254 -30.84 -10.54 -4.70
C ALA C 254 -30.05 -9.24 -4.82
N GLY C 255 -29.44 -8.80 -3.72
CA GLY C 255 -28.73 -7.54 -3.73
C GLY C 255 -27.22 -7.66 -3.83
N GLN C 256 -26.69 -8.86 -4.10
CA GLN C 256 -25.25 -9.05 -4.03
C GLN C 256 -24.42 -8.24 -5.05
N GLY C 257 -24.99 -7.95 -6.22
CA GLY C 257 -24.31 -7.17 -7.22
C GLY C 257 -24.47 -5.68 -7.03
N ILE C 258 -25.17 -5.30 -5.97
CA ILE C 258 -25.47 -3.89 -5.70
C ILE C 258 -24.68 -3.41 -4.51
N THR C 259 -23.87 -2.39 -4.73
CA THR C 259 -23.16 -1.81 -3.61
C THR C 259 -22.87 -0.33 -3.88
N GLY C 260 -23.01 0.48 -2.84
CA GLY C 260 -22.73 1.90 -2.93
C GLY C 260 -23.92 2.73 -3.37
N ILE C 261 -25.13 2.20 -3.23
CA ILE C 261 -26.26 2.98 -3.71
C ILE C 261 -27.22 3.37 -2.58
N GLU C 262 -28.07 4.34 -2.88
CA GLU C 262 -29.12 4.77 -1.97
C GLU C 262 -30.47 4.67 -2.69
N ILE C 263 -31.36 3.84 -2.16
CA ILE C 263 -32.70 3.70 -2.72
C ILE C 263 -33.68 4.67 -2.03
N LYS C 264 -34.20 5.62 -2.79
CA LYS C 264 -35.18 6.55 -2.23
C LYS C 264 -36.56 5.93 -2.21
N VAL C 265 -37.23 6.02 -1.06
CA VAL C 265 -38.59 5.50 -0.92
C VAL C 265 -39.46 6.65 -0.41
N ASP C 266 -40.10 7.37 -1.34
CA ASP C 266 -40.70 8.67 -1.00
C ASP C 266 -41.89 9.05 -1.85
N GLY C 267 -42.39 8.12 -2.66
CA GLY C 267 -43.51 8.41 -3.53
C GLY C 267 -43.24 9.58 -4.47
N GLY C 268 -41.97 9.80 -4.80
CA GLY C 268 -41.60 10.82 -5.76
C GLY C 268 -41.43 12.20 -5.17
N HIS C 269 -41.49 12.26 -3.84
CA HIS C 269 -41.39 13.51 -3.11
C HIS C 269 -40.17 14.31 -3.56
N SER C 270 -39.02 13.63 -3.68
CA SER C 270 -37.78 14.32 -4.02
C SER C 270 -37.72 14.80 -5.47
N ALA C 271 -38.62 14.30 -6.32
CA ALA C 271 -38.68 14.75 -7.71
C ALA C 271 -39.76 15.82 -7.96
N ALA C 272 -40.60 16.06 -6.97
CA ALA C 272 -41.66 17.03 -7.15
C ALA C 272 -41.07 18.43 -7.39
N PRO C 273 -41.75 19.27 -8.18
CA PRO C 273 -41.29 20.63 -8.50
C PRO C 273 -41.00 21.47 -7.27
N ASN D 21 24.06 -11.47 -26.47
CA ASN D 21 24.93 -12.00 -25.41
C ASN D 21 25.00 -11.08 -24.20
N ILE D 22 24.35 -11.49 -23.11
CA ILE D 22 24.24 -10.65 -21.91
C ILE D 22 25.53 -10.60 -21.13
N PHE D 23 26.48 -11.50 -21.46
CA PHE D 23 27.78 -11.51 -20.80
C PHE D 23 28.83 -10.80 -21.62
N ASP D 24 28.38 -10.02 -22.59
CA ASP D 24 29.29 -9.34 -23.50
C ASP D 24 30.25 -8.35 -22.83
N VAL D 25 31.54 -8.50 -23.11
CA VAL D 25 32.55 -7.56 -22.63
C VAL D 25 33.40 -7.07 -23.80
N LYS D 26 32.96 -7.34 -25.02
CA LYS D 26 33.72 -6.89 -26.18
C LYS D 26 33.94 -5.37 -26.18
N ASP D 27 35.19 -4.98 -26.39
CA ASP D 27 35.64 -3.58 -26.49
C ASP D 27 35.69 -2.80 -25.17
N LYS D 28 35.26 -3.44 -24.09
CA LYS D 28 35.38 -2.82 -22.77
C LYS D 28 36.87 -2.73 -22.43
N TYR D 29 37.19 -1.86 -21.48
CA TYR D 29 38.53 -1.85 -20.93
C TYR D 29 38.49 -2.40 -19.51
N ILE D 30 39.26 -3.47 -19.30
CA ILE D 30 39.34 -4.12 -18.01
C ILE D 30 40.66 -3.80 -17.31
N LEU D 31 40.60 -3.18 -16.13
CA LEU D 31 41.79 -2.89 -15.35
C LEU D 31 42.02 -3.99 -14.32
N ILE D 32 43.17 -4.64 -14.39
CA ILE D 32 43.49 -5.77 -13.55
C ILE D 32 44.74 -5.48 -12.73
N THR D 33 44.59 -5.36 -11.41
CA THR D 33 45.75 -5.21 -10.55
C THR D 33 46.28 -6.59 -10.16
N GLY D 34 47.52 -6.66 -9.70
CA GLY D 34 48.12 -7.92 -9.34
C GLY D 34 48.20 -8.86 -10.55
N ALA D 35 48.41 -8.30 -11.74
CA ALA D 35 48.35 -9.07 -12.97
C ALA D 35 49.48 -10.09 -13.14
N SER D 36 50.52 -9.98 -12.32
CA SER D 36 51.68 -10.83 -12.54
C SER D 36 51.55 -12.25 -11.97
N SER D 37 50.57 -12.48 -11.08
CA SER D 37 50.30 -13.83 -10.57
C SER D 37 49.67 -14.70 -11.66
N GLY D 38 49.67 -16.02 -11.46
CA GLY D 38 48.98 -16.94 -12.35
C GLY D 38 47.51 -16.58 -12.52
N LEU D 39 46.83 -16.22 -11.42
CA LEU D 39 45.43 -15.81 -11.48
C LEU D 39 45.27 -14.53 -12.29
N GLY D 40 46.15 -13.57 -12.04
CA GLY D 40 46.09 -12.34 -12.79
C GLY D 40 46.27 -12.56 -14.29
N HIS D 41 47.17 -13.45 -14.67
CA HIS D 41 47.41 -13.82 -16.08
C HIS D 41 46.15 -14.44 -16.70
N HIS D 42 45.57 -15.34 -15.92
CA HIS D 42 44.39 -16.05 -16.34
C HIS D 42 43.25 -15.06 -16.61
N ILE D 43 43.06 -14.13 -15.68
CA ILE D 43 41.99 -13.15 -15.77
C ILE D 43 42.19 -12.29 -17.00
N ALA D 44 43.43 -11.82 -17.20
CA ALA D 44 43.74 -11.02 -18.37
C ALA D 44 43.41 -11.76 -19.65
N GLU D 45 43.81 -13.01 -19.70
CA GLU D 45 43.61 -13.80 -20.89
C GLU D 45 42.15 -14.10 -21.14
N LEU D 46 41.41 -14.33 -20.06
CA LEU D 46 39.97 -14.55 -20.13
C LEU D 46 39.24 -13.36 -20.79
N PHE D 47 39.46 -12.14 -20.30
CA PHE D 47 38.75 -10.99 -20.87
C PHE D 47 39.22 -10.68 -22.31
N ALA D 48 40.51 -10.88 -22.59
CA ALA D 48 41.03 -10.70 -23.95
C ALA D 48 40.39 -11.69 -24.91
N LYS D 49 40.28 -12.95 -24.49
CA LYS D 49 39.63 -13.96 -25.30
C LYS D 49 38.18 -13.58 -25.58
N GLU D 50 37.54 -12.90 -24.64
CA GLU D 50 36.16 -12.44 -24.82
C GLU D 50 36.09 -11.09 -25.57
N GLY D 51 37.21 -10.66 -26.17
CA GLY D 51 37.24 -9.48 -27.02
C GLY D 51 37.35 -8.15 -26.27
N ALA D 52 37.71 -8.19 -24.99
CA ALA D 52 37.86 -6.98 -24.19
C ALA D 52 39.30 -6.48 -24.21
N ASN D 53 39.47 -5.17 -24.11
CA ASN D 53 40.78 -4.57 -24.00
C ASN D 53 41.34 -4.66 -22.58
N ILE D 54 42.66 -4.73 -22.46
CA ILE D 54 43.30 -5.12 -21.20
C ILE D 54 44.24 -4.05 -20.67
N VAL D 55 44.03 -3.64 -19.41
CA VAL D 55 45.03 -2.84 -18.70
C VAL D 55 45.58 -3.63 -17.50
N ILE D 56 46.85 -3.98 -17.55
CA ILE D 56 47.40 -4.81 -16.49
C ILE D 56 48.50 -4.07 -15.75
N CYS D 57 48.51 -4.23 -14.44
CA CYS D 57 49.65 -3.70 -13.70
C CYS D 57 50.17 -4.60 -12.59
N ALA D 58 51.44 -4.41 -12.26
CA ALA D 58 52.13 -5.16 -11.21
C ALA D 58 53.36 -4.34 -10.81
N ARG D 59 54.06 -4.75 -9.76
CA ARG D 59 55.24 -4.00 -9.30
C ARG D 59 56.35 -4.05 -10.33
N ARG D 60 56.64 -5.25 -10.84
CA ARG D 60 57.71 -5.40 -11.82
C ARG D 60 57.17 -5.65 -13.22
N LEU D 61 57.39 -4.66 -14.07
CA LEU D 61 56.94 -4.59 -15.45
C LEU D 61 57.41 -5.80 -16.28
N GLU D 62 58.61 -6.29 -15.97
CA GLU D 62 59.22 -7.38 -16.74
C GLU D 62 58.39 -8.66 -16.63
N ARG D 63 57.71 -8.85 -15.51
CA ARG D 63 56.82 -10.00 -15.31
C ARG D 63 55.54 -9.97 -16.20
N LEU D 64 55.26 -8.82 -16.80
CA LEU D 64 54.08 -8.67 -17.67
C LEU D 64 54.35 -8.87 -19.18
N LYS D 65 55.61 -8.82 -19.58
CA LYS D 65 55.94 -8.71 -21.01
C LYS D 65 55.51 -9.90 -21.87
N GLU D 66 55.70 -11.15 -21.40
CA GLU D 66 55.23 -12.30 -22.21
C GLU D 66 53.74 -12.24 -22.46
N LEU D 67 52.98 -11.98 -21.39
CA LEU D 67 51.53 -11.99 -21.42
C LEU D 67 51.00 -10.97 -22.41
N GLU D 68 51.55 -9.76 -22.36
CA GLU D 68 51.20 -8.69 -23.30
C GLU D 68 51.34 -9.17 -24.74
N SER D 69 52.47 -9.79 -25.05
CA SER D 69 52.74 -10.28 -26.40
C SER D 69 51.79 -11.38 -26.82
N HIS D 70 51.55 -12.33 -25.93
CA HIS D 70 50.65 -13.43 -26.22
C HIS D 70 49.29 -12.89 -26.58
N ILE D 71 48.82 -11.96 -25.75
CA ILE D 71 47.49 -11.38 -25.86
C ILE D 71 47.32 -10.51 -27.12
N LYS D 72 48.29 -9.66 -27.41
CA LYS D 72 48.22 -8.89 -28.63
C LYS D 72 48.18 -9.81 -29.85
N ASN D 73 49.07 -10.80 -29.86
CA ASN D 73 49.21 -11.72 -30.98
C ASN D 73 48.01 -12.65 -31.19
N GLU D 74 47.51 -13.22 -30.10
CA GLU D 74 46.45 -14.22 -30.16
C GLU D 74 45.03 -13.67 -30.22
N TYR D 75 44.77 -12.55 -29.54
CA TYR D 75 43.40 -12.04 -29.43
C TYR D 75 43.18 -10.71 -30.13
N GLY D 76 44.26 -10.02 -30.45
CA GLY D 76 44.22 -8.76 -31.17
C GLY D 76 43.53 -7.60 -30.45
N VAL D 77 43.49 -7.65 -29.12
CA VAL D 77 42.94 -6.56 -28.32
C VAL D 77 44.01 -5.53 -27.89
N GLN D 78 43.58 -4.36 -27.44
CA GLN D 78 44.50 -3.36 -26.87
C GLN D 78 45.06 -3.83 -25.52
N VAL D 79 46.36 -3.66 -25.31
CA VAL D 79 46.96 -3.96 -24.00
C VAL D 79 47.84 -2.79 -23.52
N TYR D 80 47.57 -2.32 -22.32
CA TYR D 80 48.41 -1.30 -21.72
C TYR D 80 49.03 -1.92 -20.46
N THR D 81 50.34 -1.78 -20.29
CA THR D 81 50.99 -2.26 -19.08
C THR D 81 51.51 -1.08 -18.24
N PHE D 82 51.47 -1.23 -16.92
CA PHE D 82 51.98 -0.23 -16.01
C PHE D 82 52.70 -0.87 -14.83
N ALA D 83 53.92 -0.41 -14.59
CA ALA D 83 54.66 -0.80 -13.40
C ALA D 83 54.32 0.18 -12.27
N LEU D 84 53.89 -0.35 -11.13
CA LEU D 84 53.61 0.47 -9.96
C LEU D 84 53.46 -0.36 -8.68
N ASP D 85 53.53 0.29 -7.52
CA ASP D 85 53.15 -0.34 -6.28
C ASP D 85 51.66 -0.06 -6.05
N VAL D 86 50.87 -1.10 -5.80
CA VAL D 86 49.43 -0.92 -5.60
C VAL D 86 49.10 -0.01 -4.40
N ASN D 87 50.08 0.17 -3.51
CA ASN D 87 49.94 1.07 -2.35
C ASN D 87 50.26 2.53 -2.61
N ASP D 88 50.77 2.81 -3.82
CA ASP D 88 51.15 4.15 -4.26
C ASP D 88 49.95 4.80 -4.98
N ARG D 89 49.22 5.63 -4.25
CA ARG D 89 48.03 6.29 -4.79
C ARG D 89 48.33 7.20 -5.99
N SER D 90 49.43 7.96 -5.90
CA SER D 90 49.77 8.88 -6.98
C SER D 90 50.17 8.12 -8.27
N ALA D 91 50.79 6.96 -8.10
CA ALA D 91 51.13 6.13 -9.25
C ALA D 91 49.87 5.63 -9.96
N VAL D 92 48.88 5.23 -9.18
CA VAL D 92 47.61 4.80 -9.73
C VAL D 92 46.91 5.96 -10.46
N LYS D 93 46.89 7.11 -9.80
CA LYS D 93 46.31 8.33 -10.33
C LYS D 93 46.97 8.74 -11.65
N ASP D 94 48.31 8.66 -11.68
CA ASP D 94 49.08 8.95 -12.88
C ASP D 94 48.76 7.99 -14.03
N LEU D 96 45.89 6.40 -14.46
CA LEU D 96 44.57 6.74 -14.97
C LEU D 96 44.61 8.01 -15.85
N SER D 97 45.37 9.03 -15.43
CA SER D 97 45.53 10.22 -16.25
C SER D 97 46.09 9.84 -17.63
N SER D 98 47.09 8.97 -17.64
CA SER D 98 47.74 8.56 -18.87
C SER D 98 46.73 7.88 -19.79
N LEU D 99 45.86 7.03 -19.23
CA LEU D 99 44.81 6.39 -20.00
C LEU D 99 43.81 7.39 -20.56
N GLU D 100 43.37 8.33 -19.73
CA GLU D 100 42.47 9.38 -20.22
C GLU D 100 43.03 10.13 -21.44
N ALA D 101 44.34 10.41 -21.42
CA ALA D 101 44.94 11.19 -22.50
C ALA D 101 44.94 10.42 -23.83
N GLU D 102 44.81 9.10 -23.75
CA GLU D 102 44.71 8.25 -24.94
C GLU D 102 43.24 7.98 -25.28
N GLY D 103 42.34 8.69 -24.63
CA GLY D 103 40.92 8.51 -24.90
C GLY D 103 40.36 7.22 -24.29
N VAL D 104 41.10 6.61 -23.37
CA VAL D 104 40.69 5.36 -22.76
C VAL D 104 39.97 5.58 -21.42
N THR D 105 38.80 4.95 -21.28
CA THR D 105 38.08 4.95 -20.02
C THR D 105 37.89 3.51 -19.54
N ILE D 106 38.27 3.24 -18.29
CA ILE D 106 38.08 1.93 -17.67
C ILE D 106 36.60 1.63 -17.46
N ASP D 107 36.18 0.46 -17.92
CA ASP D 107 34.83 -0.04 -17.69
C ASP D 107 34.78 -0.87 -16.40
N VAL D 108 35.79 -1.69 -16.19
CA VAL D 108 35.80 -2.58 -15.05
C VAL D 108 37.14 -2.59 -14.36
N LEU D 109 37.13 -2.35 -13.06
CA LEU D 109 38.30 -2.59 -12.22
C LEU D 109 38.24 -3.95 -11.51
N ILE D 110 39.26 -4.78 -11.73
CA ILE D 110 39.38 -6.02 -10.97
C ILE D 110 40.58 -5.94 -10.01
N ASN D 111 40.26 -5.77 -8.74
CA ASN D 111 41.23 -5.70 -7.65
C ASN D 111 41.69 -7.12 -7.29
N ASN D 112 42.86 -7.51 -7.77
CA ASN D 112 43.34 -8.88 -7.61
C ASN D 112 44.74 -8.94 -6.95
N ALA D 113 45.14 -7.85 -6.32
CA ALA D 113 46.40 -7.85 -5.59
C ALA D 113 46.16 -8.51 -4.23
N GLY D 114 47.09 -9.37 -3.82
CA GLY D 114 46.91 -10.12 -2.58
C GLY D 114 48.20 -10.79 -2.13
N VAL D 115 48.61 -10.56 -0.88
CA VAL D 115 49.75 -11.25 -0.29
C VAL D 115 49.40 -11.89 1.05
N SER D 116 50.17 -12.90 1.42
CA SER D 116 49.99 -13.52 2.72
C SER D 116 51.32 -14.05 3.22
N ASP D 117 51.24 -14.87 4.25
CA ASP D 117 52.40 -15.47 4.88
C ASP D 117 51.82 -16.59 5.72
N THR D 118 52.68 -17.30 6.43
CA THR D 118 52.26 -18.29 7.39
C THR D 118 53.08 -18.11 8.64
N LYS D 119 52.43 -17.65 9.69
CA LYS D 119 53.10 -17.42 10.97
C LYS D 119 52.11 -17.68 12.06
N ARG D 120 52.61 -18.14 13.20
CA ARG D 120 51.80 -18.28 14.39
C ARG D 120 51.18 -16.93 14.72
N PHE D 121 50.04 -16.97 15.41
CA PHE D 121 49.34 -15.74 15.72
C PHE D 121 50.25 -14.70 16.38
N LEU D 122 51.06 -15.16 17.34
CA LEU D 122 51.94 -14.28 18.11
C LEU D 122 53.28 -13.91 17.41
N ASP D 123 53.57 -14.52 16.27
CA ASP D 123 54.84 -14.26 15.58
C ASP D 123 54.72 -13.16 14.52
N TYR D 124 53.49 -12.84 14.12
CA TYR D 124 53.28 -11.77 13.15
C TYR D 124 53.69 -10.40 13.75
N ASN D 125 54.48 -9.62 13.01
CA ASN D 125 54.86 -8.28 13.48
C ASN D 125 54.19 -7.12 12.73
N ASP D 126 54.49 -5.91 13.18
CA ASP D 126 53.91 -4.69 12.62
C ASP D 126 54.22 -4.58 11.12
N GLU D 127 55.40 -5.02 10.73
CA GLU D 127 55.81 -4.96 9.33
C GLU D 127 54.99 -5.95 8.48
N ASP D 128 54.83 -7.16 9.02
CA ASP D 128 53.98 -8.18 8.39
C ASP D 128 52.56 -7.64 8.27
N TRP D 129 52.05 -7.07 9.36
CA TRP D 129 50.69 -6.55 9.36
C TRP D 129 50.48 -5.49 8.29
N ASP D 130 51.34 -4.46 8.30
CA ASP D 130 51.24 -3.39 7.31
C ASP D 130 51.30 -3.92 5.88
N LYS D 131 52.23 -4.84 5.60
CA LYS D 131 52.31 -5.40 4.26
C LYS D 131 51.02 -6.07 3.82
N ILE D 132 50.52 -6.98 4.65
CA ILE D 132 49.36 -7.80 4.32
C ILE D 132 48.06 -6.99 4.25
N VAL D 133 47.84 -6.16 5.26
CA VAL D 133 46.61 -5.39 5.34
C VAL D 133 46.57 -4.23 4.33
N ASP D 134 47.69 -3.52 4.15
CA ASP D 134 47.75 -2.44 3.15
C ASP D 134 47.56 -2.93 1.74
N THR D 135 48.21 -4.04 1.42
CA THR D 135 48.07 -4.67 0.12
C THR D 135 46.67 -5.28 -0.10
N ASN D 136 46.13 -5.96 0.92
CA ASN D 136 44.88 -6.68 0.73
C ASN D 136 43.63 -5.85 0.88
N LEU D 137 43.73 -4.74 1.61
CA LEU D 137 42.55 -3.95 1.96
C LEU D 137 42.72 -2.47 1.60
N LYS D 138 43.80 -1.86 2.05
CA LYS D 138 43.97 -0.43 1.77
C LYS D 138 44.16 -0.12 0.29
N ALA D 139 44.98 -0.90 -0.40
CA ALA D 139 45.21 -0.65 -1.83
C ALA D 139 43.97 -0.78 -2.71
N PRO D 140 43.20 -1.88 -2.58
CA PRO D 140 41.98 -1.99 -3.38
C PRO D 140 41.04 -0.82 -3.13
N TRP D 141 40.99 -0.33 -1.90
CA TRP D 141 40.21 0.84 -1.57
C TRP D 141 40.73 2.10 -2.30
N GLN D 142 42.04 2.33 -2.23
CA GLN D 142 42.67 3.44 -2.96
C GLN D 142 42.37 3.37 -4.46
N CYS D 143 42.58 2.18 -5.04
CA CYS D 143 42.35 2.00 -6.48
C CYS D 143 40.90 2.26 -6.84
N ALA D 144 40.01 1.74 -6.01
CA ALA D 144 38.57 1.95 -6.24
C ALA D 144 38.28 3.45 -6.23
N GLN D 145 38.76 4.14 -5.22
CA GLN D 145 38.54 5.58 -5.16
C GLN D 145 39.02 6.26 -6.44
N GLU D 146 40.25 5.95 -6.86
CA GLU D 146 40.80 6.62 -8.02
C GLU D 146 40.07 6.24 -9.30
N VAL D 147 39.77 4.95 -9.48
CA VAL D 147 39.05 4.50 -10.67
C VAL D 147 37.65 5.08 -10.75
N VAL D 148 37.00 5.20 -9.61
CA VAL D 148 35.70 5.85 -9.56
C VAL D 148 35.73 7.32 -10.00
N GLN D 149 36.72 8.06 -9.51
CA GLN D 149 36.86 9.44 -9.92
C GLN D 149 37.01 9.55 -11.44
N HIS D 150 37.79 8.63 -12.00
CA HIS D 150 38.04 8.53 -13.45
C HIS D 150 36.76 8.20 -14.21
N ILE D 152 33.53 8.62 -13.17
CA ILE D 152 32.69 9.81 -13.03
C ILE D 152 33.05 10.94 -13.98
N LYS D 153 34.34 11.19 -14.10
CA LYS D 153 34.85 12.20 -15.00
C LYS D 153 34.40 11.92 -16.43
N ALA D 154 34.36 10.65 -16.81
CA ALA D 154 33.97 10.25 -18.16
C ALA D 154 32.48 9.95 -18.27
N GLU D 155 31.76 10.14 -17.18
CA GLU D 155 30.32 9.82 -17.10
C GLU D 155 30.04 8.39 -17.55
N ARG D 156 30.68 7.44 -16.88
CA ARG D 156 30.64 6.04 -17.25
C ARG D 156 30.11 5.20 -16.08
N LYS D 157 29.16 4.31 -16.38
CA LYS D 157 28.52 3.48 -15.36
C LYS D 157 29.20 2.11 -15.27
N GLY D 158 30.38 2.06 -14.66
CA GLY D 158 31.16 0.85 -14.67
C GLY D 158 30.96 -0.15 -13.54
N SER D 159 31.93 -1.05 -13.40
CA SER D 159 31.87 -2.13 -12.42
C SER D 159 33.19 -2.33 -11.72
N ILE D 160 33.07 -2.73 -10.48
CA ILE D 160 34.22 -3.09 -9.65
C ILE D 160 34.04 -4.52 -9.11
N ILE D 161 35.10 -5.31 -9.22
CA ILE D 161 35.12 -6.66 -8.70
C ILE D 161 36.31 -6.80 -7.74
N ASN D 162 36.02 -7.12 -6.48
CA ASN D 162 37.07 -7.38 -5.48
C ASN D 162 37.32 -8.85 -5.33
N ILE D 163 38.56 -9.26 -5.54
CA ILE D 163 38.85 -10.64 -5.25
C ILE D 163 39.14 -10.75 -3.76
N THR D 164 38.24 -11.40 -3.04
CA THR D 164 38.49 -11.63 -1.63
C THR D 164 39.08 -13.03 -1.43
N SER D 165 38.33 -13.91 -0.78
CA SER D 165 38.77 -15.22 -0.35
C SER D 165 37.67 -15.79 0.54
N ILE D 166 37.53 -17.10 0.59
CA ILE D 166 36.58 -17.68 1.53
C ILE D 166 37.04 -17.41 2.96
N LEU D 167 38.30 -17.04 3.10
CA LEU D 167 38.84 -16.64 4.39
C LEU D 167 38.32 -15.30 4.88
N SER D 168 37.49 -14.64 4.08
CA SER D 168 36.84 -13.44 4.53
C SER D 168 35.76 -13.82 5.56
N GLN D 169 35.31 -15.09 5.55
CA GLN D 169 34.33 -15.55 6.55
C GLN D 169 34.74 -16.83 7.26
N SER D 170 35.54 -17.67 6.61
CA SER D 170 36.06 -18.86 7.24
C SER D 170 37.43 -18.56 7.89
N THR D 171 37.90 -19.46 8.73
CA THR D 171 39.18 -19.29 9.37
C THR D 171 40.15 -20.37 8.93
N ASN D 172 41.43 -20.05 9.11
CA ASN D 172 42.44 -21.08 9.08
C ASN D 172 43.57 -20.63 10.00
N LEU D 173 44.55 -21.50 10.19
CA LEU D 173 45.66 -21.22 11.10
C LEU D 173 46.81 -20.52 10.41
N GLY D 174 47.46 -19.61 11.11
CA GLY D 174 48.69 -19.01 10.62
C GLY D 174 48.48 -17.89 9.61
N VAL D 175 47.24 -17.40 9.50
CA VAL D 175 46.91 -16.40 8.47
C VAL D 175 46.04 -15.26 9.01
N SER D 176 46.23 -14.92 10.27
N SER D 176 46.24 -14.92 10.28
CA SER D 176 45.39 -13.92 10.92
CA SER D 176 45.44 -13.90 10.97
C SER D 176 45.29 -12.53 10.22
C SER D 176 45.30 -12.55 10.23
N PRO D 177 46.44 -11.95 9.80
CA PRO D 177 46.26 -10.64 9.14
C PRO D 177 45.52 -10.74 7.80
N TYR D 178 45.76 -11.84 7.07
CA TYR D 178 45.05 -12.09 5.81
C TYR D 178 43.53 -12.20 6.04
N CYS D 179 43.12 -13.00 7.03
CA CYS D 179 41.69 -13.13 7.39
C CYS D 179 41.08 -11.80 7.77
N ALA D 180 41.77 -11.02 8.60
CA ALA D 180 41.24 -9.73 9.00
C ALA D 180 41.03 -8.81 7.77
N SER D 181 42.03 -8.78 6.88
CA SER D 181 42.00 -7.89 5.73
C SER D 181 40.90 -8.30 4.75
N LYS D 182 40.76 -9.61 4.52
CA LYS D 182 39.73 -10.11 3.61
C LYS D 182 38.30 -9.85 4.12
N ALA D 183 38.05 -10.07 5.41
CA ALA D 183 36.75 -9.71 5.99
C ALA D 183 36.54 -8.20 5.87
N GLY D 184 37.60 -7.43 6.06
CA GLY D 184 37.50 -5.99 5.89
C GLY D 184 37.08 -5.63 4.47
N LEU D 185 37.72 -6.26 3.49
CA LEU D 185 37.44 -5.99 2.09
C LEU D 185 36.02 -6.44 1.73
N ARG D 186 35.61 -7.59 2.29
CA ARG D 186 34.26 -8.09 2.04
C ARG D 186 33.20 -7.07 2.48
N HIS D 187 33.34 -6.53 3.67
CA HIS D 187 32.32 -5.60 4.12
C HIS D 187 32.41 -4.26 3.38
N LEU D 188 33.62 -3.87 3.00
CA LEU D 188 33.85 -2.64 2.23
C LEU D 188 33.18 -2.75 0.87
N THR D 189 33.22 -3.94 0.30
CA THR D 189 32.51 -4.21 -0.93
C THR D 189 31.01 -3.86 -0.77
N GLU D 190 30.40 -4.31 0.32
CA GLU D 190 29.00 -4.01 0.61
C GLU D 190 28.76 -2.51 0.80
N VAL D 191 29.64 -1.89 1.58
CA VAL D 191 29.52 -0.45 1.87
C VAL D 191 29.71 0.40 0.59
N ALA D 193 29.15 -0.68 -2.39
CA ALA D 193 28.02 -0.92 -3.27
C ALA D 193 26.92 0.10 -2.98
N VAL D 194 26.69 0.34 -1.70
CA VAL D 194 25.68 1.31 -1.27
C VAL D 194 26.04 2.73 -1.67
N GLU D 195 27.28 3.14 -1.42
CA GLU D 195 27.72 4.51 -1.64
C GLU D 195 28.02 4.89 -3.09
N LEU D 196 28.23 3.89 -3.94
CA LEU D 196 28.57 4.17 -5.34
C LEU D 196 27.43 3.94 -6.33
N ALA D 197 26.32 3.39 -5.85
CA ALA D 197 25.17 3.14 -6.69
C ALA D 197 24.69 4.41 -7.39
N ARG D 198 24.81 5.54 -6.70
CA ARG D 198 24.34 6.81 -7.28
C ARG D 198 25.10 7.20 -8.55
N PHE D 199 26.27 6.59 -8.78
CA PHE D 199 27.07 6.83 -9.97
C PHE D 199 26.91 5.72 -11.01
N GLY D 200 25.96 4.81 -10.78
CA GLY D 200 25.71 3.73 -11.72
C GLY D 200 26.81 2.68 -11.69
N ILE D 201 27.57 2.67 -10.60
CA ILE D 201 28.68 1.74 -10.48
C ILE D 201 28.31 0.64 -9.50
N ASN D 202 28.26 -0.61 -9.97
CA ASN D 202 28.01 -1.70 -9.04
C ASN D 202 29.35 -2.33 -8.52
N VAL D 203 29.33 -2.81 -7.29
CA VAL D 203 30.53 -3.27 -6.63
C VAL D 203 30.28 -4.65 -6.01
N ASN D 204 31.04 -5.64 -6.46
CA ASN D 204 30.86 -7.02 -6.02
C ASN D 204 32.18 -7.72 -5.75
N ALA D 205 32.09 -8.87 -5.09
CA ALA D 205 33.27 -9.62 -4.71
C ALA D 205 33.21 -11.05 -5.19
N ILE D 206 34.37 -11.62 -5.45
CA ILE D 206 34.50 -13.05 -5.68
C ILE D 206 35.45 -13.62 -4.64
N ALA D 207 35.03 -14.70 -3.99
CA ALA D 207 35.78 -15.35 -2.93
C ALA D 207 36.22 -16.75 -3.35
N PRO D 208 37.44 -16.87 -3.88
CA PRO D 208 37.92 -18.20 -4.28
C PRO D 208 38.24 -19.04 -3.05
N GLY D 209 38.10 -20.37 -3.16
CA GLY D 209 38.67 -21.27 -2.17
C GLY D 209 40.17 -21.45 -2.43
N TYR D 210 40.75 -22.56 -1.98
CA TYR D 210 42.16 -22.80 -2.22
C TYR D 210 42.44 -23.19 -3.65
N ILE D 212 44.83 -24.38 -6.70
CA ILE D 212 46.04 -25.11 -6.96
C ILE D 212 47.06 -24.22 -7.72
N THR D 213 47.99 -23.68 -6.94
CA THR D 213 49.01 -22.77 -7.43
C THR D 213 50.40 -23.25 -6.97
N GLU D 214 51.44 -22.50 -7.36
CA GLU D 214 52.82 -22.91 -7.09
C GLU D 214 53.48 -22.31 -5.84
N ILE D 215 52.92 -21.22 -5.33
CA ILE D 215 53.41 -20.60 -4.09
C ILE D 215 53.01 -21.48 -2.89
N ASN D 216 52.02 -22.34 -3.12
CA ASN D 216 51.52 -23.26 -2.09
C ASN D 216 51.49 -24.71 -2.55
N GLU D 217 52.49 -25.12 -3.31
CA GLU D 217 52.55 -26.49 -3.80
C GLU D 217 52.79 -27.47 -2.67
N GLU D 218 53.70 -27.09 -1.77
CA GLU D 218 54.04 -27.94 -0.65
C GLU D 218 52.88 -28.11 0.33
N TYR D 219 52.23 -27.01 0.67
CA TYR D 219 51.07 -27.04 1.58
C TYR D 219 49.98 -27.95 1.03
N LEU D 220 49.68 -27.81 -0.26
CA LEU D 220 48.56 -28.51 -0.89
C LEU D 220 48.86 -30.01 -1.19
N THR D 221 50.07 -30.31 -1.66
CA THR D 221 50.39 -31.69 -2.04
C THR D 221 50.85 -32.57 -0.87
N SER D 222 51.08 -31.95 0.28
CA SER D 222 51.53 -32.63 1.50
C SER D 222 50.49 -33.49 2.20
N GLU D 223 50.83 -33.96 3.39
CA GLU D 223 49.92 -34.77 4.18
C GLU D 223 48.81 -33.93 4.83
N VAL D 224 49.18 -32.78 5.36
CA VAL D 224 48.24 -31.88 6.00
C VAL D 224 47.23 -31.33 4.98
N GLY D 225 47.71 -31.07 3.77
CA GLY D 225 46.86 -30.56 2.71
C GLY D 225 46.03 -31.61 1.99
N GLN D 226 46.50 -32.86 1.97
CA GLN D 226 45.74 -33.91 1.31
C GLN D 226 44.54 -34.30 2.15
N GLN D 227 44.64 -34.06 3.45
CA GLN D 227 43.52 -34.29 4.35
C GLN D 227 42.49 -33.21 4.13
N LEU D 228 42.97 -32.02 3.73
CA LEU D 228 42.10 -30.91 3.36
C LEU D 228 41.25 -31.28 2.15
N LEU D 229 41.86 -31.90 1.13
CA LEU D 229 41.09 -32.33 -0.04
C LEU D 229 39.89 -33.18 0.33
N LYS D 230 40.04 -34.14 1.24
CA LYS D 230 38.87 -34.97 1.55
C LYS D 230 37.79 -34.24 2.33
N LYS D 231 38.12 -33.07 2.89
CA LYS D 231 37.13 -32.30 3.64
C LYS D 231 36.29 -31.52 2.65
N ILE D 232 36.89 -31.11 1.53
CA ILE D 232 36.18 -30.33 0.51
C ILE D 232 35.14 -31.20 -0.21
N PRO D 233 33.87 -30.76 -0.24
CA PRO D 233 32.78 -31.59 -0.78
C PRO D 233 33.05 -32.13 -2.17
N THR D 234 33.51 -31.31 -3.10
CA THR D 234 33.86 -31.84 -4.42
C THR D 234 35.19 -32.56 -4.46
N ARG D 235 35.94 -32.48 -3.37
CA ARG D 235 37.27 -33.09 -3.32
C ARG D 235 38.23 -32.64 -4.42
N LYS D 236 38.08 -31.38 -4.81
CA LYS D 236 38.94 -30.74 -5.78
C LYS D 236 39.25 -29.35 -5.30
N PHE D 237 40.51 -28.97 -5.41
CA PHE D 237 40.87 -27.58 -5.17
C PHE D 237 40.29 -26.77 -6.32
N VAL D 238 40.28 -25.47 -6.15
CA VAL D 238 39.70 -24.55 -7.11
C VAL D 238 40.58 -24.40 -8.33
N GLU D 239 39.99 -24.51 -9.51
CA GLU D 239 40.68 -24.25 -10.78
C GLU D 239 40.37 -22.83 -11.21
N PHE D 240 41.32 -22.19 -11.90
CA PHE D 240 41.12 -20.82 -12.40
C PHE D 240 39.84 -20.69 -13.23
N ASP D 241 39.59 -21.71 -14.07
CA ASP D 241 38.40 -21.78 -14.89
C ASP D 241 37.10 -21.72 -14.12
N ASP D 242 37.13 -22.15 -12.85
CA ASP D 242 35.92 -22.11 -12.04
C ASP D 242 35.42 -20.67 -11.85
N LEU D 243 36.32 -19.70 -12.05
CA LEU D 243 36.06 -18.28 -11.81
C LEU D 243 35.50 -17.51 -13.02
N ASN D 244 35.63 -18.11 -14.18
CA ASN D 244 35.25 -17.45 -15.41
C ASN D 244 33.81 -16.95 -15.40
N GLY D 245 32.89 -17.84 -15.04
CA GLY D 245 31.49 -17.50 -15.02
C GLY D 245 31.15 -16.31 -14.13
N PRO D 246 31.54 -16.38 -12.84
CA PRO D 246 31.31 -15.24 -11.95
C PRO D 246 31.98 -13.93 -12.42
N LEU D 247 33.19 -14.04 -12.97
CA LEU D 247 33.93 -12.86 -13.46
C LEU D 247 33.19 -12.17 -14.59
N LEU D 248 32.69 -12.96 -15.53
CA LEU D 248 31.99 -12.43 -16.67
C LEU D 248 30.63 -11.87 -16.25
N LEU D 249 29.97 -12.56 -15.32
CA LEU D 249 28.71 -12.08 -14.75
C LEU D 249 28.84 -10.68 -14.17
N LEU D 250 29.83 -10.49 -13.30
CA LEU D 250 30.00 -9.24 -12.55
C LEU D 250 30.65 -8.12 -13.36
N ALA D 251 31.15 -8.44 -14.56
CA ALA D 251 31.74 -7.44 -15.42
C ALA D 251 30.82 -7.02 -16.57
N SER D 252 29.68 -7.68 -16.70
CA SER D 252 28.84 -7.42 -17.86
C SER D 252 27.45 -6.92 -17.47
N GLN D 253 26.64 -6.67 -18.48
CA GLN D 253 25.26 -6.29 -18.30
C GLN D 253 24.49 -7.32 -17.47
N ALA D 254 24.83 -8.59 -17.64
CA ALA D 254 24.17 -9.67 -16.92
C ALA D 254 24.13 -9.45 -15.41
N GLY D 255 25.11 -8.72 -14.90
CA GLY D 255 25.25 -8.48 -13.47
C GLY D 255 24.83 -7.12 -13.00
N GLN D 256 24.22 -6.34 -13.87
CA GLN D 256 23.96 -4.95 -13.52
C GLN D 256 22.98 -4.79 -12.36
N GLY D 257 22.07 -5.75 -12.16
CA GLY D 257 21.13 -5.68 -11.05
C GLY D 257 21.68 -6.21 -9.73
N ILE D 258 22.96 -6.56 -9.76
CA ILE D 258 23.63 -7.16 -8.63
C ILE D 258 24.67 -6.21 -8.10
N THR D 259 24.57 -5.85 -6.84
CA THR D 259 25.63 -5.04 -6.22
C THR D 259 25.72 -5.38 -4.73
N GLY D 260 26.96 -5.44 -4.23
CA GLY D 260 27.17 -5.66 -2.81
C GLY D 260 27.24 -7.09 -2.34
N ILE D 261 27.54 -8.02 -3.25
CA ILE D 261 27.53 -9.43 -2.88
C ILE D 261 28.92 -10.04 -3.02
N GLU D 262 29.09 -11.20 -2.37
CA GLU D 262 30.31 -11.96 -2.52
C GLU D 262 29.92 -13.36 -2.98
N ILE D 263 30.39 -13.72 -4.16
CA ILE D 263 30.18 -15.05 -4.74
C ILE D 263 31.36 -15.96 -4.36
N LYS D 264 31.08 -16.98 -3.56
CA LYS D 264 32.10 -17.94 -3.16
C LYS D 264 32.27 -18.97 -4.26
N VAL D 265 33.52 -19.25 -4.60
CA VAL D 265 33.81 -20.29 -5.60
C VAL D 265 34.79 -21.24 -4.94
N ASP D 266 34.26 -22.32 -4.38
CA ASP D 266 35.07 -23.14 -3.50
C ASP D 266 34.67 -24.63 -3.48
N GLY D 267 33.80 -25.06 -4.39
CA GLY D 267 33.37 -26.46 -4.40
C GLY D 267 32.77 -26.90 -3.06
N GLY D 268 32.18 -25.93 -2.34
CA GLY D 268 31.50 -26.21 -1.09
C GLY D 268 32.37 -26.22 0.15
N HIS D 269 33.64 -25.84 -0.02
CA HIS D 269 34.60 -25.87 1.08
C HIS D 269 34.09 -25.15 2.35
N SER D 270 33.57 -23.94 2.17
CA SER D 270 33.13 -23.13 3.30
C SER D 270 31.86 -23.68 3.99
N ALA D 271 31.17 -24.60 3.31
CA ALA D 271 29.96 -25.24 3.82
C ALA D 271 30.29 -26.59 4.43
N ALA D 272 31.54 -27.01 4.31
CA ALA D 272 31.93 -28.35 4.70
C ALA D 272 31.64 -28.61 6.18
N PRO D 273 31.34 -29.88 6.53
CA PRO D 273 30.99 -30.29 7.88
C PRO D 273 32.04 -29.89 8.91
N ILE D 274 31.53 -29.25 9.95
CA ILE D 274 32.34 -28.91 11.12
C ILE D 274 32.75 -30.18 11.88
N ASN E 21 -16.97 47.36 -11.96
CA ASN E 21 -16.39 46.04 -11.74
C ASN E 21 -17.27 45.17 -10.84
N ILE E 22 -17.93 44.16 -11.42
CA ILE E 22 -18.86 43.33 -10.67
C ILE E 22 -18.13 42.37 -9.72
N PHE E 23 -16.82 42.24 -9.90
CA PHE E 23 -16.03 41.40 -9.02
C PHE E 23 -15.30 42.19 -7.91
N ASP E 24 -15.69 43.44 -7.72
CA ASP E 24 -15.04 44.31 -6.75
C ASP E 24 -15.20 43.84 -5.31
N VAL E 25 -14.08 43.72 -4.59
CA VAL E 25 -14.10 43.37 -3.18
C VAL E 25 -13.30 44.38 -2.38
N LYS E 26 -12.93 45.46 -3.05
CA LYS E 26 -12.11 46.50 -2.46
C LYS E 26 -12.80 47.06 -1.21
N ASP E 27 -12.03 47.15 -0.13
CA ASP E 27 -12.47 47.66 1.18
C ASP E 27 -13.37 46.73 1.98
N LYS E 28 -13.73 45.58 1.42
CA LYS E 28 -14.45 44.57 2.18
C LYS E 28 -13.50 43.98 3.23
N TYR E 29 -14.05 43.35 4.27
CA TYR E 29 -13.27 42.57 5.22
C TYR E 29 -13.50 41.10 4.97
N ILE E 30 -12.45 40.37 4.64
CA ILE E 30 -12.60 38.94 4.35
C ILE E 30 -12.12 38.12 5.53
N LEU E 31 -13.01 37.32 6.10
CA LEU E 31 -12.62 36.45 7.20
C LEU E 31 -12.27 35.08 6.67
N ILE E 32 -11.01 34.71 6.89
CA ILE E 32 -10.45 33.48 6.37
C ILE E 32 -9.97 32.59 7.50
N THR E 33 -10.62 31.45 7.68
CA THR E 33 -10.14 30.47 8.65
C THR E 33 -9.08 29.62 7.96
N GLY E 34 -8.32 28.87 8.73
CA GLY E 34 -7.28 28.03 8.16
C GLY E 34 -6.22 28.80 7.41
N ALA E 35 -5.92 30.00 7.92
CA ALA E 35 -5.03 30.94 7.23
C ALA E 35 -3.56 30.52 7.16
N SER E 36 -3.17 29.52 7.95
CA SER E 36 -1.77 29.10 7.97
C SER E 36 -1.36 28.08 6.89
N SER E 37 -2.34 27.46 6.24
CA SER E 37 -2.05 26.54 5.13
C SER E 37 -1.61 27.31 3.87
N GLY E 38 -1.02 26.60 2.93
CA GLY E 38 -0.66 27.19 1.65
C GLY E 38 -1.86 27.81 0.96
N LEU E 39 -2.98 27.09 0.94
CA LEU E 39 -4.20 27.61 0.33
C LEU E 39 -4.72 28.85 1.05
N GLY E 40 -4.69 28.81 2.38
CA GLY E 40 -5.09 29.97 3.17
C GLY E 40 -4.21 31.17 2.85
N HIS E 41 -2.92 30.92 2.64
CA HIS E 41 -1.99 31.97 2.26
C HIS E 41 -2.42 32.56 0.93
N HIS E 42 -2.71 31.68 -0.02
CA HIS E 42 -3.09 32.11 -1.35
C HIS E 42 -4.37 32.92 -1.35
N ILE E 43 -5.37 32.44 -0.63
CA ILE E 43 -6.66 33.12 -0.58
C ILE E 43 -6.50 34.50 0.03
N ALA E 44 -5.78 34.57 1.14
CA ALA E 44 -5.51 35.83 1.82
C ALA E 44 -4.79 36.80 0.90
N GLU E 45 -3.82 36.29 0.15
CA GLU E 45 -3.03 37.11 -0.75
C GLU E 45 -3.88 37.60 -1.92
N LEU E 46 -4.76 36.72 -2.41
CA LEU E 46 -5.66 37.05 -3.51
C LEU E 46 -6.55 38.26 -3.17
N PHE E 47 -7.24 38.19 -2.04
CA PHE E 47 -8.14 39.26 -1.67
C PHE E 47 -7.40 40.54 -1.32
N ALA E 48 -6.20 40.41 -0.76
CA ALA E 48 -5.41 41.59 -0.47
C ALA E 48 -5.07 42.33 -1.75
N LYS E 49 -4.64 41.60 -2.77
CA LYS E 49 -4.31 42.20 -4.06
C LYS E 49 -5.52 42.91 -4.65
N GLU E 50 -6.70 42.38 -4.36
CA GLU E 50 -7.95 42.97 -4.84
C GLU E 50 -8.46 44.10 -3.94
N GLY E 51 -7.61 44.53 -3.00
CA GLY E 51 -7.90 45.68 -2.18
C GLY E 51 -8.80 45.39 -1.01
N ALA E 52 -9.01 44.11 -0.72
CA ALA E 52 -9.89 43.75 0.38
C ALA E 52 -9.09 43.63 1.66
N ASN E 53 -9.72 43.99 2.77
CA ASN E 53 -9.11 43.80 4.08
C ASN E 53 -9.26 42.36 4.58
N ILE E 54 -8.29 41.94 5.38
CA ILE E 54 -8.12 40.53 5.71
C ILE E 54 -8.19 40.27 7.19
N VAL E 55 -9.08 39.37 7.62
CA VAL E 55 -9.04 38.89 8.98
C VAL E 55 -8.64 37.43 8.93
N ILE E 56 -7.47 37.12 9.47
CA ILE E 56 -6.97 35.76 9.39
C ILE E 56 -6.85 35.07 10.73
N CYS E 57 -7.25 33.80 10.76
CA CYS E 57 -7.02 33.01 11.95
C CYS E 57 -6.48 31.63 11.64
N ALA E 58 -5.75 31.11 12.61
CA ALA E 58 -5.16 29.80 12.55
C ALA E 58 -4.81 29.49 14.00
N ARG E 59 -4.34 28.26 14.24
CA ARG E 59 -4.00 27.81 15.57
C ARG E 59 -2.79 28.59 16.13
N ARG E 60 -1.77 28.71 15.29
CA ARG E 60 -0.48 29.27 15.71
C ARG E 60 -0.25 30.72 15.29
N LEU E 61 -0.19 31.62 16.27
CA LEU E 61 -0.03 33.06 16.06
C LEU E 61 1.18 33.49 15.23
N GLU E 62 2.32 32.83 15.43
CA GLU E 62 3.54 33.20 14.72
C GLU E 62 3.44 32.87 13.22
N ARG E 63 2.72 31.81 12.88
CA ARG E 63 2.51 31.47 11.47
C ARG E 63 1.65 32.53 10.80
N LEU E 64 0.89 33.28 11.60
CA LEU E 64 0.01 34.29 11.05
C LEU E 64 0.79 35.56 10.85
N LYS E 65 1.88 35.68 11.60
CA LYS E 65 2.72 36.87 11.58
C LYS E 65 3.49 37.03 10.27
N GLU E 66 4.01 35.94 9.73
CA GLU E 66 4.69 36.03 8.43
C GLU E 66 3.74 36.61 7.40
N LEU E 67 2.55 36.03 7.36
CA LEU E 67 1.52 36.40 6.41
C LEU E 67 1.01 37.83 6.63
N GLU E 68 0.79 38.21 7.88
CA GLU E 68 0.35 39.57 8.20
C GLU E 68 1.30 40.61 7.61
N SER E 69 2.59 40.40 7.86
CA SER E 69 3.61 41.32 7.36
C SER E 69 3.71 41.29 5.84
N HIS E 70 3.74 40.10 5.27
CA HIS E 70 3.82 39.95 3.83
C HIS E 70 2.69 40.70 3.15
N ILE E 71 1.48 40.59 3.71
CA ILE E 71 0.32 41.28 3.18
C ILE E 71 0.39 42.79 3.39
N LYS E 72 0.69 43.20 4.62
CA LYS E 72 0.80 44.62 4.96
C LYS E 72 1.88 45.31 4.15
N ASN E 73 3.02 44.64 4.00
CA ASN E 73 4.15 45.23 3.31
C ASN E 73 3.85 45.45 1.83
N GLU E 74 3.27 44.44 1.18
CA GLU E 74 2.99 44.54 -0.24
C GLU E 74 1.67 45.24 -0.60
N TYR E 75 0.62 45.07 0.21
CA TYR E 75 -0.68 45.58 -0.21
C TYR E 75 -1.26 46.71 0.66
N GLY E 76 -0.75 46.89 1.87
CA GLY E 76 -1.18 48.01 2.69
C GLY E 76 -2.65 48.07 3.08
N VAL E 77 -3.30 46.92 3.14
CA VAL E 77 -4.68 46.84 3.59
C VAL E 77 -4.77 46.55 5.09
N GLN E 78 -5.95 46.70 5.68
CA GLN E 78 -6.15 46.35 7.07
C GLN E 78 -5.98 44.84 7.25
N VAL E 79 -5.20 44.42 8.24
CA VAL E 79 -5.07 43.01 8.56
C VAL E 79 -5.26 42.78 10.07
N TYR E 80 -6.18 41.90 10.42
CA TYR E 80 -6.39 41.52 11.81
C TYR E 80 -6.08 40.04 11.99
N THR E 81 -5.24 39.73 12.97
CA THR E 81 -4.89 38.34 13.21
C THR E 81 -5.53 37.82 14.48
N PHE E 82 -5.92 36.56 14.47
CA PHE E 82 -6.42 35.94 15.66
C PHE E 82 -5.90 34.52 15.71
N ALA E 83 -5.21 34.20 16.78
CA ALA E 83 -4.84 32.82 17.04
C ALA E 83 -5.98 32.27 17.85
N LEU E 84 -6.53 31.16 17.37
CA LEU E 84 -7.62 30.48 18.07
C LEU E 84 -7.77 29.08 17.54
N ASP E 85 -8.54 28.27 18.26
CA ASP E 85 -8.99 27.00 17.75
C ASP E 85 -10.32 27.27 17.05
N VAL E 86 -10.41 26.92 15.76
CA VAL E 86 -11.65 27.14 15.01
C VAL E 86 -12.81 26.29 15.59
N ASN E 87 -12.44 25.27 16.39
CA ASN E 87 -13.42 24.41 17.06
C ASN E 87 -13.93 25.00 18.37
N ASP E 88 -13.34 26.13 18.78
CA ASP E 88 -13.74 26.84 19.98
C ASP E 88 -14.75 27.95 19.64
N ARG E 89 -16.03 27.71 19.92
CA ARG E 89 -17.06 28.68 19.58
C ARG E 89 -16.86 30.01 20.33
N SER E 90 -16.55 29.95 21.62
CA SER E 90 -16.44 31.18 22.40
C SER E 90 -15.25 32.02 21.93
N ALA E 91 -14.18 31.35 21.53
CA ALA E 91 -13.03 32.05 21.00
C ALA E 91 -13.37 32.75 19.67
N VAL E 92 -14.06 32.05 18.78
CA VAL E 92 -14.50 32.64 17.51
C VAL E 92 -15.49 33.79 17.75
N LYS E 93 -16.46 33.53 18.62
CA LYS E 93 -17.46 34.54 18.98
C LYS E 93 -16.81 35.80 19.53
N ASP E 94 -15.85 35.62 20.43
CA ASP E 94 -15.12 36.73 21.03
C ASP E 94 -14.24 37.49 20.04
N LEU E 96 -15.17 37.92 16.90
CA LEU E 96 -16.19 38.77 16.29
C LEU E 96 -16.53 39.97 17.15
N SER E 97 -16.69 39.74 18.45
CA SER E 97 -16.94 40.83 19.40
C SER E 97 -15.81 41.84 19.39
N SER E 98 -14.58 41.35 19.33
CA SER E 98 -13.39 42.19 19.30
C SER E 98 -13.38 43.09 18.05
N LEU E 99 -13.72 42.51 16.91
CA LEU E 99 -13.83 43.25 15.64
C LEU E 99 -14.98 44.26 15.68
N GLU E 100 -16.12 43.79 16.17
CA GLU E 100 -17.33 44.58 16.38
C GLU E 100 -17.00 45.81 17.26
N ALA E 101 -16.17 45.59 18.27
CA ALA E 101 -15.76 46.66 19.19
C ALA E 101 -14.87 47.71 18.51
N GLU E 102 -14.26 47.31 17.39
CA GLU E 102 -13.45 48.22 16.58
C GLU E 102 -14.19 48.79 15.38
N GLY E 103 -15.50 48.55 15.31
CA GLY E 103 -16.28 49.04 14.20
C GLY E 103 -16.13 48.24 12.92
N VAL E 104 -15.63 47.01 13.04
CA VAL E 104 -15.41 46.15 11.87
C VAL E 104 -16.59 45.20 11.65
N THR E 105 -17.03 45.11 10.40
CA THR E 105 -18.00 44.12 10.04
C THR E 105 -17.45 43.21 8.95
N ILE E 106 -17.47 41.90 9.20
CA ILE E 106 -17.06 40.93 8.19
C ILE E 106 -18.04 40.96 7.02
N ASP E 107 -17.49 41.07 5.80
CA ASP E 107 -18.31 41.02 4.60
C ASP E 107 -18.39 39.61 4.04
N VAL E 108 -17.26 38.91 4.09
CA VAL E 108 -17.22 37.55 3.56
C VAL E 108 -16.54 36.60 4.54
N LEU E 109 -17.20 35.47 4.81
CA LEU E 109 -16.59 34.40 5.57
C LEU E 109 -16.05 33.33 4.63
N ILE E 110 -14.75 33.06 4.70
CA ILE E 110 -14.25 31.93 3.95
C ILE E 110 -13.81 30.82 4.89
N ASN E 111 -14.63 29.79 4.95
CA ASN E 111 -14.33 28.64 5.77
C ASN E 111 -13.30 27.73 5.08
N ASN E 112 -12.05 27.80 5.52
CA ASN E 112 -10.98 27.03 4.86
C ASN E 112 -10.21 26.13 5.86
N ALA E 113 -10.79 25.86 7.02
CA ALA E 113 -10.15 24.93 7.93
C ALA E 113 -10.46 23.52 7.41
N GLY E 114 -9.44 22.67 7.32
CA GLY E 114 -9.61 21.34 6.77
C GLY E 114 -8.42 20.44 7.05
N VAL E 115 -8.68 19.30 7.67
CA VAL E 115 -7.64 18.31 7.95
C VAL E 115 -8.01 16.92 7.44
N SER E 116 -6.99 16.09 7.21
CA SER E 116 -7.21 14.73 6.75
C SER E 116 -6.16 13.78 7.28
N ASP E 117 -6.13 12.59 6.70
CA ASP E 117 -5.21 11.54 7.11
C ASP E 117 -5.29 10.47 6.02
N THR E 118 -4.49 9.41 6.16
CA THR E 118 -4.58 8.27 5.27
C THR E 118 -4.53 6.98 6.10
N LYS E 119 -5.66 6.31 6.22
CA LYS E 119 -5.72 5.06 6.97
C LYS E 119 -6.76 4.18 6.29
N ARG E 120 -6.56 2.87 6.30
CA ARG E 120 -7.61 1.97 5.83
C ARG E 120 -8.89 2.18 6.64
N PHE E 121 -10.03 1.87 6.04
CA PHE E 121 -11.31 2.13 6.69
C PHE E 121 -11.35 1.64 8.15
N LEU E 122 -10.80 0.46 8.40
CA LEU E 122 -10.88 -0.14 9.73
C LEU E 122 -9.84 0.40 10.71
N ASP E 123 -8.90 1.20 10.23
CA ASP E 123 -7.85 1.71 11.10
C ASP E 123 -8.20 3.07 11.72
N TYR E 124 -9.17 3.76 11.16
CA TYR E 124 -9.61 5.04 11.72
C TYR E 124 -10.27 4.78 13.07
N ASN E 125 -9.87 5.55 14.08
CA ASN E 125 -10.46 5.43 15.41
C ASN E 125 -11.35 6.62 15.77
N ASP E 126 -11.93 6.57 16.96
CA ASP E 126 -12.82 7.61 17.43
C ASP E 126 -12.15 8.99 17.47
N GLU E 127 -10.87 9.00 17.81
CA GLU E 127 -10.12 10.26 17.86
C GLU E 127 -9.88 10.87 16.47
N ASP E 128 -9.53 10.04 15.49
CA ASP E 128 -9.37 10.49 14.11
C ASP E 128 -10.64 11.12 13.61
N TRP E 129 -11.76 10.46 13.88
CA TRP E 129 -13.08 10.91 13.46
C TRP E 129 -13.39 12.29 14.01
N ASP E 130 -13.27 12.41 15.33
CA ASP E 130 -13.52 13.67 16.02
C ASP E 130 -12.66 14.79 15.44
N LYS E 131 -11.37 14.53 15.26
CA LYS E 131 -10.50 15.55 14.67
C LYS E 131 -10.97 15.96 13.30
N ILE E 132 -11.17 14.98 12.44
CA ILE E 132 -11.49 15.27 11.05
C ILE E 132 -12.88 15.86 10.87
N VAL E 133 -13.89 15.24 11.48
CA VAL E 133 -15.27 15.67 11.25
C VAL E 133 -15.59 17.01 11.88
N ASP E 134 -15.07 17.24 13.09
CA ASP E 134 -15.27 18.50 13.78
C ASP E 134 -14.58 19.66 13.07
N THR E 135 -13.37 19.42 12.59
CA THR E 135 -12.63 20.47 11.91
C THR E 135 -13.25 20.82 10.56
N ASN E 136 -13.62 19.79 9.80
CA ASN E 136 -14.07 19.98 8.44
C ASN E 136 -15.53 20.34 8.30
N LEU E 137 -16.33 19.99 9.31
CA LEU E 137 -17.77 20.10 9.22
C LEU E 137 -18.39 20.88 10.38
N LYS E 138 -18.07 20.49 11.61
CA LYS E 138 -18.64 21.18 12.76
C LYS E 138 -18.14 22.63 12.90
N ALA E 139 -16.83 22.83 12.78
CA ALA E 139 -16.22 24.16 12.86
C ALA E 139 -16.78 25.19 11.85
N PRO E 140 -16.85 24.82 10.55
CA PRO E 140 -17.43 25.78 9.60
C PRO E 140 -18.84 26.16 10.00
N TRP E 141 -19.61 25.17 10.48
CA TRP E 141 -20.98 25.41 10.93
C TRP E 141 -21.00 26.39 12.08
N GLN E 142 -20.17 26.14 13.09
CA GLN E 142 -20.03 27.07 14.23
C GLN E 142 -19.63 28.48 13.80
N CYS E 143 -18.58 28.59 12.97
CA CYS E 143 -18.11 29.90 12.52
C CYS E 143 -19.21 30.62 11.75
N ALA E 144 -19.87 29.87 10.88
CA ALA E 144 -20.95 30.39 10.07
C ALA E 144 -22.06 30.94 10.95
N GLN E 145 -22.45 30.17 11.97
CA GLN E 145 -23.47 30.65 12.90
C GLN E 145 -23.12 32.00 13.52
N GLU E 146 -21.91 32.10 14.07
CA GLU E 146 -21.48 33.33 14.76
C GLU E 146 -21.33 34.51 13.79
N VAL E 147 -20.76 34.27 12.61
CA VAL E 147 -20.60 35.35 11.64
C VAL E 147 -21.96 35.90 11.21
N VAL E 148 -22.93 34.99 11.00
CA VAL E 148 -24.28 35.39 10.65
C VAL E 148 -24.87 36.28 11.75
N GLN E 149 -24.67 35.88 13.02
CA GLN E 149 -25.12 36.70 14.15
C GLN E 149 -24.45 38.07 14.11
N HIS E 150 -23.14 38.07 13.88
CA HIS E 150 -22.38 39.31 13.76
C HIS E 150 -22.87 40.16 12.58
N ILE E 152 -25.87 40.00 10.97
CA ILE E 152 -27.25 40.45 11.12
C ILE E 152 -27.29 41.66 12.02
N LYS E 153 -26.52 41.61 13.10
CA LYS E 153 -26.41 42.73 14.05
C LYS E 153 -25.95 44.01 13.36
N ALA E 154 -25.14 43.87 12.31
CA ALA E 154 -24.64 45.04 11.59
C ALA E 154 -25.54 45.40 10.40
N GLU E 155 -26.62 44.65 10.22
CA GLU E 155 -27.51 44.80 9.06
C GLU E 155 -26.69 44.73 7.78
N ARG E 156 -25.94 43.65 7.63
CA ARG E 156 -25.01 43.48 6.53
C ARG E 156 -25.34 42.26 5.71
N LYS E 157 -25.45 42.43 4.41
CA LYS E 157 -25.81 41.34 3.53
C LYS E 157 -24.56 40.73 2.93
N GLY E 158 -23.85 39.92 3.69
CA GLY E 158 -22.58 39.38 3.25
C GLY E 158 -22.68 38.03 2.54
N SER E 159 -21.54 37.35 2.46
CA SER E 159 -21.44 36.07 1.76
C SER E 159 -20.61 35.07 2.57
N ILE E 160 -20.92 33.79 2.44
CA ILE E 160 -20.13 32.76 3.07
C ILE E 160 -19.63 31.80 1.99
N ILE E 161 -18.34 31.50 2.03
CA ILE E 161 -17.76 30.56 1.09
C ILE E 161 -17.14 29.38 1.81
N ASN E 162 -17.70 28.20 1.61
CA ASN E 162 -17.15 26.99 2.19
C ASN E 162 -16.24 26.28 1.20
N ILE E 163 -14.99 26.10 1.60
CA ILE E 163 -14.11 25.27 0.79
C ILE E 163 -14.35 23.82 1.15
N THR E 164 -14.97 23.10 0.22
CA THR E 164 -15.19 21.68 0.39
C THR E 164 -14.04 20.92 -0.26
N SER E 165 -14.38 20.14 -1.29
CA SER E 165 -13.46 19.24 -1.96
C SER E 165 -14.26 18.43 -2.96
N ILE E 166 -13.63 17.98 -4.03
CA ILE E 166 -14.35 17.09 -4.96
C ILE E 166 -14.67 15.74 -4.30
N LEU E 167 -13.99 15.43 -3.19
CA LEU E 167 -14.30 14.24 -2.41
C LEU E 167 -15.63 14.32 -1.64
N SER E 168 -16.34 15.45 -1.77
CA SER E 168 -17.67 15.61 -1.22
C SER E 168 -18.69 14.80 -2.01
N GLN E 169 -18.35 14.45 -3.24
CA GLN E 169 -19.20 13.59 -4.10
C GLN E 169 -18.47 12.41 -4.72
N SER E 170 -17.18 12.58 -4.96
CA SER E 170 -16.35 11.50 -5.48
C SER E 170 -15.69 10.77 -4.32
N THR E 171 -15.16 9.59 -4.57
CA THR E 171 -14.52 8.85 -3.51
C THR E 171 -13.04 8.66 -3.80
N ASN E 172 -12.29 8.39 -2.73
CA ASN E 172 -10.95 7.90 -2.85
C ASN E 172 -10.70 7.00 -1.64
N LEU E 173 -9.55 6.34 -1.64
CA LEU E 173 -9.20 5.39 -0.59
C LEU E 173 -8.49 6.05 0.58
N GLY E 174 -8.78 5.59 1.79
CA GLY E 174 -8.01 6.00 2.95
C GLY E 174 -8.41 7.33 3.56
N VAL E 175 -9.57 7.84 3.14
CA VAL E 175 -10.02 9.17 3.52
C VAL E 175 -11.49 9.18 3.93
N SER E 176 -11.94 8.08 4.52
N SER E 176 -11.93 8.08 4.53
CA SER E 176 -13.35 7.91 4.85
CA SER E 176 -13.35 7.90 4.87
C SER E 176 -13.98 9.04 5.71
C SER E 176 -13.97 9.02 5.71
N PRO E 177 -13.34 9.42 6.83
CA PRO E 177 -13.96 10.51 7.61
C PRO E 177 -13.97 11.85 6.87
N TYR E 178 -12.93 12.08 6.09
CA TYR E 178 -12.85 13.26 5.25
C TYR E 178 -14.00 13.31 4.24
N CYS E 179 -14.22 12.22 3.53
CA CYS E 179 -15.30 12.18 2.55
C CYS E 179 -16.65 12.47 3.19
N ALA E 180 -16.87 11.85 4.35
CA ALA E 180 -18.10 12.03 5.11
C ALA E 180 -18.30 13.50 5.48
N SER E 181 -17.23 14.09 6.01
CA SER E 181 -17.31 15.46 6.51
C SER E 181 -17.53 16.45 5.37
N LYS E 182 -16.86 16.23 4.26
CA LYS E 182 -17.02 17.09 3.10
C LYS E 182 -18.40 17.01 2.47
N ALA E 183 -18.96 15.80 2.37
CA ALA E 183 -20.32 15.64 1.86
C ALA E 183 -21.30 16.36 2.76
N GLY E 184 -21.06 16.23 4.07
CA GLY E 184 -21.88 16.90 5.04
C GLY E 184 -21.85 18.39 4.81
N LEU E 185 -20.65 18.92 4.58
CA LEU E 185 -20.46 20.35 4.37
C LEU E 185 -21.11 20.83 3.07
N ARG E 186 -21.02 19.99 2.04
CA ARG E 186 -21.65 20.31 0.76
C ARG E 186 -23.15 20.47 0.94
N HIS E 187 -23.78 19.50 1.61
CA HIS E 187 -25.21 19.57 1.80
C HIS E 187 -25.62 20.64 2.80
N LEU E 188 -24.80 20.86 3.82
CA LEU E 188 -25.09 21.91 4.78
C LEU E 188 -25.09 23.26 4.07
N THR E 189 -24.16 23.44 3.13
CA THR E 189 -24.11 24.66 2.32
C THR E 189 -25.45 24.95 1.63
N GLU E 190 -26.04 23.92 1.00
CA GLU E 190 -27.33 24.08 0.34
C GLU E 190 -28.40 24.46 1.33
N VAL E 191 -28.42 23.78 2.47
CA VAL E 191 -29.40 24.03 3.50
C VAL E 191 -29.25 25.43 4.09
N ALA E 193 -28.01 28.08 2.53
CA ALA E 193 -28.45 29.01 1.49
C ALA E 193 -29.93 29.26 1.61
N VAL E 194 -30.68 28.17 1.82
CA VAL E 194 -32.12 28.27 1.95
C VAL E 194 -32.54 29.01 3.23
N GLU E 195 -31.92 28.67 4.35
CA GLU E 195 -32.33 29.23 5.64
C GLU E 195 -31.82 30.65 5.93
N LEU E 196 -30.78 31.08 5.24
CA LEU E 196 -30.17 32.38 5.52
C LEU E 196 -30.52 33.46 4.49
N ALA E 197 -31.16 33.04 3.40
CA ALA E 197 -31.53 33.96 2.32
C ALA E 197 -32.34 35.15 2.83
N ARG E 198 -33.17 34.91 3.85
CA ARG E 198 -33.99 35.96 4.43
C ARG E 198 -33.17 37.07 5.06
N PHE E 199 -31.90 36.80 5.32
CA PHE E 199 -31.00 37.80 5.86
C PHE E 199 -30.12 38.42 4.77
N GLY E 200 -30.43 38.07 3.53
CA GLY E 200 -29.69 38.60 2.40
C GLY E 200 -28.30 38.03 2.28
N ILE E 201 -28.09 36.88 2.91
CA ILE E 201 -26.77 36.24 2.91
C ILE E 201 -26.75 35.00 2.01
N ASN E 202 -25.88 35.01 1.00
CA ASN E 202 -25.74 33.86 0.15
C ASN E 202 -24.61 32.95 0.62
N VAL E 203 -24.76 31.65 0.38
CA VAL E 203 -23.86 30.65 0.91
C VAL E 203 -23.55 29.68 -0.21
N ASN E 204 -22.27 29.56 -0.55
CA ASN E 204 -21.83 28.68 -1.64
C ASN E 204 -20.55 27.93 -1.29
N ALA E 205 -20.20 26.95 -2.10
CA ALA E 205 -19.00 26.16 -1.85
C ALA E 205 -18.09 26.18 -3.06
N ILE E 206 -16.79 26.04 -2.82
CA ILE E 206 -15.84 25.73 -3.87
C ILE E 206 -15.19 24.40 -3.57
N ALA E 207 -15.16 23.51 -4.55
CA ALA E 207 -14.60 22.18 -4.38
C ALA E 207 -13.35 21.97 -5.24
N PRO E 208 -12.14 22.16 -4.66
CA PRO E 208 -10.90 21.95 -5.39
C PRO E 208 -10.64 20.45 -5.58
N GLY E 209 -10.00 20.11 -6.69
CA GLY E 209 -9.47 18.77 -6.87
C GLY E 209 -8.15 18.63 -6.11
N TYR E 210 -7.30 17.75 -6.58
CA TYR E 210 -5.99 17.61 -5.95
C TYR E 210 -5.06 18.76 -6.34
N ILE E 212 -1.58 20.88 -6.32
CA ILE E 212 -0.15 20.64 -6.33
C ILE E 212 0.44 21.39 -5.14
N THR E 213 0.63 20.67 -4.04
CA THR E 213 1.04 21.32 -2.81
C THR E 213 2.20 20.62 -2.10
N GLU E 214 2.56 21.15 -0.94
CA GLU E 214 3.65 20.66 -0.12
C GLU E 214 3.17 19.64 0.92
N ILE E 215 1.85 19.58 1.13
CA ILE E 215 1.27 18.62 2.08
C ILE E 215 1.39 17.19 1.55
N ASN E 216 1.39 17.07 0.22
CA ASN E 216 1.58 15.79 -0.47
C ASN E 216 2.53 15.90 -1.68
N GLU E 217 3.62 16.64 -1.53
CA GLU E 217 4.57 16.90 -2.62
C GLU E 217 5.36 15.70 -3.16
N GLU E 218 5.80 14.82 -2.27
CA GLU E 218 6.57 13.65 -2.68
C GLU E 218 5.68 12.78 -3.58
N TYR E 219 4.45 12.61 -3.13
CA TYR E 219 3.41 11.86 -3.82
C TYR E 219 3.18 12.38 -5.25
N LEU E 220 3.06 13.69 -5.41
CA LEU E 220 2.66 14.32 -6.67
C LEU E 220 3.74 14.52 -7.74
N THR E 221 4.91 14.99 -7.34
CA THR E 221 5.94 15.33 -8.32
C THR E 221 6.79 14.14 -8.80
N SER E 222 6.68 13.01 -8.11
CA SER E 222 7.44 11.82 -8.49
C SER E 222 6.85 11.18 -9.75
N GLU E 223 7.47 10.10 -10.22
CA GLU E 223 6.97 9.44 -11.42
C GLU E 223 5.78 8.52 -11.11
N VAL E 224 5.76 7.93 -9.92
CA VAL E 224 4.63 7.11 -9.49
C VAL E 224 3.36 7.96 -9.45
N GLY E 225 3.52 9.23 -9.08
CA GLY E 225 2.42 10.17 -9.04
C GLY E 225 2.08 10.74 -10.40
N GLN E 226 3.06 10.71 -11.30
CA GLN E 226 2.90 11.25 -12.65
C GLN E 226 1.90 10.41 -13.45
N GLN E 227 1.73 9.15 -13.04
CA GLN E 227 0.77 8.25 -13.66
C GLN E 227 -0.64 8.61 -13.26
N LEU E 228 -0.77 9.17 -12.07
CA LEU E 228 -2.05 9.64 -11.56
C LEU E 228 -2.57 10.77 -12.45
N LEU E 229 -1.65 11.63 -12.86
CA LEU E 229 -1.91 12.77 -13.74
C LEU E 229 -2.70 12.40 -14.98
N LYS E 230 -2.42 11.23 -15.55
CA LYS E 230 -3.09 10.81 -16.78
C LYS E 230 -4.57 10.46 -16.58
N LYS E 231 -5.01 10.40 -15.33
CA LYS E 231 -6.42 10.18 -15.05
C LYS E 231 -7.18 11.51 -15.16
N ILE E 232 -6.51 12.60 -14.77
CA ILE E 232 -7.10 13.93 -14.90
C ILE E 232 -7.09 14.38 -16.36
N PRO E 233 -8.26 14.74 -16.91
CA PRO E 233 -8.45 15.13 -18.32
C PRO E 233 -7.53 16.23 -18.82
N THR E 234 -7.35 17.29 -18.05
CA THR E 234 -6.43 18.36 -18.44
C THR E 234 -4.94 17.98 -18.21
N ARG E 235 -4.72 16.82 -17.60
CA ARG E 235 -3.39 16.30 -17.24
C ARG E 235 -2.56 17.25 -16.36
N LYS E 236 -3.26 18.00 -15.52
CA LYS E 236 -2.65 18.95 -14.62
C LYS E 236 -3.33 18.85 -13.26
N PHE E 237 -2.55 18.99 -12.21
CA PHE E 237 -3.10 19.17 -10.87
C PHE E 237 -3.67 20.58 -10.72
N VAL E 238 -4.46 20.80 -9.68
CA VAL E 238 -5.06 22.10 -9.48
C VAL E 238 -4.01 23.06 -8.93
N GLU E 239 -3.91 24.22 -9.59
CA GLU E 239 -3.04 25.30 -9.14
C GLU E 239 -3.89 26.22 -8.29
N PHE E 240 -3.28 26.88 -7.30
CA PHE E 240 -4.04 27.80 -6.46
C PHE E 240 -4.78 28.88 -7.25
N ASP E 241 -4.11 29.41 -8.27
CA ASP E 241 -4.69 30.45 -9.11
C ASP E 241 -6.01 30.04 -9.79
N ASP E 242 -6.21 28.73 -9.97
CA ASP E 242 -7.45 28.22 -10.57
C ASP E 242 -8.67 28.53 -9.74
N LEU E 243 -8.45 28.80 -8.46
CA LEU E 243 -9.55 29.03 -7.53
C LEU E 243 -9.92 30.50 -7.51
N ASN E 244 -9.01 31.34 -8.00
CA ASN E 244 -9.15 32.80 -7.94
C ASN E 244 -10.44 33.37 -8.48
N GLY E 245 -10.80 32.97 -9.70
CA GLY E 245 -12.03 33.41 -10.33
C GLY E 245 -13.27 33.06 -9.51
N PRO E 246 -13.46 31.77 -9.20
CA PRO E 246 -14.59 31.37 -8.36
C PRO E 246 -14.64 32.06 -7.01
N LEU E 247 -13.47 32.29 -6.42
CA LEU E 247 -13.40 32.99 -5.15
C LEU E 247 -13.95 34.39 -5.30
N LEU E 248 -13.51 35.07 -6.36
CA LEU E 248 -13.96 36.45 -6.57
C LEU E 248 -15.44 36.50 -6.94
N LEU E 249 -15.89 35.54 -7.73
CA LEU E 249 -17.30 35.43 -8.08
C LEU E 249 -18.18 35.34 -6.85
N LEU E 250 -17.87 34.39 -5.96
CA LEU E 250 -18.78 34.09 -4.87
C LEU E 250 -18.74 35.09 -3.74
N ALA E 251 -17.74 35.96 -3.76
CA ALA E 251 -17.56 36.96 -2.72
C ALA E 251 -18.05 38.37 -3.11
N SER E 252 -18.41 38.55 -4.37
CA SER E 252 -18.77 39.88 -4.85
C SER E 252 -20.20 39.95 -5.43
N GLN E 253 -20.56 41.13 -5.91
CA GLN E 253 -21.86 41.37 -6.54
C GLN E 253 -22.14 40.41 -7.70
N ALA E 254 -21.10 40.01 -8.40
CA ALA E 254 -21.22 39.08 -9.52
C ALA E 254 -21.95 37.81 -9.11
N GLY E 255 -21.80 37.42 -7.86
CA GLY E 255 -22.38 36.18 -7.39
C GLY E 255 -23.63 36.34 -6.56
N GLN E 256 -24.17 37.55 -6.46
CA GLN E 256 -25.28 37.77 -5.52
C GLN E 256 -26.54 37.00 -5.88
N GLY E 257 -26.71 36.64 -7.14
CA GLY E 257 -27.84 35.83 -7.54
C GLY E 257 -27.59 34.34 -7.36
N ILE E 258 -26.43 34.00 -6.81
CA ILE E 258 -26.06 32.60 -6.68
C ILE E 258 -26.02 32.20 -5.23
N THR E 259 -26.78 31.17 -4.86
CA THR E 259 -26.74 30.65 -3.51
C THR E 259 -27.04 29.13 -3.56
N GLY E 260 -26.35 28.35 -2.72
CA GLY E 260 -26.60 26.91 -2.61
C GLY E 260 -25.85 26.00 -3.58
N ILE E 261 -24.76 26.49 -4.14
CA ILE E 261 -24.05 25.68 -5.13
C ILE E 261 -22.64 25.35 -4.72
N GLU E 262 -22.05 24.37 -5.41
CA GLU E 262 -20.65 24.03 -5.24
C GLU E 262 -19.97 24.08 -6.61
N ILE E 263 -19.00 24.97 -6.75
CA ILE E 263 -18.24 25.08 -7.99
C ILE E 263 -16.98 24.21 -7.93
N LYS E 264 -16.94 23.17 -8.74
CA LYS E 264 -15.79 22.29 -8.76
C LYS E 264 -14.68 22.86 -9.60
N VAL E 265 -13.47 22.86 -9.04
CA VAL E 265 -12.29 23.29 -9.78
C VAL E 265 -11.29 22.17 -9.76
N ASP E 266 -11.28 21.39 -10.83
CA ASP E 266 -10.54 20.13 -10.83
C ASP E 266 -10.06 19.65 -12.21
N GLY E 267 -10.16 20.50 -13.24
CA GLY E 267 -9.72 20.09 -14.56
C GLY E 267 -10.41 18.84 -15.10
N GLY E 268 -11.66 18.62 -14.71
CA GLY E 268 -12.44 17.51 -15.21
C GLY E 268 -12.21 16.21 -14.45
N HIS E 269 -11.45 16.31 -13.36
CA HIS E 269 -11.12 15.14 -12.56
C HIS E 269 -12.38 14.36 -12.15
N SER E 270 -13.37 15.03 -11.60
CA SER E 270 -14.56 14.36 -11.09
C SER E 270 -15.41 13.81 -12.23
N ALA E 271 -15.12 14.29 -13.43
CA ALA E 271 -15.85 13.86 -14.63
C ALA E 271 -15.13 12.73 -15.36
N ALA E 272 -13.94 12.36 -14.89
CA ALA E 272 -13.11 11.35 -15.54
C ALA E 272 -13.84 10.02 -15.65
N PRO E 273 -13.53 9.23 -16.69
CA PRO E 273 -14.20 7.95 -16.96
C PRO E 273 -14.22 6.98 -15.79
N ASN F 21 27.98 -17.45 42.43
CA ASN F 21 27.95 -16.37 41.43
C ASN F 21 28.89 -16.58 40.23
N ILE F 22 28.29 -16.98 39.11
CA ILE F 22 29.07 -17.32 37.92
C ILE F 22 29.60 -16.09 37.17
N PHE F 23 29.07 -14.91 37.50
CA PHE F 23 29.50 -13.67 36.85
C PHE F 23 30.53 -12.91 37.70
N ASP F 24 31.09 -13.60 38.67
CA ASP F 24 32.05 -12.99 39.58
C ASP F 24 33.30 -12.45 38.85
N VAL F 25 33.64 -11.20 39.13
CA VAL F 25 34.87 -10.61 38.62
C VAL F 25 35.67 -9.96 39.75
N LYS F 26 35.31 -10.26 40.98
CA LYS F 26 36.01 -9.69 42.13
C LYS F 26 37.50 -9.99 42.13
N ASP F 27 38.30 -8.95 42.34
CA ASP F 27 39.76 -9.02 42.43
C ASP F 27 40.50 -9.28 41.11
N LYS F 28 39.77 -9.44 40.01
CA LYS F 28 40.41 -9.55 38.70
C LYS F 28 41.02 -8.21 38.35
N TYR F 29 41.98 -8.24 37.43
CA TYR F 29 42.54 -7.01 36.86
C TYR F 29 42.00 -6.88 35.42
N ILE F 30 41.24 -5.81 35.20
CA ILE F 30 40.63 -5.55 33.92
C ILE F 30 41.39 -4.44 33.22
N LEU F 31 41.95 -4.74 32.05
CA LEU F 31 42.66 -3.71 31.26
C LEU F 31 41.74 -3.09 30.23
N ILE F 32 41.56 -1.77 30.32
CA ILE F 32 40.65 -1.05 29.46
C ILE F 32 41.37 0.02 28.65
N THR F 33 41.46 -0.20 27.35
CA THR F 33 41.99 0.80 26.46
C THR F 33 40.83 1.74 26.12
N GLY F 34 41.15 2.91 25.58
CA GLY F 34 40.13 3.89 25.23
C GLY F 34 39.35 4.37 26.44
N ALA F 35 40.02 4.44 27.58
CA ALA F 35 39.35 4.67 28.86
C ALA F 35 38.79 6.08 29.08
N SER F 36 39.23 7.03 28.27
CA SER F 36 38.81 8.43 28.47
C SER F 36 37.46 8.78 27.84
N SER F 37 36.98 7.91 26.96
CA SER F 37 35.67 8.06 26.35
C SER F 37 34.55 7.80 27.36
N GLY F 38 33.34 8.22 27.00
CA GLY F 38 32.15 7.95 27.78
C GLY F 38 31.93 6.46 28.05
N LEU F 39 32.08 5.64 27.01
CA LEU F 39 31.94 4.20 27.18
C LEU F 39 33.04 3.68 28.10
N GLY F 40 34.27 4.15 27.88
CA GLY F 40 35.40 3.76 28.70
C GLY F 40 35.24 4.08 30.17
N HIS F 41 34.68 5.26 30.45
CA HIS F 41 34.40 5.61 31.81
C HIS F 41 33.41 4.61 32.37
N HIS F 42 32.35 4.35 31.59
CA HIS F 42 31.29 3.47 32.03
C HIS F 42 31.77 2.06 32.34
N ILE F 43 32.59 1.50 31.45
CA ILE F 43 33.11 0.16 31.65
C ILE F 43 33.95 0.11 32.90
N ALA F 44 34.82 1.11 33.08
CA ALA F 44 35.67 1.16 34.27
C ALA F 44 34.84 1.16 35.56
N GLU F 45 33.76 1.94 35.54
CA GLU F 45 32.89 2.08 36.70
C GLU F 45 32.12 0.79 36.94
N LEU F 46 31.73 0.13 35.84
CA LEU F 46 31.00 -1.13 35.93
C LEU F 46 31.85 -2.16 36.66
N PHE F 47 33.08 -2.35 36.21
CA PHE F 47 33.93 -3.38 36.79
C PHE F 47 34.37 -3.09 38.21
N ALA F 48 34.60 -1.82 38.52
CA ALA F 48 34.97 -1.42 39.86
C ALA F 48 33.85 -1.73 40.83
N LYS F 49 32.63 -1.42 40.39
CA LYS F 49 31.41 -1.66 41.16
C LYS F 49 31.28 -3.14 41.48
N GLU F 50 31.76 -3.97 40.58
CA GLU F 50 31.72 -5.41 40.78
C GLU F 50 32.92 -5.94 41.54
N GLY F 51 33.73 -5.04 42.09
CA GLY F 51 34.87 -5.43 42.91
C GLY F 51 36.10 -5.80 42.11
N ALA F 52 36.14 -5.44 40.83
CA ALA F 52 37.31 -5.77 40.02
C ALA F 52 38.32 -4.63 40.05
N ASN F 53 39.60 -4.99 39.96
CA ASN F 53 40.66 -4.01 39.85
C ASN F 53 40.77 -3.46 38.42
N ILE F 54 41.21 -2.23 38.29
CA ILE F 54 41.10 -1.50 37.04
C ILE F 54 42.45 -0.97 36.52
N VAL F 55 42.81 -1.35 35.29
CA VAL F 55 43.90 -0.69 34.60
C VAL F 55 43.36 0.06 33.39
N ILE F 56 43.45 1.39 33.43
CA ILE F 56 42.90 2.22 32.37
C ILE F 56 44.03 2.98 31.67
N CYS F 57 43.96 3.05 30.35
CA CYS F 57 44.88 3.90 29.65
C CYS F 57 44.21 4.70 28.54
N ALA F 58 44.81 5.85 28.24
CA ALA F 58 44.35 6.75 27.22
C ALA F 58 45.54 7.66 26.93
N ARG F 59 45.46 8.52 25.93
CA ARG F 59 46.59 9.39 25.63
C ARG F 59 46.89 10.45 26.69
N ARG F 60 45.87 11.14 27.22
CA ARG F 60 46.11 12.27 28.13
C ARG F 60 45.89 11.88 29.59
N LEU F 61 46.96 11.89 30.37
CA LEU F 61 46.94 11.44 31.76
C LEU F 61 45.89 12.16 32.61
N GLU F 62 45.64 13.43 32.33
CA GLU F 62 44.73 14.25 33.14
C GLU F 62 43.27 13.76 33.10
N ARG F 63 42.82 13.28 31.94
CA ARG F 63 41.46 12.77 31.83
C ARG F 63 41.29 11.46 32.59
N LEU F 64 42.39 10.79 32.89
CA LEU F 64 42.32 9.52 33.60
C LEU F 64 42.35 9.77 35.09
N LYS F 65 42.95 10.89 35.51
CA LYS F 65 43.09 11.19 36.94
C LYS F 65 41.73 11.46 37.55
N GLU F 66 40.88 12.17 36.83
CA GLU F 66 39.53 12.39 37.30
C GLU F 66 38.85 11.01 37.49
N LEU F 67 39.00 10.13 36.51
CA LEU F 67 38.37 8.83 36.57
C LEU F 67 38.92 8.00 37.72
N GLU F 68 40.26 7.98 37.81
CA GLU F 68 40.97 7.28 38.86
C GLU F 68 40.45 7.65 40.26
N SER F 69 40.34 8.95 40.52
CA SER F 69 39.90 9.42 41.83
C SER F 69 38.47 9.00 42.07
N HIS F 70 37.64 9.23 41.07
CA HIS F 70 36.23 8.90 41.16
C HIS F 70 36.08 7.43 41.52
N ILE F 71 36.84 6.56 40.85
CA ILE F 71 36.76 5.12 41.13
C ILE F 71 37.35 4.71 42.49
N LYS F 72 38.53 5.19 42.80
CA LYS F 72 39.18 4.89 44.07
C LYS F 72 38.31 5.35 45.23
N ASN F 73 37.73 6.53 45.08
CA ASN F 73 36.90 7.11 46.11
C ASN F 73 35.60 6.33 46.35
N GLU F 74 34.92 5.96 45.27
CA GLU F 74 33.61 5.34 45.38
C GLU F 74 33.66 3.85 45.69
N TYR F 75 34.62 3.15 45.11
CA TYR F 75 34.65 1.69 45.16
C TYR F 75 35.83 1.06 45.89
N GLY F 76 36.89 1.85 46.09
CA GLY F 76 38.06 1.38 46.83
C GLY F 76 38.81 0.20 46.23
N VAL F 77 38.72 0.02 44.91
CA VAL F 77 39.51 -1.01 44.22
C VAL F 77 40.86 -0.42 43.79
N GLN F 78 41.80 -1.29 43.41
CA GLN F 78 43.06 -0.82 42.85
C GLN F 78 42.84 -0.22 41.46
N VAL F 79 43.48 0.93 41.22
CA VAL F 79 43.46 1.56 39.91
C VAL F 79 44.88 1.90 39.43
N TYR F 80 45.20 1.46 38.22
CA TYR F 80 46.45 1.81 37.59
C TYR F 80 46.17 2.60 36.31
N THR F 81 46.80 3.76 36.20
CA THR F 81 46.65 4.60 35.03
C THR F 81 47.91 4.61 34.18
N PHE F 82 47.72 4.68 32.86
CA PHE F 82 48.83 4.82 31.92
C PHE F 82 48.44 5.79 30.82
N ALA F 83 49.26 6.83 30.65
CA ALA F 83 49.12 7.69 29.49
C ALA F 83 50.02 7.10 28.42
N LEU F 84 49.45 6.77 27.28
CA LEU F 84 50.20 6.24 26.15
C LEU F 84 49.31 6.22 24.92
N ASP F 85 49.92 6.03 23.75
CA ASP F 85 49.23 5.79 22.50
C ASP F 85 49.06 4.27 22.29
N VAL F 86 47.82 3.84 22.08
CA VAL F 86 47.51 2.41 21.89
C VAL F 86 48.16 1.79 20.64
N ASN F 87 48.59 2.63 19.69
CA ASN F 87 49.24 2.12 18.49
C ASN F 87 50.72 1.90 18.68
N ASP F 88 51.21 2.31 19.84
CA ASP F 88 52.61 2.18 20.22
C ASP F 88 52.83 0.86 20.96
N ARG F 89 53.35 -0.12 20.23
CA ARG F 89 53.55 -1.45 20.78
C ARG F 89 54.53 -1.41 21.93
N SER F 90 55.61 -0.64 21.79
CA SER F 90 56.62 -0.62 22.83
C SER F 90 56.08 0.00 24.14
N ALA F 91 55.21 0.99 24.00
CA ALA F 91 54.57 1.58 25.17
C ALA F 91 53.64 0.60 25.87
N VAL F 92 52.85 -0.12 25.09
CA VAL F 92 51.93 -1.10 25.64
C VAL F 92 52.72 -2.19 26.35
N LYS F 93 53.76 -2.68 25.71
CA LYS F 93 54.62 -3.69 26.28
C LYS F 93 55.25 -3.20 27.59
N ASP F 94 55.76 -1.97 27.62
CA ASP F 94 56.34 -1.44 28.87
C ASP F 94 55.29 -1.32 29.97
N LEU F 96 52.79 -3.33 30.41
CA LEU F 96 52.67 -4.68 30.95
C LEU F 96 53.84 -5.11 31.82
N SER F 97 55.07 -4.86 31.36
CA SER F 97 56.27 -5.18 32.10
C SER F 97 56.24 -4.48 33.44
N SER F 98 55.77 -3.23 33.40
CA SER F 98 55.63 -2.43 34.60
C SER F 98 54.66 -3.13 35.54
N LEU F 99 53.55 -3.60 34.99
CA LEU F 99 52.57 -4.32 35.78
C LEU F 99 53.13 -5.64 36.30
N GLU F 100 53.78 -6.40 35.44
CA GLU F 100 54.40 -7.66 35.84
C GLU F 100 55.35 -7.49 37.03
N ALA F 101 56.15 -6.42 37.03
CA ALA F 101 57.13 -6.18 38.10
C ALA F 101 56.50 -5.85 39.44
N GLU F 102 55.24 -5.40 39.40
CA GLU F 102 54.47 -5.11 40.59
C GLU F 102 53.61 -6.31 40.99
N GLY F 103 53.82 -7.44 40.31
CA GLY F 103 53.09 -8.67 40.58
C GLY F 103 51.67 -8.73 40.05
N VAL F 104 51.33 -7.81 39.15
CA VAL F 104 49.99 -7.71 38.60
C VAL F 104 49.89 -8.44 37.26
N THR F 105 48.89 -9.32 37.15
CA THR F 105 48.64 -9.99 35.91
C THR F 105 47.24 -9.63 35.43
N ILE F 106 47.14 -9.14 34.20
CA ILE F 106 45.85 -8.82 33.62
C ILE F 106 45.00 -10.07 33.38
N ASP F 107 43.74 -10.03 33.84
CA ASP F 107 42.79 -11.12 33.60
C ASP F 107 41.91 -10.92 32.35
N VAL F 108 41.48 -9.69 32.12
CA VAL F 108 40.62 -9.38 31.00
C VAL F 108 41.13 -8.16 30.25
N LEU F 109 41.27 -8.30 28.94
CA LEU F 109 41.53 -7.13 28.09
C LEU F 109 40.24 -6.69 27.43
N ILE F 110 39.88 -5.43 27.63
CA ILE F 110 38.78 -4.82 26.90
C ILE F 110 39.31 -3.78 25.91
N ASN F 111 39.32 -4.16 24.63
CA ASN F 111 39.72 -3.30 23.53
C ASN F 111 38.60 -2.33 23.16
N ASN F 112 38.77 -1.10 23.61
CA ASN F 112 37.73 -0.09 23.46
C ASN F 112 38.31 1.16 22.79
N ALA F 113 39.45 1.02 22.14
CA ALA F 113 39.99 2.15 21.39
C ALA F 113 39.24 2.22 20.06
N GLY F 114 38.77 3.40 19.71
CA GLY F 114 37.99 3.56 18.50
C GLY F 114 37.71 5.00 18.12
N VAL F 115 38.10 5.38 16.90
CA VAL F 115 37.80 6.71 16.37
C VAL F 115 37.09 6.62 15.04
N SER F 116 36.35 7.66 14.67
CA SER F 116 35.64 7.64 13.39
C SER F 116 35.55 9.03 12.75
N ASP F 117 34.70 9.15 11.74
CA ASP F 117 34.55 10.41 11.06
C ASP F 117 33.28 10.26 10.25
N THR F 118 32.91 11.33 9.54
CA THR F 118 31.79 11.30 8.62
C THR F 118 32.24 12.03 7.36
N LYS F 119 32.45 11.28 6.26
CA LYS F 119 32.87 11.83 4.97
C LYS F 119 32.30 10.97 3.85
N ARG F 120 32.01 11.58 2.71
CA ARG F 120 31.57 10.80 1.54
C ARG F 120 32.65 9.77 1.20
N PHE F 121 32.25 8.68 0.56
CA PHE F 121 33.21 7.65 0.20
C PHE F 121 34.46 8.21 -0.52
N LEU F 122 34.27 9.13 -1.46
CA LEU F 122 35.41 9.65 -2.24
C LEU F 122 36.24 10.75 -1.54
N ASP F 123 35.78 11.24 -0.40
CA ASP F 123 36.47 12.33 0.32
C ASP F 123 37.42 11.83 1.44
N TYR F 124 37.29 10.58 1.85
CA TYR F 124 38.24 10.00 2.79
C TYR F 124 39.60 9.91 2.13
N ASN F 125 40.64 10.35 2.84
CA ASN F 125 42.01 10.26 2.32
C ASN F 125 42.86 9.23 3.06
N ASP F 126 44.10 9.08 2.62
CA ASP F 126 45.03 8.10 3.19
C ASP F 126 45.29 8.33 4.68
N GLU F 127 45.31 9.60 5.10
CA GLU F 127 45.52 9.93 6.51
C GLU F 127 44.33 9.51 7.35
N ASP F 128 43.12 9.77 6.86
CA ASP F 128 41.90 9.32 7.52
C ASP F 128 41.91 7.81 7.64
N TRP F 129 42.29 7.12 6.55
CA TRP F 129 42.31 5.67 6.54
C TRP F 129 43.25 5.15 7.64
N ASP F 130 44.48 5.62 7.65
CA ASP F 130 45.45 5.16 8.65
C ASP F 130 45.00 5.39 10.11
N LYS F 131 44.51 6.59 10.43
CA LYS F 131 44.04 6.85 11.78
C LYS F 131 42.89 5.91 12.16
N ILE F 132 41.92 5.78 11.27
CA ILE F 132 40.73 5.02 11.56
C ILE F 132 41.00 3.51 11.63
N VAL F 133 41.66 2.97 10.60
CA VAL F 133 41.91 1.55 10.52
C VAL F 133 43.00 1.11 11.51
N ASP F 134 44.03 1.93 11.73
CA ASP F 134 45.04 1.55 12.74
C ASP F 134 44.49 1.52 14.15
N THR F 135 43.70 2.53 14.50
CA THR F 135 43.14 2.62 15.83
C THR F 135 42.08 1.55 16.10
N ASN F 136 41.23 1.31 15.10
CA ASN F 136 40.10 0.39 15.28
C ASN F 136 40.43 -1.09 15.06
N LEU F 137 41.51 -1.36 14.34
CA LEU F 137 41.80 -2.73 13.97
C LEU F 137 43.21 -3.15 14.34
N LYS F 138 44.19 -2.35 13.92
CA LYS F 138 45.56 -2.71 14.17
C LYS F 138 45.91 -2.70 15.67
N ALA F 139 45.48 -1.64 16.35
CA ALA F 139 45.75 -1.51 17.78
C ALA F 139 45.16 -2.63 18.66
N PRO F 140 43.85 -2.96 18.51
CA PRO F 140 43.35 -4.07 19.34
C PRO F 140 44.15 -5.34 19.08
N TRP F 141 44.56 -5.56 17.84
CA TRP F 141 45.41 -6.70 17.50
C TRP F 141 46.78 -6.66 18.23
N GLN F 142 47.48 -5.51 18.16
CA GLN F 142 48.74 -5.32 18.88
C GLN F 142 48.58 -5.54 20.38
N CYS F 143 47.57 -4.90 20.96
CA CYS F 143 47.32 -5.03 22.39
C CYS F 143 47.04 -6.47 22.75
N ALA F 144 46.25 -7.16 21.93
CA ALA F 144 45.93 -8.58 22.16
C ALA F 144 47.20 -9.43 22.18
N GLN F 145 48.05 -9.26 21.18
CA GLN F 145 49.33 -9.97 21.15
C GLN F 145 50.12 -9.74 22.44
N GLU F 146 50.26 -8.48 22.84
CA GLU F 146 51.06 -8.15 24.00
C GLU F 146 50.43 -8.66 25.30
N VAL F 147 49.12 -8.50 25.42
CA VAL F 147 48.42 -8.99 26.62
C VAL F 147 48.52 -10.51 26.71
N VAL F 148 48.41 -11.19 25.58
CA VAL F 148 48.54 -12.64 25.56
C VAL F 148 49.93 -13.12 26.02
N GLN F 149 51.00 -12.49 25.55
CA GLN F 149 52.33 -12.84 26.01
C GLN F 149 52.45 -12.67 27.53
N HIS F 150 51.89 -11.57 28.01
CA HIS F 150 51.87 -11.24 29.43
C HIS F 150 51.16 -12.35 30.22
N ILE F 152 50.65 -15.48 29.18
CA ILE F 152 51.35 -16.73 29.01
C ILE F 152 52.52 -16.79 29.96
N LYS F 153 53.25 -15.68 30.07
CA LYS F 153 54.38 -15.57 30.97
C LYS F 153 54.00 -15.85 32.43
N ALA F 154 52.78 -15.46 32.82
CA ALA F 154 52.27 -15.70 34.18
C ALA F 154 51.46 -16.99 34.30
N GLU F 155 51.37 -17.73 33.19
CA GLU F 155 50.54 -18.93 33.10
C GLU F 155 49.10 -18.69 33.56
N ARG F 156 48.47 -17.70 32.93
CA ARG F 156 47.14 -17.23 33.31
C ARG F 156 46.21 -17.40 32.14
N LYS F 157 45.02 -17.94 32.42
CA LYS F 157 43.99 -18.20 31.41
C LYS F 157 42.90 -17.13 31.40
N GLY F 158 43.16 -15.97 30.80
CA GLY F 158 42.22 -14.86 30.79
C GLY F 158 41.25 -14.74 29.63
N SER F 159 40.70 -13.54 29.42
CA SER F 159 39.70 -13.27 28.38
C SER F 159 39.99 -12.00 27.61
N ILE F 160 39.59 -11.99 26.34
CA ILE F 160 39.70 -10.77 25.56
C ILE F 160 38.32 -10.40 25.04
N ILE F 161 37.94 -9.13 25.21
CA ILE F 161 36.67 -8.65 24.71
C ILE F 161 36.93 -7.47 23.76
N ASN F 162 36.58 -7.64 22.50
CA ASN F 162 36.72 -6.56 21.53
C ASN F 162 35.41 -5.81 21.36
N ILE F 163 35.43 -4.51 21.60
CA ILE F 163 34.24 -3.71 21.30
C ILE F 163 34.24 -3.40 19.81
N THR F 164 33.30 -3.99 19.09
CA THR F 164 33.18 -3.75 17.67
C THR F 164 32.12 -2.67 17.44
N SER F 165 31.02 -3.07 16.80
CA SER F 165 29.91 -2.21 16.41
C SER F 165 29.00 -3.02 15.50
N ILE F 166 27.71 -2.71 15.47
CA ILE F 166 26.84 -3.37 14.50
C ILE F 166 27.28 -3.03 13.07
N LEU F 167 28.06 -1.97 12.92
CA LEU F 167 28.56 -1.58 11.60
C LEU F 167 29.60 -2.57 11.09
N SER F 168 29.92 -3.58 11.89
CA SER F 168 30.80 -4.63 11.45
C SER F 168 30.11 -5.54 10.44
N GLN F 169 28.77 -5.54 10.40
CA GLN F 169 28.00 -6.32 9.40
C GLN F 169 26.94 -5.48 8.68
N SER F 170 26.43 -4.46 9.38
CA SER F 170 25.49 -3.53 8.77
C SER F 170 26.27 -2.38 8.15
N THR F 171 25.61 -1.62 7.29
CA THR F 171 26.23 -0.48 6.64
C THR F 171 25.55 0.81 7.05
N ASN F 172 26.28 1.90 6.90
CA ASN F 172 25.68 3.22 6.94
C ASN F 172 26.49 4.16 6.04
N LEU F 173 25.98 5.37 5.86
CA LEU F 173 26.65 6.31 4.98
C LEU F 173 27.73 7.09 5.69
N GLY F 174 28.83 7.31 4.99
CA GLY F 174 29.89 8.21 5.43
C GLY F 174 30.88 7.63 6.40
N VAL F 175 30.87 6.31 6.58
CA VAL F 175 31.73 5.72 7.60
C VAL F 175 32.45 4.52 7.03
N SER F 176 32.82 4.62 5.75
N SER F 176 32.82 4.62 5.75
CA SER F 176 33.41 3.49 5.04
CA SER F 176 33.43 3.51 5.01
C SER F 176 34.64 2.85 5.71
C SER F 176 34.65 2.85 5.68
N PRO F 177 35.65 3.66 6.10
CA PRO F 177 36.81 3.00 6.72
C PRO F 177 36.50 2.36 8.08
N TYR F 178 35.61 3.00 8.85
CA TYR F 178 35.13 2.45 10.11
C TYR F 178 34.48 1.06 9.91
N CYS F 179 33.57 0.97 8.94
CA CYS F 179 32.96 -0.30 8.62
C CYS F 179 33.98 -1.38 8.28
N ALA F 180 34.96 -1.02 7.44
CA ALA F 180 35.96 -2.00 7.04
C ALA F 180 36.73 -2.53 8.26
N SER F 181 37.17 -1.61 9.13
CA SER F 181 37.97 -2.00 10.29
C SER F 181 37.14 -2.85 11.27
N LYS F 182 35.88 -2.48 11.48
CA LYS F 182 35.01 -3.27 12.36
C LYS F 182 34.73 -4.66 11.82
N ALA F 183 34.48 -4.76 10.52
CA ALA F 183 34.30 -6.08 9.93
C ALA F 183 35.59 -6.88 10.07
N GLY F 184 36.74 -6.24 9.83
CA GLY F 184 38.03 -6.88 10.03
C GLY F 184 38.21 -7.38 11.47
N LEU F 185 37.91 -6.52 12.44
CA LEU F 185 38.05 -6.88 13.85
C LEU F 185 37.11 -8.03 14.25
N ARG F 186 35.91 -8.03 13.68
CA ARG F 186 34.96 -9.10 13.92
C ARG F 186 35.52 -10.46 13.48
N HIS F 187 36.04 -10.54 12.26
CA HIS F 187 36.53 -11.83 11.80
C HIS F 187 37.81 -12.16 12.54
N LEU F 188 38.55 -11.13 12.92
CA LEU F 188 39.80 -11.30 13.65
C LEU F 188 39.52 -11.92 15.01
N THR F 189 38.42 -11.50 15.63
CA THR F 189 37.93 -12.11 16.87
C THR F 189 37.71 -13.62 16.75
N GLU F 190 37.10 -14.07 15.65
CA GLU F 190 36.88 -15.50 15.42
C GLU F 190 38.20 -16.28 15.28
N VAL F 191 39.10 -15.74 14.49
CA VAL F 191 40.42 -16.33 14.24
C VAL F 191 41.23 -16.37 15.52
N ALA F 193 40.10 -16.52 18.53
CA ALA F 193 39.51 -17.51 19.44
C ALA F 193 40.08 -18.87 19.15
N VAL F 194 40.18 -19.19 17.87
CA VAL F 194 40.72 -20.47 17.42
C VAL F 194 42.19 -20.57 17.79
N GLU F 195 42.95 -19.50 17.54
CA GLU F 195 44.39 -19.55 17.75
C GLU F 195 44.87 -19.34 19.19
N LEU F 196 44.04 -18.77 20.04
CA LEU F 196 44.46 -18.55 21.41
C LEU F 196 43.81 -19.54 22.39
N ALA F 197 42.89 -20.36 21.90
CA ALA F 197 42.22 -21.36 22.74
C ALA F 197 43.20 -22.31 23.44
N ARG F 198 44.29 -22.65 22.77
CA ARG F 198 45.26 -23.58 23.37
C ARG F 198 45.95 -23.00 24.61
N PHE F 199 45.88 -21.68 24.80
CA PHE F 199 46.47 -21.05 25.98
C PHE F 199 45.41 -20.77 27.05
N GLY F 200 44.21 -21.30 26.85
CA GLY F 200 43.07 -21.10 27.75
C GLY F 200 42.43 -19.72 27.71
N ILE F 201 42.65 -19.00 26.61
CA ILE F 201 42.19 -17.62 26.49
C ILE F 201 41.00 -17.53 25.53
N ASN F 202 39.84 -17.10 26.02
CA ASN F 202 38.72 -16.95 25.10
C ASN F 202 38.60 -15.50 24.56
N VAL F 203 38.09 -15.40 23.35
CA VAL F 203 38.09 -14.13 22.63
C VAL F 203 36.73 -13.90 22.04
N ASN F 204 36.10 -12.80 22.43
CA ASN F 204 34.74 -12.52 21.98
C ASN F 204 34.55 -11.05 21.69
N ALA F 205 33.45 -10.71 21.03
CA ALA F 205 33.16 -9.31 20.71
C ALA F 205 31.77 -8.88 21.22
N ILE F 206 31.66 -7.60 21.54
CA ILE F 206 30.37 -7.02 21.79
C ILE F 206 30.19 -5.91 20.75
N ALA F 207 29.05 -5.92 20.06
CA ALA F 207 28.77 -4.96 18.99
C ALA F 207 27.57 -4.07 19.35
N PRO F 208 27.84 -2.89 19.91
CA PRO F 208 26.75 -1.97 20.24
C PRO F 208 26.21 -1.31 18.98
N GLY F 209 24.92 -0.99 19.03
CA GLY F 209 24.33 -0.10 18.05
C GLY F 209 24.70 1.35 18.39
N TYR F 210 23.89 2.29 17.97
CA TYR F 210 24.18 3.70 18.25
C TYR F 210 23.88 4.01 19.72
N ILE F 212 23.70 6.17 23.16
CA ILE F 212 23.46 7.51 23.64
C ILE F 212 24.66 7.90 24.52
N THR F 213 25.62 8.53 23.87
CA THR F 213 26.83 9.01 24.50
C THR F 213 27.02 10.42 24.01
N GLU F 214 28.08 11.09 24.44
CA GLU F 214 28.25 12.50 24.11
C GLU F 214 29.08 12.67 22.83
N ILE F 215 29.76 11.62 22.40
CA ILE F 215 30.56 11.67 21.17
C ILE F 215 29.68 11.71 19.91
N ASN F 216 28.43 11.25 20.01
CA ASN F 216 27.51 11.33 18.87
C ASN F 216 26.12 11.92 19.17
N GLU F 217 26.10 12.92 20.05
CA GLU F 217 24.87 13.62 20.42
C GLU F 217 24.32 14.39 19.22
N GLU F 218 25.20 15.02 18.46
CA GLU F 218 24.75 15.79 17.29
C GLU F 218 24.13 14.91 16.19
N TYR F 219 24.76 13.79 15.87
CA TYR F 219 24.20 12.88 14.86
C TYR F 219 22.78 12.40 15.26
N LEU F 220 22.63 12.00 16.52
CA LEU F 220 21.41 11.36 17.01
C LEU F 220 20.24 12.32 17.23
N THR F 221 20.55 13.53 17.72
CA THR F 221 19.50 14.52 17.99
C THR F 221 19.14 15.27 16.70
N SER F 222 19.89 15.05 15.63
CA SER F 222 19.58 15.66 14.34
C SER F 222 18.35 14.95 13.74
N GLU F 223 17.90 15.39 12.57
CA GLU F 223 16.72 14.77 11.97
C GLU F 223 17.02 13.45 11.27
N VAL F 224 18.22 13.34 10.71
CA VAL F 224 18.65 12.09 10.10
C VAL F 224 18.71 11.02 11.20
N GLY F 225 19.03 11.43 12.43
CA GLY F 225 19.03 10.49 13.54
C GLY F 225 17.64 10.23 14.11
N GLN F 226 16.73 11.19 13.98
CA GLN F 226 15.36 10.99 14.46
C GLN F 226 14.59 10.04 13.55
N GLN F 227 14.99 9.99 12.29
CA GLN F 227 14.39 9.05 11.36
C GLN F 227 14.90 7.64 11.66
N LEU F 228 16.11 7.57 12.20
CA LEU F 228 16.67 6.30 12.71
C LEU F 228 15.86 5.70 13.84
N LEU F 229 15.47 6.53 14.80
CA LEU F 229 14.69 6.06 15.94
C LEU F 229 13.43 5.27 15.60
N LYS F 230 12.63 5.76 14.65
CA LYS F 230 11.40 5.07 14.29
C LYS F 230 11.65 3.80 13.48
N LYS F 231 12.87 3.64 12.99
CA LYS F 231 13.25 2.41 12.28
C LYS F 231 13.72 1.31 13.23
N ILE F 232 14.34 1.71 14.35
CA ILE F 232 14.81 0.77 15.36
C ILE F 232 13.62 0.18 16.10
N PRO F 233 13.54 -1.16 16.15
CA PRO F 233 12.38 -1.84 16.73
C PRO F 233 11.98 -1.38 18.14
N THR F 234 12.93 -1.22 19.05
CA THR F 234 12.63 -0.73 20.40
C THR F 234 12.38 0.78 20.45
N ARG F 235 12.57 1.48 19.34
CA ARG F 235 12.42 2.94 19.29
C ARG F 235 13.35 3.62 20.30
N LYS F 236 14.49 3.01 20.58
CA LYS F 236 15.47 3.55 21.51
C LYS F 236 16.91 3.38 21.03
N PHE F 237 17.73 4.39 21.26
CA PHE F 237 19.16 4.22 21.07
C PHE F 237 19.69 3.35 22.22
N VAL F 238 20.90 2.87 22.08
CA VAL F 238 21.48 1.98 23.09
C VAL F 238 21.99 2.76 24.31
N GLU F 239 21.63 2.26 25.49
CA GLU F 239 22.13 2.82 26.74
C GLU F 239 23.36 2.05 27.12
N PHE F 240 24.29 2.70 27.80
CA PHE F 240 25.51 2.02 28.25
C PHE F 240 25.16 0.79 29.07
N ASP F 241 24.16 0.94 29.95
CA ASP F 241 23.73 -0.13 30.84
C ASP F 241 23.31 -1.38 30.07
N ASP F 242 22.88 -1.22 28.82
CA ASP F 242 22.48 -2.37 28.01
C ASP F 242 23.68 -3.33 27.77
N LEU F 243 24.90 -2.83 27.94
CA LEU F 243 26.13 -3.60 27.68
C LEU F 243 26.65 -4.34 28.92
N ASN F 244 26.14 -3.96 30.09
CA ASN F 244 26.60 -4.52 31.37
C ASN F 244 26.58 -6.05 31.40
N GLY F 245 25.45 -6.64 31.00
CA GLY F 245 25.27 -8.07 30.98
C GLY F 245 26.29 -8.79 30.12
N PRO F 246 26.37 -8.42 28.83
CA PRO F 246 27.38 -9.01 27.95
C PRO F 246 28.80 -8.77 28.45
N LEU F 247 29.10 -7.61 29.01
CA LEU F 247 30.43 -7.37 29.54
C LEU F 247 30.76 -8.34 30.66
N LEU F 248 29.84 -8.52 31.61
CA LEU F 248 30.10 -9.41 32.73
C LEU F 248 30.10 -10.87 32.30
N LEU F 249 29.20 -11.22 31.38
CA LEU F 249 29.21 -12.57 30.80
C LEU F 249 30.55 -12.93 30.19
N LEU F 250 31.07 -12.08 29.30
CA LEU F 250 32.27 -12.44 28.53
C LEU F 250 33.57 -12.28 29.33
N ALA F 251 33.48 -11.64 30.50
CA ALA F 251 34.64 -11.44 31.36
C ALA F 251 34.72 -12.44 32.50
N SER F 252 33.70 -13.27 32.68
CA SER F 252 33.66 -14.15 33.85
C SER F 252 33.59 -15.63 33.48
N GLN F 253 33.52 -16.45 34.52
CA GLN F 253 33.35 -17.88 34.40
C GLN F 253 32.11 -18.22 33.55
N ALA F 254 31.09 -17.37 33.65
CA ALA F 254 29.87 -17.57 32.89
C ALA F 254 30.13 -17.69 31.39
N GLY F 255 31.20 -17.05 30.91
CA GLY F 255 31.48 -17.07 29.49
C GLY F 255 32.56 -18.04 29.04
N GLN F 256 33.04 -18.89 29.94
CA GLN F 256 34.22 -19.68 29.61
C GLN F 256 34.04 -20.68 28.45
N GLY F 257 32.82 -21.18 28.27
CA GLY F 257 32.52 -22.09 27.18
C GLY F 257 32.19 -21.37 25.87
N ILE F 258 32.32 -20.04 25.87
CA ILE F 258 32.01 -19.19 24.73
C ILE F 258 33.29 -18.55 24.21
N THR F 259 33.62 -18.81 22.95
CA THR F 259 34.75 -18.14 22.30
C THR F 259 34.47 -17.97 20.80
N GLY F 260 34.89 -16.83 20.26
CA GLY F 260 34.73 -16.60 18.83
C GLY F 260 33.40 -15.99 18.41
N ILE F 261 32.69 -15.35 19.32
CA ILE F 261 31.36 -14.85 18.98
C ILE F 261 31.31 -13.34 19.07
N GLU F 262 30.28 -12.76 18.47
CA GLU F 262 30.01 -11.33 18.58
C GLU F 262 28.57 -11.12 19.09
N ILE F 263 28.45 -10.50 20.26
CA ILE F 263 27.15 -10.23 20.80
C ILE F 263 26.66 -8.84 20.42
N LYS F 264 25.59 -8.76 19.62
CA LYS F 264 25.01 -7.46 19.26
C LYS F 264 24.09 -6.95 20.38
N VAL F 265 24.29 -5.69 20.75
CA VAL F 265 23.45 -5.01 21.73
C VAL F 265 22.87 -3.77 21.07
N ASP F 266 21.65 -3.87 20.56
CA ASP F 266 21.14 -2.81 19.66
C ASP F 266 19.63 -2.63 19.55
N GLY F 267 18.86 -3.26 20.44
CA GLY F 267 17.41 -3.15 20.37
C GLY F 267 16.82 -3.56 19.05
N GLY F 268 17.45 -4.53 18.36
CA GLY F 268 16.95 -5.08 17.11
C GLY F 268 17.32 -4.28 15.89
N HIS F 269 18.17 -3.27 16.08
CA HIS F 269 18.56 -2.35 15.01
C HIS F 269 19.05 -3.08 13.76
N SER F 270 19.94 -4.05 13.94
CA SER F 270 20.51 -4.78 12.82
C SER F 270 19.51 -5.71 12.13
N ALA F 271 18.39 -5.99 12.78
CA ALA F 271 17.33 -6.82 12.18
C ALA F 271 16.21 -6.01 11.53
N ALA F 272 16.20 -4.68 11.69
CA ALA F 272 15.07 -3.88 11.21
C ALA F 272 14.85 -4.02 9.69
N PRO F 273 13.60 -3.95 9.25
CA PRO F 273 13.23 -4.14 7.84
C PRO F 273 14.04 -3.26 6.90
N ASN G 21 -46.71 -12.88 -0.85
CA ASN G 21 -45.47 -12.50 -1.56
C ASN G 21 -45.51 -11.11 -2.21
N ILE G 22 -44.77 -10.17 -1.64
CA ILE G 22 -44.80 -8.78 -2.13
C ILE G 22 -44.14 -8.59 -3.50
N PHE G 23 -43.40 -9.60 -3.95
CA PHE G 23 -42.77 -9.52 -5.27
C PHE G 23 -43.59 -10.24 -6.34
N ASP G 24 -44.85 -10.55 -6.05
CA ASP G 24 -45.70 -11.30 -6.98
C ASP G 24 -45.91 -10.58 -8.31
N VAL G 25 -45.65 -11.30 -9.40
CA VAL G 25 -45.92 -10.81 -10.76
C VAL G 25 -46.72 -11.85 -11.53
N LYS G 26 -47.24 -12.84 -10.80
CA LYS G 26 -47.97 -13.94 -11.41
C LYS G 26 -49.20 -13.44 -12.20
N ASP G 27 -49.30 -13.92 -13.43
CA ASP G 27 -50.40 -13.60 -14.34
C ASP G 27 -50.39 -12.18 -14.93
N LYS G 28 -49.44 -11.36 -14.51
CA LYS G 28 -49.27 -10.03 -15.11
C LYS G 28 -48.80 -10.18 -16.55
N TYR G 29 -48.99 -9.14 -17.35
CA TYR G 29 -48.44 -9.10 -18.71
C TYR G 29 -47.26 -8.13 -18.73
N ILE G 30 -46.07 -8.65 -19.04
CA ILE G 30 -44.88 -7.81 -19.06
C ILE G 30 -44.46 -7.52 -20.49
N LEU G 31 -44.47 -6.25 -20.87
CA LEU G 31 -44.07 -5.87 -22.23
C LEU G 31 -42.60 -5.50 -22.27
N ILE G 32 -41.85 -6.25 -23.07
CA ILE G 32 -40.41 -6.08 -23.11
C ILE G 32 -39.91 -5.70 -24.50
N THR G 33 -39.43 -4.47 -24.64
CA THR G 33 -38.81 -4.03 -25.89
C THR G 33 -37.35 -4.46 -25.84
N GLY G 34 -36.70 -4.43 -26.99
CA GLY G 34 -35.33 -4.89 -27.13
C GLY G 34 -35.22 -6.36 -26.79
N ALA G 35 -36.29 -7.11 -27.07
CA ALA G 35 -36.43 -8.48 -26.64
C ALA G 35 -35.49 -9.47 -27.33
N SER G 36 -34.91 -9.05 -28.46
CA SER G 36 -34.06 -9.96 -29.22
C SER G 36 -32.62 -10.02 -28.70
N SER G 37 -32.27 -9.07 -27.85
CA SER G 37 -30.96 -9.04 -27.21
C SER G 37 -30.83 -10.13 -26.15
N GLY G 38 -29.59 -10.39 -25.74
CA GLY G 38 -29.31 -11.31 -24.65
C GLY G 38 -29.99 -10.93 -23.36
N LEU G 39 -29.93 -9.64 -23.04
CA LEU G 39 -30.55 -9.12 -21.83
C LEU G 39 -32.08 -9.27 -21.89
N GLY G 40 -32.63 -8.97 -23.06
CA GLY G 40 -34.07 -9.08 -23.28
C GLY G 40 -34.55 -10.50 -23.03
N HIS G 41 -33.77 -11.47 -23.49
CA HIS G 41 -34.07 -12.86 -23.29
C HIS G 41 -34.10 -13.16 -21.80
N HIS G 42 -33.10 -12.68 -21.09
CA HIS G 42 -32.99 -12.93 -19.67
C HIS G 42 -34.19 -12.36 -18.91
N ILE G 43 -34.55 -11.12 -19.22
CA ILE G 43 -35.67 -10.47 -18.56
C ILE G 43 -36.97 -11.22 -18.85
N ALA G 44 -37.15 -11.56 -20.13
CA ALA G 44 -38.32 -12.31 -20.55
C ALA G 44 -38.41 -13.63 -19.79
N GLU G 45 -37.28 -14.30 -19.69
CA GLU G 45 -37.22 -15.59 -19.03
C GLU G 45 -37.44 -15.44 -17.55
N LEU G 46 -36.88 -14.38 -16.99
CA LEU G 46 -37.03 -14.12 -15.57
C LEU G 46 -38.50 -13.98 -15.18
N PHE G 47 -39.23 -13.12 -15.88
CA PHE G 47 -40.63 -12.90 -15.56
C PHE G 47 -41.54 -14.09 -15.87
N ALA G 48 -41.23 -14.82 -16.94
CA ALA G 48 -41.99 -16.03 -17.28
C ALA G 48 -41.81 -17.09 -16.19
N LYS G 49 -40.59 -17.22 -15.70
CA LYS G 49 -40.24 -18.11 -14.59
C LYS G 49 -41.02 -17.76 -13.32
N GLU G 50 -41.28 -16.47 -13.13
CA GLU G 50 -42.02 -15.98 -11.97
C GLU G 50 -43.54 -15.99 -12.21
N GLY G 51 -43.95 -16.64 -13.30
CA GLY G 51 -45.36 -16.81 -13.61
C GLY G 51 -46.04 -15.68 -14.36
N ALA G 52 -45.26 -14.79 -14.96
CA ALA G 52 -45.83 -13.68 -15.71
C ALA G 52 -45.94 -13.99 -17.20
N ASN G 53 -46.97 -13.45 -17.85
CA ASN G 53 -47.10 -13.55 -19.30
C ASN G 53 -46.20 -12.54 -20.02
N ILE G 54 -45.77 -12.91 -21.21
CA ILE G 54 -44.69 -12.18 -21.86
C ILE G 54 -45.09 -11.62 -23.21
N VAL G 55 -44.95 -10.31 -23.38
CA VAL G 55 -45.08 -9.72 -24.70
C VAL G 55 -43.73 -9.17 -25.14
N ILE G 56 -43.17 -9.81 -26.15
CA ILE G 56 -41.85 -9.47 -26.62
C ILE G 56 -41.89 -8.94 -28.04
N CYS G 57 -41.13 -7.89 -28.29
CA CYS G 57 -40.99 -7.40 -29.64
C CYS G 57 -39.56 -7.04 -30.04
N ALA G 58 -39.29 -7.16 -31.34
CA ALA G 58 -38.01 -6.85 -31.93
C ALA G 58 -38.22 -6.64 -33.42
N ARG G 59 -37.19 -6.19 -34.11
CA ARG G 59 -37.32 -5.90 -35.54
C ARG G 59 -37.58 -7.18 -36.33
N ARG G 60 -36.82 -8.22 -36.01
CA ARG G 60 -36.86 -9.46 -36.75
C ARG G 60 -37.65 -10.53 -36.00
N LEU G 61 -38.77 -10.93 -36.60
CA LEU G 61 -39.69 -11.88 -35.98
C LEU G 61 -39.04 -13.21 -35.62
N GLU G 62 -38.11 -13.66 -36.45
CA GLU G 62 -37.51 -14.98 -36.25
C GLU G 62 -36.67 -15.10 -34.97
N ARG G 63 -36.01 -14.01 -34.57
CA ARG G 63 -35.21 -14.02 -33.35
C ARG G 63 -36.08 -14.15 -32.09
N LEU G 64 -37.36 -13.87 -32.24
CA LEU G 64 -38.29 -13.98 -31.11
C LEU G 64 -38.84 -15.40 -31.02
N LYS G 65 -38.75 -16.12 -32.13
CA LYS G 65 -39.33 -17.47 -32.27
C LYS G 65 -38.71 -18.52 -31.35
N GLU G 66 -37.37 -18.52 -31.24
CA GLU G 66 -36.69 -19.45 -30.35
C GLU G 66 -37.13 -19.22 -28.91
N LEU G 67 -37.14 -17.95 -28.49
CA LEU G 67 -37.46 -17.57 -27.13
C LEU G 67 -38.91 -17.93 -26.79
N GLU G 68 -39.82 -17.61 -27.71
CA GLU G 68 -41.25 -17.92 -27.56
C GLU G 68 -41.44 -19.40 -27.25
N SER G 69 -40.75 -20.26 -28.00
CA SER G 69 -40.86 -21.70 -27.85
C SER G 69 -40.38 -22.17 -26.48
N HIS G 70 -39.19 -21.71 -26.10
CA HIS G 70 -38.61 -22.08 -24.81
C HIS G 70 -39.51 -21.68 -23.65
N ILE G 71 -40.01 -20.44 -23.72
CA ILE G 71 -40.84 -19.90 -22.64
C ILE G 71 -42.18 -20.62 -22.53
N LYS G 72 -42.83 -20.86 -23.67
CA LYS G 72 -44.08 -21.59 -23.68
C LYS G 72 -43.89 -23.02 -23.14
N ASN G 73 -42.82 -23.67 -23.56
CA ASN G 73 -42.56 -25.06 -23.16
C ASN G 73 -42.26 -25.29 -21.68
N GLU G 74 -41.35 -24.49 -21.13
CA GLU G 74 -40.96 -24.67 -19.74
C GLU G 74 -41.90 -24.04 -18.74
N TYR G 75 -42.50 -22.91 -19.09
CA TYR G 75 -43.26 -22.14 -18.11
C TYR G 75 -44.76 -22.09 -18.42
N GLY G 76 -45.13 -22.37 -19.67
CA GLY G 76 -46.52 -22.44 -20.05
C GLY G 76 -47.32 -21.16 -19.88
N VAL G 77 -46.65 -20.01 -19.89
CA VAL G 77 -47.37 -18.75 -19.80
C VAL G 77 -47.72 -18.27 -21.20
N GLN G 78 -48.64 -17.31 -21.28
CA GLN G 78 -48.94 -16.70 -22.57
C GLN G 78 -47.77 -15.86 -23.07
N VAL G 79 -47.47 -16.00 -24.35
CA VAL G 79 -46.46 -15.19 -24.99
C VAL G 79 -47.02 -14.60 -26.28
N TYR G 80 -46.92 -13.28 -26.41
CA TYR G 80 -47.33 -12.60 -27.63
C TYR G 80 -46.08 -11.96 -28.24
N THR G 81 -45.82 -12.25 -29.52
CA THR G 81 -44.70 -11.64 -30.21
C THR G 81 -45.19 -10.66 -31.27
N PHE G 82 -44.42 -9.61 -31.47
CA PHE G 82 -44.73 -8.60 -32.48
C PHE G 82 -43.42 -8.20 -33.15
N ALA G 83 -43.38 -8.27 -34.47
CA ALA G 83 -42.25 -7.71 -35.18
C ALA G 83 -42.57 -6.27 -35.51
N LEU G 84 -41.71 -5.35 -35.07
CA LEU G 84 -41.86 -3.94 -35.36
C LEU G 84 -40.58 -3.18 -35.02
N ASP G 85 -40.49 -1.95 -35.51
CA ASP G 85 -39.46 -1.04 -35.05
C ASP G 85 -40.07 -0.26 -33.89
N VAL G 86 -39.43 -0.32 -32.72
CA VAL G 86 -39.93 0.40 -31.54
C VAL G 86 -39.96 1.90 -31.77
N ASN G 87 -39.25 2.34 -32.82
CA ASN G 87 -39.18 3.75 -33.18
C ASN G 87 -40.39 4.19 -34.01
N ASP G 88 -41.19 3.20 -34.40
CA ASP G 88 -42.42 3.45 -35.13
C ASP G 88 -43.58 3.50 -34.13
N ARG G 89 -44.01 4.71 -33.81
CA ARG G 89 -45.09 4.90 -32.84
C ARG G 89 -46.36 4.21 -33.28
N SER G 90 -46.71 4.33 -34.56
CA SER G 90 -47.95 3.74 -35.05
C SER G 90 -47.91 2.22 -34.96
N ALA G 91 -46.73 1.65 -35.19
CA ALA G 91 -46.57 0.21 -35.07
C ALA G 91 -46.75 -0.21 -33.62
N VAL G 92 -46.14 0.53 -32.71
CA VAL G 92 -46.32 0.28 -31.29
C VAL G 92 -47.79 0.50 -30.90
N LYS G 93 -48.35 1.60 -31.40
CA LYS G 93 -49.73 1.95 -31.15
C LYS G 93 -50.68 0.83 -31.61
N ASP G 94 -50.44 0.32 -32.80
CA ASP G 94 -51.23 -0.79 -33.33
C ASP G 94 -51.06 -2.11 -32.55
N LEU G 96 -50.66 -2.41 -29.47
CA LEU G 96 -51.51 -2.28 -28.29
C LEU G 96 -52.98 -2.59 -28.61
N SER G 97 -53.48 -2.09 -29.73
CA SER G 97 -54.85 -2.37 -30.19
C SER G 97 -55.10 -3.87 -30.35
N SER G 98 -54.11 -4.58 -30.89
CA SER G 98 -54.22 -6.02 -31.07
C SER G 98 -54.41 -6.68 -29.71
N LEU G 99 -53.64 -6.23 -28.72
CA LEU G 99 -53.75 -6.71 -27.35
C LEU G 99 -55.08 -6.33 -26.69
N GLU G 100 -55.47 -5.06 -26.80
CA GLU G 100 -56.76 -4.61 -26.29
C GLU G 100 -57.88 -5.44 -26.86
N ALA G 101 -57.78 -5.73 -28.16
CA ALA G 101 -58.82 -6.50 -28.85
C ALA G 101 -58.87 -7.94 -28.36
N GLU G 102 -57.78 -8.42 -27.77
CA GLU G 102 -57.78 -9.76 -27.19
C GLU G 102 -58.04 -9.70 -25.70
N GLY G 103 -58.39 -8.51 -25.20
CA GLY G 103 -58.70 -8.35 -23.80
C GLY G 103 -57.47 -8.33 -22.93
N VAL G 104 -56.31 -8.11 -23.54
CA VAL G 104 -55.05 -8.12 -22.80
C VAL G 104 -54.64 -6.69 -22.44
N THR G 105 -54.31 -6.49 -21.17
CA THR G 105 -53.78 -5.22 -20.72
C THR G 105 -52.40 -5.37 -20.09
N ILE G 106 -51.46 -4.57 -20.60
CA ILE G 106 -50.09 -4.52 -20.08
C ILE G 106 -50.03 -4.01 -18.64
N ASP G 107 -49.34 -4.77 -17.79
CA ASP G 107 -49.11 -4.35 -16.42
C ASP G 107 -47.77 -3.62 -16.26
N VAL G 108 -46.75 -4.10 -16.95
CA VAL G 108 -45.43 -3.52 -16.84
C VAL G 108 -44.82 -3.34 -18.22
N LEU G 109 -44.33 -2.13 -18.47
CA LEU G 109 -43.52 -1.83 -19.64
C LEU G 109 -42.04 -1.84 -19.24
N ILE G 110 -41.26 -2.68 -19.89
CA ILE G 110 -39.81 -2.63 -19.68
C ILE G 110 -39.09 -2.09 -20.93
N ASN G 111 -38.65 -0.84 -20.85
CA ASN G 111 -37.92 -0.20 -21.94
C ASN G 111 -36.49 -0.69 -21.94
N ASN G 112 -36.20 -1.60 -22.86
CA ASN G 112 -34.90 -2.26 -22.89
C ASN G 112 -34.24 -2.09 -24.26
N ALA G 113 -34.73 -1.13 -25.04
CA ALA G 113 -34.14 -0.85 -26.34
C ALA G 113 -32.90 0.03 -26.19
N GLY G 114 -31.81 -0.36 -26.84
CA GLY G 114 -30.58 0.39 -26.72
C GLY G 114 -29.46 -0.01 -27.66
N VAL G 115 -28.99 0.96 -28.45
CA VAL G 115 -27.83 0.74 -29.30
C VAL G 115 -26.78 1.82 -29.06
N SER G 116 -25.52 1.50 -29.35
CA SER G 116 -24.44 2.45 -29.19
C SER G 116 -23.39 2.23 -30.25
N ASP G 117 -22.24 2.84 -30.03
CA ASP G 117 -21.12 2.76 -30.95
C ASP G 117 -19.88 3.24 -30.22
N THR G 118 -18.75 3.22 -30.91
CA THR G 118 -17.52 3.75 -30.37
C THR G 118 -16.83 4.61 -31.41
N LYS G 119 -16.85 5.92 -31.17
CA LYS G 119 -16.19 6.87 -32.06
C LYS G 119 -15.64 8.03 -31.23
N ARG G 120 -14.54 8.61 -31.70
CA ARG G 120 -14.03 9.83 -31.08
C ARG G 120 -15.13 10.88 -31.12
N PHE G 121 -15.08 11.83 -30.19
CA PHE G 121 -16.11 12.84 -30.11
C PHE G 121 -16.44 13.51 -31.45
N LEU G 122 -15.41 13.80 -32.24
CA LEU G 122 -15.61 14.53 -33.48
C LEU G 122 -16.03 13.65 -34.67
N ASP G 123 -16.00 12.34 -34.51
CA ASP G 123 -16.31 11.44 -35.62
C ASP G 123 -17.79 11.07 -35.70
N TYR G 124 -18.52 11.30 -34.62
CA TYR G 124 -19.94 11.03 -34.64
C TYR G 124 -20.57 12.03 -35.59
N ASN G 125 -21.39 11.54 -36.51
CA ASN G 125 -22.12 12.41 -37.43
C ASN G 125 -23.62 12.47 -37.12
N ASP G 126 -24.35 13.28 -37.90
CA ASP G 126 -25.79 13.50 -37.67
C ASP G 126 -26.61 12.21 -37.72
N GLU G 127 -26.20 11.29 -38.58
CA GLU G 127 -26.86 9.99 -38.71
C GLU G 127 -26.65 9.12 -37.44
N ASP G 128 -25.41 9.12 -36.94
CA ASP G 128 -25.07 8.41 -35.70
C ASP G 128 -25.92 8.92 -34.55
N TRP G 129 -26.04 10.24 -34.45
CA TRP G 129 -26.81 10.86 -33.40
C TRP G 129 -28.26 10.37 -33.46
N ASP G 130 -28.90 10.52 -34.62
CA ASP G 130 -30.30 10.15 -34.76
C ASP G 130 -30.56 8.70 -34.37
N LYS G 131 -29.74 7.78 -34.87
CA LYS G 131 -29.89 6.37 -34.54
C LYS G 131 -29.76 6.13 -33.02
N ILE G 132 -28.71 6.66 -32.39
CA ILE G 132 -28.45 6.38 -30.97
C ILE G 132 -29.45 7.06 -30.03
N VAL G 133 -29.68 8.35 -30.25
CA VAL G 133 -30.54 9.14 -29.36
C VAL G 133 -32.02 8.78 -29.53
N ASP G 134 -32.45 8.56 -30.77
CA ASP G 134 -33.84 8.17 -31.02
C ASP G 134 -34.12 6.78 -30.41
N THR G 135 -33.15 5.86 -30.54
CA THR G 135 -33.25 4.53 -29.98
C THR G 135 -33.18 4.49 -28.43
N ASN G 136 -32.25 5.25 -27.86
CA ASN G 136 -32.07 5.20 -26.41
C ASN G 136 -33.01 6.10 -25.64
N LEU G 137 -33.53 7.14 -26.30
CA LEU G 137 -34.31 8.15 -25.57
C LEU G 137 -35.69 8.43 -26.15
N LYS G 138 -35.76 8.71 -27.45
CA LYS G 138 -37.05 9.03 -28.07
C LYS G 138 -38.00 7.83 -28.05
N ALA G 139 -37.47 6.66 -28.40
CA ALA G 139 -38.27 5.44 -28.43
C ALA G 139 -38.89 5.04 -27.08
N PRO G 140 -38.10 4.98 -25.98
CA PRO G 140 -38.74 4.67 -24.68
C PRO G 140 -39.82 5.68 -24.32
N TRP G 141 -39.59 6.95 -24.65
CA TRP G 141 -40.59 7.99 -24.45
C TRP G 141 -41.88 7.72 -25.24
N GLN G 142 -41.74 7.43 -26.54
CA GLN G 142 -42.89 7.08 -27.36
C GLN G 142 -43.64 5.87 -26.80
N CYS G 143 -42.90 4.82 -26.48
CA CYS G 143 -43.50 3.59 -25.98
C CYS G 143 -44.24 3.86 -24.67
N ALA G 144 -43.61 4.63 -23.78
CA ALA G 144 -44.23 4.97 -22.51
C ALA G 144 -45.55 5.71 -22.71
N GLN G 145 -45.53 6.73 -23.56
CA GLN G 145 -46.76 7.47 -23.85
C GLN G 145 -47.88 6.54 -24.30
N GLU G 146 -47.59 5.69 -25.27
CA GLU G 146 -48.59 4.79 -25.86
C GLU G 146 -49.07 3.72 -24.87
N VAL G 147 -48.14 3.14 -24.11
CA VAL G 147 -48.49 2.15 -23.09
C VAL G 147 -49.32 2.78 -21.97
N VAL G 148 -48.99 3.99 -21.59
CA VAL G 148 -49.77 4.71 -20.57
C VAL G 148 -51.22 4.96 -21.05
N GLN G 149 -51.41 5.39 -22.30
CA GLN G 149 -52.76 5.53 -22.89
C GLN G 149 -53.48 4.20 -22.90
N HIS G 150 -52.73 3.15 -23.20
CA HIS G 150 -53.25 1.79 -23.18
C HIS G 150 -53.76 1.48 -21.78
N ILE G 152 -54.51 3.56 -19.19
CA ILE G 152 -55.59 4.44 -18.78
C ILE G 152 -56.97 4.00 -19.29
N LYS G 153 -57.00 3.57 -20.55
CA LYS G 153 -58.22 3.08 -21.18
C LYS G 153 -58.83 1.92 -20.40
N ALA G 154 -57.96 1.09 -19.84
CA ALA G 154 -58.37 -0.08 -19.08
C ALA G 154 -58.44 0.20 -17.58
N GLU G 155 -58.16 1.44 -17.20
CA GLU G 155 -58.12 1.83 -15.78
C GLU G 155 -57.20 0.92 -14.97
N ARG G 156 -55.94 0.82 -15.39
CA ARG G 156 -54.96 -0.10 -14.82
C ARG G 156 -53.76 0.71 -14.28
N LYS G 157 -53.37 0.46 -13.04
CA LYS G 157 -52.29 1.20 -12.39
C LYS G 157 -50.95 0.46 -12.45
N GLY G 158 -50.27 0.54 -13.59
CA GLY G 158 -49.05 -0.22 -13.80
C GLY G 158 -47.71 0.42 -13.43
N SER G 159 -46.65 -0.18 -13.99
CA SER G 159 -45.30 0.27 -13.70
C SER G 159 -44.50 0.38 -14.98
N ILE G 160 -43.60 1.35 -15.01
CA ILE G 160 -42.70 1.51 -16.12
C ILE G 160 -41.27 1.44 -15.60
N ILE G 161 -40.47 0.61 -16.24
CA ILE G 161 -39.07 0.47 -15.87
C ILE G 161 -38.18 0.83 -17.07
N ASN G 162 -37.38 1.87 -16.91
CA ASN G 162 -36.45 2.24 -17.95
C ASN G 162 -35.07 1.66 -17.67
N ILE G 163 -34.51 0.90 -18.60
CA ILE G 163 -33.14 0.50 -18.41
C ILE G 163 -32.27 1.66 -18.87
N THR G 164 -31.59 2.31 -17.93
CA THR G 164 -30.67 3.36 -18.32
C THR G 164 -29.28 2.75 -18.41
N SER G 165 -28.35 3.20 -17.56
CA SER G 165 -26.95 2.77 -17.61
C SER G 165 -26.23 3.65 -16.61
N ILE G 166 -25.14 3.16 -16.03
CA ILE G 166 -24.37 4.00 -15.12
C ILE G 166 -23.76 5.17 -15.88
N LEU G 167 -23.71 5.04 -17.20
CA LEU G 167 -23.24 6.14 -18.03
C LEU G 167 -24.25 7.28 -18.11
N SER G 168 -25.40 7.12 -17.47
CA SER G 168 -26.35 8.24 -17.40
C SER G 168 -25.79 9.34 -16.46
N GLN G 169 -24.85 8.97 -15.59
CA GLN G 169 -24.21 9.95 -14.70
C GLN G 169 -22.67 9.90 -14.74
N SER G 170 -22.11 8.75 -15.05
CA SER G 170 -20.67 8.64 -15.20
C SER G 170 -20.31 8.86 -16.66
N THR G 171 -19.04 9.05 -16.94
CA THR G 171 -18.60 9.23 -18.30
C THR G 171 -17.72 8.06 -18.75
N ASN G 172 -17.64 7.89 -20.06
CA ASN G 172 -16.62 7.04 -20.66
C ASN G 172 -16.25 7.62 -22.01
N LEU G 173 -15.22 7.09 -22.64
CA LEU G 173 -14.78 7.64 -23.92
C LEU G 173 -15.47 6.99 -25.11
N GLY G 174 -15.74 7.80 -26.14
CA GLY G 174 -16.21 7.29 -27.42
C GLY G 174 -17.69 7.00 -27.50
N VAL G 175 -18.45 7.47 -26.50
CA VAL G 175 -19.86 7.14 -26.37
C VAL G 175 -20.70 8.37 -26.03
N SER G 176 -20.30 9.53 -26.56
N SER G 176 -20.30 9.52 -26.57
CA SER G 176 -20.97 10.78 -26.22
CA SER G 176 -20.95 10.79 -26.25
C SER G 176 -22.49 10.82 -26.43
C SER G 176 -22.47 10.86 -26.45
N PRO G 177 -22.97 10.42 -27.62
CA PRO G 177 -24.42 10.48 -27.80
C PRO G 177 -25.17 9.51 -26.90
N TYR G 178 -24.56 8.37 -26.65
CA TYR G 178 -25.11 7.39 -25.72
C TYR G 178 -25.26 7.99 -24.32
N CYS G 179 -24.20 8.62 -23.84
CA CYS G 179 -24.20 9.28 -22.54
C CYS G 179 -25.30 10.34 -22.44
N ALA G 180 -25.40 11.16 -23.50
CA ALA G 180 -26.39 12.24 -23.53
C ALA G 180 -27.81 11.67 -23.43
N SER G 181 -28.06 10.62 -24.20
CA SER G 181 -29.37 10.03 -24.30
C SER G 181 -29.79 9.39 -22.98
N LYS G 182 -28.86 8.68 -22.36
CA LYS G 182 -29.10 8.02 -21.07
C LYS G 182 -29.36 8.99 -19.93
N ALA G 183 -28.58 10.07 -19.86
CA ALA G 183 -28.84 11.09 -18.86
C ALA G 183 -30.21 11.71 -19.13
N GLY G 184 -30.53 11.87 -20.41
CA GLY G 184 -31.85 12.33 -20.81
C GLY G 184 -32.94 11.40 -20.29
N LEU G 185 -32.76 10.09 -20.48
CA LEU G 185 -33.76 9.11 -20.06
C LEU G 185 -33.90 9.04 -18.54
N ARG G 186 -32.78 9.17 -17.85
CA ARG G 186 -32.76 9.19 -16.40
C ARG G 186 -33.65 10.32 -15.86
N HIS G 187 -33.47 11.51 -16.41
CA HIS G 187 -34.23 12.64 -15.91
C HIS G 187 -35.68 12.53 -16.35
N LEU G 188 -35.87 11.92 -17.50
CA LEU G 188 -37.22 11.74 -18.02
C LEU G 188 -37.97 10.79 -17.11
N THR G 189 -37.27 9.81 -16.56
CA THR G 189 -37.83 8.90 -15.57
C THR G 189 -38.42 9.65 -14.38
N GLU G 190 -37.65 10.61 -13.86
CA GLU G 190 -38.07 11.41 -12.71
C GLU G 190 -39.30 12.27 -13.06
N VAL G 191 -39.24 12.90 -14.21
CA VAL G 191 -40.31 13.77 -14.68
C VAL G 191 -41.56 12.97 -14.97
N ALA G 193 -42.41 10.19 -13.57
CA ALA G 193 -42.90 9.75 -12.27
C ALA G 193 -43.79 10.82 -11.65
N VAL G 194 -43.35 12.07 -11.77
CA VAL G 194 -44.12 13.18 -11.23
C VAL G 194 -45.43 13.37 -12.02
N GLU G 195 -45.34 13.31 -13.35
CA GLU G 195 -46.51 13.56 -14.20
C GLU G 195 -47.49 12.38 -14.36
N LEU G 196 -47.04 11.16 -14.08
CA LEU G 196 -47.94 10.02 -14.29
C LEU G 196 -48.51 9.45 -12.99
N ALA G 197 -48.02 9.97 -11.88
CA ALA G 197 -48.48 9.55 -10.55
C ALA G 197 -49.98 9.70 -10.38
N ARG G 198 -50.56 10.70 -11.04
CA ARG G 198 -52.01 10.91 -10.97
C ARG G 198 -52.81 9.76 -11.60
N PHE G 199 -52.15 8.95 -12.42
CA PHE G 199 -52.77 7.78 -13.04
C PHE G 199 -52.41 6.47 -12.32
N GLY G 200 -51.74 6.58 -11.18
CA GLY G 200 -51.32 5.42 -10.41
C GLY G 200 -50.17 4.63 -11.03
N ILE G 201 -49.43 5.26 -11.94
CA ILE G 201 -48.35 4.55 -12.62
C ILE G 201 -47.01 5.00 -12.07
N ASN G 202 -46.25 4.07 -11.49
CA ASN G 202 -44.94 4.45 -10.98
C ASN G 202 -43.89 4.23 -12.05
N VAL G 203 -42.85 5.06 -12.04
CA VAL G 203 -41.89 5.06 -13.13
C VAL G 203 -40.48 5.06 -12.57
N ASN G 204 -39.74 4.01 -12.89
CA ASN G 204 -38.40 3.89 -12.35
C ASN G 204 -37.42 3.39 -13.39
N ALA G 205 -36.14 3.54 -13.05
CA ALA G 205 -35.07 3.14 -13.94
C ALA G 205 -34.13 2.19 -13.23
N ILE G 206 -33.49 1.32 -14.00
CA ILE G 206 -32.38 0.53 -13.50
C ILE G 206 -31.16 0.85 -14.36
N ALA G 207 -30.04 1.14 -13.71
CA ALA G 207 -28.81 1.53 -14.38
C ALA G 207 -27.70 0.50 -14.13
N PRO G 208 -27.55 -0.43 -15.06
CA PRO G 208 -26.51 -1.46 -15.00
C PRO G 208 -25.14 -0.89 -15.32
N GLY G 209 -24.09 -1.50 -14.76
CA GLY G 209 -22.73 -1.27 -15.21
C GLY G 209 -22.40 -2.06 -16.47
N TYR G 210 -21.12 -2.34 -16.69
CA TYR G 210 -20.69 -3.14 -17.83
C TYR G 210 -21.00 -4.61 -17.57
N ILE G 212 -21.47 -8.77 -18.59
CA ILE G 212 -20.76 -9.80 -19.32
C ILE G 212 -21.68 -10.46 -20.36
N THR G 213 -21.59 -9.99 -21.60
CA THR G 213 -22.45 -10.46 -22.67
C THR G 213 -21.62 -10.83 -23.89
N GLU G 214 -22.29 -11.25 -24.95
CA GLU G 214 -21.61 -11.69 -26.17
C GLU G 214 -21.42 -10.57 -27.19
N ILE G 215 -22.17 -9.48 -27.04
CA ILE G 215 -21.99 -8.32 -27.91
C ILE G 215 -20.67 -7.67 -27.50
N ASN G 216 -20.27 -7.93 -26.26
CA ASN G 216 -19.03 -7.40 -25.70
C ASN G 216 -18.16 -8.47 -25.00
N GLU G 217 -18.14 -9.68 -25.56
CA GLU G 217 -17.33 -10.76 -25.00
C GLU G 217 -15.85 -10.51 -25.26
N GLU G 218 -15.55 -10.04 -26.47
CA GLU G 218 -14.17 -9.75 -26.88
C GLU G 218 -13.61 -8.60 -26.04
N TYR G 219 -14.42 -7.55 -25.91
CA TYR G 219 -14.11 -6.32 -25.15
C TYR G 219 -13.73 -6.67 -23.71
N LEU G 220 -14.54 -7.52 -23.07
CA LEU G 220 -14.39 -7.86 -21.65
C LEU G 220 -13.40 -8.98 -21.28
N THR G 221 -13.42 -10.07 -22.04
CA THR G 221 -12.65 -11.26 -21.70
C THR G 221 -11.18 -11.22 -22.11
N SER G 222 -10.80 -10.19 -22.85
CA SER G 222 -9.41 -10.02 -23.28
C SER G 222 -8.52 -9.65 -22.11
N GLU G 223 -7.23 -9.47 -22.38
CA GLU G 223 -6.28 -9.08 -21.34
C GLU G 223 -6.42 -7.60 -21.04
N VAL G 224 -6.74 -6.83 -22.07
CA VAL G 224 -6.96 -5.38 -21.98
C VAL G 224 -8.13 -5.08 -21.05
N GLY G 225 -9.13 -5.96 -21.10
CA GLY G 225 -10.32 -5.80 -20.28
C GLY G 225 -10.08 -6.22 -18.85
N GLN G 226 -9.06 -7.05 -18.62
CA GLN G 226 -8.79 -7.54 -17.28
C GLN G 226 -8.22 -6.45 -16.36
N GLN G 227 -7.58 -5.45 -16.96
CA GLN G 227 -7.07 -4.29 -16.22
C GLN G 227 -8.19 -3.34 -15.84
N LEU G 228 -9.22 -3.37 -16.68
CA LEU G 228 -10.44 -2.63 -16.45
C LEU G 228 -11.15 -3.15 -15.18
N LEU G 229 -11.19 -4.47 -15.05
CA LEU G 229 -11.79 -5.15 -13.90
C LEU G 229 -11.30 -4.62 -12.56
N LYS G 230 -10.01 -4.30 -12.50
CA LYS G 230 -9.38 -3.87 -11.27
C LYS G 230 -9.85 -2.48 -10.80
N LYS G 231 -10.63 -1.80 -11.64
CA LYS G 231 -11.19 -0.51 -11.24
C LYS G 231 -12.44 -0.73 -10.39
N ILE G 232 -13.22 -1.74 -10.75
CA ILE G 232 -14.49 -2.08 -10.09
C ILE G 232 -14.27 -2.68 -8.71
N PRO G 233 -14.90 -2.12 -7.68
CA PRO G 233 -14.69 -2.52 -6.28
C PRO G 233 -14.88 -4.01 -6.04
N THR G 234 -15.91 -4.61 -6.62
CA THR G 234 -16.13 -6.05 -6.48
C THR G 234 -15.19 -6.87 -7.37
N ARG G 235 -14.44 -6.18 -8.21
CA ARG G 235 -13.55 -6.82 -9.19
C ARG G 235 -14.33 -7.76 -10.12
N LYS G 236 -15.61 -7.49 -10.34
CA LYS G 236 -16.44 -8.33 -11.22
C LYS G 236 -17.40 -7.51 -12.09
N PHE G 237 -17.56 -7.96 -13.34
CA PHE G 237 -18.55 -7.38 -14.23
C PHE G 237 -19.96 -7.75 -13.82
N VAL G 238 -20.93 -7.02 -14.36
CA VAL G 238 -22.32 -7.23 -14.00
C VAL G 238 -22.86 -8.47 -14.67
N GLU G 239 -23.49 -9.32 -13.87
CA GLU G 239 -24.19 -10.47 -14.40
C GLU G 239 -25.65 -10.12 -14.56
N PHE G 240 -26.29 -10.74 -15.54
CA PHE G 240 -27.71 -10.55 -15.78
C PHE G 240 -28.49 -10.84 -14.50
N ASP G 241 -28.08 -11.88 -13.77
CA ASP G 241 -28.74 -12.25 -12.53
C ASP G 241 -28.72 -11.13 -11.50
N ASP G 242 -27.69 -10.28 -11.56
CA ASP G 242 -27.58 -9.16 -10.65
C ASP G 242 -28.76 -8.22 -10.81
N LEU G 243 -29.43 -8.31 -11.95
CA LEU G 243 -30.54 -7.43 -12.25
C LEU G 243 -31.89 -7.99 -11.75
N ASN G 244 -31.91 -9.28 -11.43
CA ASN G 244 -33.16 -9.96 -11.05
C ASN G 244 -33.95 -9.32 -9.91
N GLY G 245 -33.30 -9.12 -8.77
CA GLY G 245 -33.94 -8.51 -7.60
C GLY G 245 -34.53 -7.14 -7.89
N PRO G 246 -33.70 -6.21 -8.42
CA PRO G 246 -34.21 -4.89 -8.78
C PRO G 246 -35.37 -4.92 -9.78
N LEU G 247 -35.33 -5.84 -10.76
CA LEU G 247 -36.41 -5.97 -11.74
C LEU G 247 -37.74 -6.32 -11.08
N LEU G 248 -37.72 -7.28 -10.17
CA LEU G 248 -38.94 -7.74 -9.51
C LEU G 248 -39.50 -6.70 -8.54
N LEU G 249 -38.59 -6.01 -7.85
CA LEU G 249 -38.97 -4.92 -6.97
C LEU G 249 -39.78 -3.87 -7.71
N LEU G 250 -39.20 -3.38 -8.80
CA LEU G 250 -39.78 -2.25 -9.50
C LEU G 250 -40.97 -2.66 -10.34
N ALA G 251 -41.16 -3.97 -10.51
CA ALA G 251 -42.27 -4.48 -11.30
C ALA G 251 -43.45 -4.95 -10.45
N SER G 252 -43.27 -5.03 -9.13
CA SER G 252 -44.28 -5.61 -8.24
C SER G 252 -44.80 -4.63 -7.18
N GLN G 253 -45.73 -5.12 -6.35
CA GLN G 253 -46.25 -4.36 -5.22
C GLN G 253 -45.14 -3.88 -4.29
N ALA G 254 -44.10 -4.67 -4.16
CA ALA G 254 -42.95 -4.32 -3.33
C ALA G 254 -42.36 -2.95 -3.66
N GLY G 255 -42.51 -2.52 -4.92
CA GLY G 255 -41.93 -1.26 -5.38
C GLY G 255 -42.91 -0.11 -5.52
N GLN G 256 -44.14 -0.28 -5.06
CA GLN G 256 -45.22 0.70 -5.31
C GLN G 256 -45.06 2.07 -4.65
N GLY G 257 -44.36 2.13 -3.52
CA GLY G 257 -44.14 3.40 -2.84
C GLY G 257 -42.93 4.12 -3.40
N ILE G 258 -42.31 3.51 -4.40
CA ILE G 258 -41.09 3.99 -5.02
C ILE G 258 -41.37 4.47 -6.45
N THR G 259 -41.06 5.73 -6.72
CA THR G 259 -41.22 6.25 -8.07
C THR G 259 -40.20 7.34 -8.32
N GLY G 260 -39.66 7.42 -9.53
CA GLY G 260 -38.76 8.49 -9.88
C GLY G 260 -37.31 8.25 -9.52
N ILE G 261 -36.94 6.99 -9.35
CA ILE G 261 -35.59 6.72 -8.93
C ILE G 261 -34.82 5.91 -9.96
N GLU G 262 -33.50 5.87 -9.81
CA GLU G 262 -32.65 5.03 -10.63
C GLU G 262 -31.79 4.12 -9.76
N ILE G 263 -31.97 2.82 -9.90
CA ILE G 263 -31.17 1.86 -9.14
C ILE G 263 -29.93 1.41 -9.91
N LYS G 264 -28.75 1.77 -9.42
CA LYS G 264 -27.52 1.31 -10.08
C LYS G 264 -27.14 -0.12 -9.67
N VAL G 265 -26.84 -0.94 -10.67
CA VAL G 265 -26.35 -2.29 -10.41
C VAL G 265 -25.01 -2.44 -11.12
N ASP G 266 -23.92 -2.24 -10.40
CA ASP G 266 -22.62 -2.07 -11.05
C ASP G 266 -21.42 -2.53 -10.20
N GLY G 267 -21.69 -3.28 -9.13
CA GLY G 267 -20.62 -3.76 -8.28
C GLY G 267 -19.78 -2.63 -7.70
N GLY G 268 -20.40 -1.47 -7.52
CA GLY G 268 -19.77 -0.32 -6.92
C GLY G 268 -18.94 0.51 -7.88
N HIS G 269 -18.99 0.14 -9.16
CA HIS G 269 -18.17 0.76 -10.21
C HIS G 269 -18.26 2.29 -10.23
N SER G 270 -19.47 2.83 -10.21
CA SER G 270 -19.67 4.28 -10.32
C SER G 270 -19.16 5.05 -9.10
N ALA G 271 -18.87 4.34 -8.03
CA ALA G 271 -18.34 4.95 -6.80
C ALA G 271 -16.80 4.84 -6.73
N ALA G 272 -16.20 4.13 -7.68
CA ALA G 272 -14.75 3.89 -7.66
C ALA G 272 -13.96 5.19 -7.72
N PRO G 273 -12.77 5.22 -7.08
CA PRO G 273 -11.86 6.37 -6.98
C PRO G 273 -11.50 7.00 -8.33
N ASN H 21 -6.14 41.59 -14.86
CA ASN H 21 -7.55 41.15 -14.90
C ASN H 21 -7.73 39.73 -15.43
N ILE H 22 -8.07 38.80 -14.54
CA ILE H 22 -8.23 37.41 -14.93
C ILE H 22 -9.54 37.17 -15.70
N PHE H 23 -10.43 38.15 -15.68
CA PHE H 23 -11.70 38.05 -16.39
C PHE H 23 -11.69 38.78 -17.73
N ASP H 24 -10.50 39.12 -18.20
CA ASP H 24 -10.39 39.86 -19.45
C ASP H 24 -10.92 39.06 -20.66
N VAL H 25 -11.81 39.67 -21.44
CA VAL H 25 -12.26 39.06 -22.69
C VAL H 25 -12.11 40.05 -23.87
N LYS H 26 -11.39 41.14 -23.65
CA LYS H 26 -11.17 42.12 -24.71
C LYS H 26 -10.50 41.52 -25.95
N ASP H 27 -11.03 41.88 -27.12
CA ASP H 27 -10.56 41.44 -28.45
C ASP H 27 -10.89 40.00 -28.80
N LYS H 28 -11.50 39.28 -27.86
CA LYS H 28 -11.97 37.93 -28.16
C LYS H 28 -13.14 37.96 -29.13
N TYR H 29 -13.35 36.84 -29.81
CA TYR H 29 -14.56 36.70 -30.61
C TYR H 29 -15.49 35.74 -29.92
N ILE H 30 -16.67 36.24 -29.54
CA ILE H 30 -17.67 35.44 -28.84
C ILE H 30 -18.82 35.10 -29.78
N LEU H 31 -19.03 33.82 -30.02
CA LEU H 31 -20.12 33.36 -30.86
C LEU H 31 -21.34 33.00 -30.02
N ILE H 32 -22.44 33.68 -30.28
CA ILE H 32 -23.65 33.50 -29.50
C ILE H 32 -24.78 33.04 -30.40
N THR H 33 -25.26 31.81 -30.19
CA THR H 33 -26.44 31.34 -30.89
C THR H 33 -27.67 31.80 -30.13
N GLY H 34 -28.83 31.74 -30.74
CA GLY H 34 -30.04 32.19 -30.07
C GLY H 34 -30.00 33.65 -29.69
N ALA H 35 -29.33 34.45 -30.52
CA ALA H 35 -29.07 35.86 -30.25
C ALA H 35 -30.31 36.76 -30.33
N SER H 36 -31.39 36.27 -30.91
CA SER H 36 -32.59 37.10 -31.08
C SER H 36 -33.52 37.12 -29.84
N SER H 37 -33.29 36.21 -28.89
CA SER H 37 -34.04 36.23 -27.64
C SER H 37 -33.58 37.38 -26.75
N GLY H 38 -34.39 37.71 -25.74
CA GLY H 38 -33.99 38.72 -24.78
C GLY H 38 -32.66 38.40 -24.14
N LEU H 39 -32.47 37.15 -23.73
CA LEU H 39 -31.21 36.72 -23.13
C LEU H 39 -30.03 36.83 -24.09
N GLY H 40 -30.24 36.41 -25.34
CA GLY H 40 -29.19 36.48 -26.34
C GLY H 40 -28.70 37.90 -26.55
N HIS H 41 -29.63 38.85 -26.53
CA HIS H 41 -29.30 40.27 -26.65
C HIS H 41 -28.43 40.68 -25.48
N HIS H 42 -28.83 40.26 -24.28
CA HIS H 42 -28.10 40.61 -23.06
C HIS H 42 -26.67 40.10 -23.13
N ILE H 43 -26.53 38.85 -23.53
CA ILE H 43 -25.22 38.22 -23.61
C ILE H 43 -24.31 38.93 -24.60
N ALA H 44 -24.84 39.22 -25.79
CA ALA H 44 -24.09 39.93 -26.83
C ALA H 44 -23.58 41.25 -26.30
N GLU H 45 -24.46 41.94 -25.61
CA GLU H 45 -24.19 43.24 -25.04
C GLU H 45 -23.20 43.18 -23.87
N LEU H 46 -23.32 42.12 -23.06
CA LEU H 46 -22.42 41.94 -21.93
C LEU H 46 -21.01 41.90 -22.46
N PHE H 47 -20.80 41.04 -23.45
CA PHE H 47 -19.46 40.84 -24.01
C PHE H 47 -18.96 42.03 -24.82
N ALA H 48 -19.86 42.70 -25.52
CA ALA H 48 -19.47 43.88 -26.26
C ALA H 48 -18.99 44.96 -25.30
N LYS H 49 -19.70 45.10 -24.18
CA LYS H 49 -19.33 46.08 -23.15
C LYS H 49 -17.92 45.81 -22.54
N GLU H 50 -17.54 44.54 -22.45
CA GLU H 50 -16.22 44.17 -21.94
C GLU H 50 -15.14 44.17 -23.03
N GLY H 51 -15.45 44.72 -24.21
CA GLY H 51 -14.47 44.83 -25.26
C GLY H 51 -14.28 43.60 -26.13
N ALA H 52 -15.23 42.68 -26.11
CA ALA H 52 -15.11 41.50 -26.96
C ALA H 52 -15.83 41.72 -28.28
N ASN H 53 -15.31 41.09 -29.33
CA ASN H 53 -16.00 41.09 -30.62
C ASN H 53 -17.09 40.05 -30.60
N ILE H 54 -18.15 40.30 -31.37
CA ILE H 54 -19.40 39.58 -31.24
C ILE H 54 -19.82 38.91 -32.54
N VAL H 55 -20.05 37.61 -32.48
CA VAL H 55 -20.70 36.94 -33.59
C VAL H 55 -22.04 36.44 -33.13
N ILE H 56 -23.10 36.99 -33.70
CA ILE H 56 -24.44 36.64 -33.28
C ILE H 56 -25.17 35.94 -34.41
N CYS H 57 -25.89 34.86 -34.09
CA CYS H 57 -26.78 34.25 -35.09
C CYS H 57 -28.13 33.90 -34.53
N ALA H 58 -29.12 33.86 -35.43
CA ALA H 58 -30.51 33.55 -35.10
C ALA H 58 -31.18 33.11 -36.39
N ARG H 59 -32.43 32.68 -36.28
CA ARG H 59 -33.15 32.18 -37.45
C ARG H 59 -33.37 33.31 -38.44
N ARG H 60 -33.83 34.46 -37.92
CA ARG H 60 -34.14 35.66 -38.70
C ARG H 60 -33.14 36.83 -38.52
N LEU H 61 -32.52 37.19 -39.64
CA LEU H 61 -31.54 38.26 -39.77
C LEU H 61 -32.02 39.65 -39.33
N GLU H 62 -33.30 39.93 -39.53
CA GLU H 62 -33.82 41.28 -39.31
C GLU H 62 -33.69 41.74 -37.86
N ARG H 63 -33.88 40.81 -36.93
CA ARG H 63 -33.76 41.08 -35.51
C ARG H 63 -32.30 41.34 -35.11
N LEU H 64 -31.38 40.78 -35.88
CA LEU H 64 -29.97 40.85 -35.52
C LEU H 64 -29.36 42.15 -35.99
N LYS H 65 -29.97 42.75 -36.99
CA LYS H 65 -29.48 44.01 -37.55
C LYS H 65 -29.66 45.17 -36.58
N GLU H 66 -30.79 45.22 -35.90
CA GLU H 66 -31.02 46.26 -34.89
C GLU H 66 -29.92 46.13 -33.83
N LEU H 67 -29.67 44.91 -33.36
CA LEU H 67 -28.69 44.65 -32.32
C LEU H 67 -27.26 44.99 -32.76
N GLU H 68 -26.92 44.61 -34.00
CA GLU H 68 -25.61 44.92 -34.58
C GLU H 68 -25.30 46.41 -34.54
N SER H 69 -26.25 47.25 -34.93
CA SER H 69 -26.02 48.70 -34.94
C SER H 69 -25.80 49.22 -33.53
N HIS H 70 -26.66 48.82 -32.61
CA HIS H 70 -26.56 49.28 -31.22
C HIS H 70 -25.19 48.97 -30.63
N ILE H 71 -24.71 47.77 -30.88
CA ILE H 71 -23.42 47.33 -30.37
C ILE H 71 -22.24 48.03 -31.08
N LYS H 72 -22.32 48.11 -32.40
CA LYS H 72 -21.31 48.83 -33.17
C LYS H 72 -21.29 50.30 -32.74
N ASN H 73 -22.47 50.87 -32.55
CA ASN H 73 -22.62 52.27 -32.15
C ASN H 73 -22.12 52.54 -30.72
N GLU H 74 -22.53 51.70 -29.77
CA GLU H 74 -22.21 51.91 -28.36
C GLU H 74 -20.82 51.45 -27.94
N TYR H 75 -20.37 50.32 -28.49
CA TYR H 75 -19.14 49.70 -27.99
C TYR H 75 -18.01 49.64 -29.02
N GLY H 76 -18.34 49.81 -30.30
CA GLY H 76 -17.34 49.88 -31.35
C GLY H 76 -16.47 48.65 -31.59
N VAL H 77 -16.99 47.48 -31.24
CA VAL H 77 -16.32 46.21 -31.52
C VAL H 77 -16.78 45.66 -32.88
N GLN H 78 -16.03 44.70 -33.41
CA GLN H 78 -16.45 44.01 -34.62
C GLN H 78 -17.69 43.17 -34.33
N VAL H 79 -18.66 43.23 -35.22
CA VAL H 79 -19.87 42.42 -35.09
C VAL H 79 -20.20 41.69 -36.39
N TYR H 80 -20.41 40.39 -36.29
CA TYR H 80 -20.83 39.63 -37.47
C TYR H 80 -22.19 39.03 -37.17
N THR H 81 -23.13 39.21 -38.10
CA THR H 81 -24.46 38.64 -37.98
C THR H 81 -24.65 37.53 -39.03
N PHE H 82 -25.36 36.47 -38.66
CA PHE H 82 -25.68 35.35 -39.56
C PHE H 82 -27.11 34.88 -39.32
N ALA H 83 -27.89 34.75 -40.38
CA ALA H 83 -29.17 34.09 -40.30
C ALA H 83 -29.00 32.62 -40.64
N LEU H 84 -29.43 31.72 -39.76
CA LEU H 84 -29.33 30.28 -40.04
C LEU H 84 -30.20 29.44 -39.10
N ASP H 85 -30.42 28.19 -39.46
CA ASP H 85 -31.02 27.21 -38.55
C ASP H 85 -29.86 26.52 -37.80
N VAL H 86 -29.87 26.59 -36.47
CA VAL H 86 -28.79 25.98 -35.69
C VAL H 86 -28.71 24.45 -35.87
N ASN H 87 -29.79 23.83 -36.34
CA ASN H 87 -29.81 22.39 -36.59
C ASN H 87 -29.26 21.99 -37.96
N ASP H 88 -28.99 23.00 -38.78
CA ASP H 88 -28.42 22.80 -40.10
C ASP H 88 -26.91 22.85 -39.97
N ARG H 89 -26.29 21.68 -39.95
CA ARG H 89 -24.85 21.57 -39.79
C ARG H 89 -24.11 22.26 -40.95
N SER H 90 -24.58 22.06 -42.18
CA SER H 90 -23.89 22.65 -43.33
C SER H 90 -23.97 24.18 -43.27
N ALA H 91 -25.06 24.72 -42.73
CA ALA H 91 -25.16 26.17 -42.51
C ALA H 91 -24.19 26.70 -41.44
N VAL H 92 -24.08 26.01 -40.31
CA VAL H 92 -23.13 26.42 -39.26
C VAL H 92 -21.69 26.32 -39.77
N LYS H 93 -21.40 25.22 -40.45
CA LYS H 93 -20.10 24.98 -41.06
C LYS H 93 -19.73 26.08 -42.07
N ASP H 94 -20.70 26.46 -42.91
CA ASP H 94 -20.52 27.52 -43.89
C ASP H 94 -20.29 28.88 -43.25
N LEU H 96 -18.76 29.41 -40.18
CA LEU H 96 -17.39 29.30 -39.71
C LEU H 96 -16.36 29.50 -40.83
N SER H 97 -16.59 28.88 -41.99
CA SER H 97 -15.73 29.06 -43.17
C SER H 97 -15.71 30.51 -43.59
N SER H 98 -16.88 31.13 -43.51
CA SER H 98 -17.02 32.53 -43.90
C SER H 98 -16.16 33.38 -42.96
N LEU H 99 -16.26 33.11 -41.67
CA LEU H 99 -15.49 33.82 -40.65
C LEU H 99 -13.99 33.60 -40.83
N GLU H 100 -13.64 32.33 -41.01
CA GLU H 100 -12.27 31.90 -41.26
C GLU H 100 -11.64 32.65 -42.43
N ALA H 101 -12.40 32.85 -43.49
CA ALA H 101 -11.90 33.54 -44.67
C ALA H 101 -11.64 35.02 -44.42
N GLU H 102 -12.23 35.55 -43.34
CA GLU H 102 -12.00 36.93 -42.92
C GLU H 102 -10.93 37.04 -41.82
N GLY H 103 -10.21 35.95 -41.56
CA GLY H 103 -9.14 35.95 -40.57
C GLY H 103 -9.61 35.92 -39.12
N VAL H 104 -10.87 35.51 -38.94
CA VAL H 104 -11.52 35.48 -37.64
C VAL H 104 -11.52 34.08 -37.00
N THR H 105 -11.11 34.00 -35.74
CA THR H 105 -11.21 32.75 -35.00
C THR H 105 -12.08 32.92 -33.75
N ILE H 106 -13.11 32.10 -33.60
CA ILE H 106 -13.97 32.13 -32.42
C ILE H 106 -13.21 31.69 -31.17
N ASP H 107 -13.26 32.48 -30.11
CA ASP H 107 -12.61 32.09 -28.86
C ASP H 107 -13.59 31.36 -27.91
N VAL H 108 -14.82 31.83 -27.86
CA VAL H 108 -15.81 31.26 -26.99
C VAL H 108 -17.11 31.05 -27.77
N LEU H 109 -17.63 29.83 -27.71
CA LEU H 109 -18.99 29.52 -28.18
C LEU H 109 -19.98 29.51 -27.01
N ILE H 110 -21.05 30.28 -27.13
CA ILE H 110 -22.11 30.23 -26.15
C ILE H 110 -23.36 29.66 -26.76
N ASN H 111 -23.68 28.41 -26.42
CA ASN H 111 -24.88 27.77 -26.93
C ASN H 111 -26.12 28.24 -26.17
N ASN H 112 -26.87 29.13 -26.80
CA ASN H 112 -27.99 29.76 -26.17
C ASN H 112 -29.24 29.57 -27.01
N ALA H 113 -29.20 28.60 -27.90
CA ALA H 113 -30.40 28.28 -28.63
C ALA H 113 -31.21 27.39 -27.72
N GLY H 114 -32.51 27.70 -27.59
CA GLY H 114 -33.38 26.99 -26.69
C GLY H 114 -34.84 27.29 -26.93
N VAL H 115 -35.64 26.25 -27.16
CA VAL H 115 -37.10 26.38 -27.29
C VAL H 115 -37.84 25.44 -26.33
N SER H 116 -39.06 25.81 -25.95
CA SER H 116 -39.84 24.95 -25.06
C SER H 116 -41.34 25.10 -25.36
N ASP H 117 -42.17 24.54 -24.49
CA ASP H 117 -43.61 24.59 -24.64
C ASP H 117 -44.26 24.16 -23.34
N THR H 118 -45.59 24.18 -23.31
CA THR H 118 -46.34 23.69 -22.16
C THR H 118 -47.46 22.78 -22.64
N LYS H 119 -47.30 21.49 -22.37
CA LYS H 119 -48.30 20.51 -22.74
C LYS H 119 -48.27 19.42 -21.69
N ARG H 120 -49.42 18.81 -21.42
CA ARG H 120 -49.46 17.64 -20.56
C ARG H 120 -48.54 16.56 -21.14
N PHE H 121 -48.06 15.67 -20.27
CA PHE H 121 -47.14 14.62 -20.69
C PHE H 121 -47.60 13.84 -21.93
N LEU H 122 -48.88 13.47 -21.96
CA LEU H 122 -49.44 12.65 -23.03
C LEU H 122 -49.82 13.43 -24.29
N ASP H 123 -49.72 14.76 -24.23
CA ASP H 123 -50.10 15.61 -25.35
C ASP H 123 -48.93 15.94 -26.27
N TYR H 124 -47.72 15.75 -25.77
CA TYR H 124 -46.56 16.00 -26.61
C TYR H 124 -46.55 14.99 -27.75
N ASN H 125 -46.38 15.48 -28.97
CA ASN H 125 -46.30 14.59 -30.12
C ASN H 125 -44.88 14.53 -30.66
N ASP H 126 -44.67 13.71 -31.68
CA ASP H 126 -43.34 13.52 -32.27
C ASP H 126 -42.77 14.81 -32.84
N GLU H 127 -43.63 15.66 -33.41
CA GLU H 127 -43.15 16.93 -33.96
C GLU H 127 -42.68 17.83 -32.83
N ASP H 128 -43.43 17.86 -31.73
CA ASP H 128 -43.01 18.59 -30.54
C ASP H 128 -41.64 18.12 -30.09
N TRP H 129 -41.47 16.80 -30.01
CA TRP H 129 -40.22 16.21 -29.55
C TRP H 129 -39.02 16.63 -30.40
N ASP H 130 -39.12 16.42 -31.71
CA ASP H 130 -38.04 16.75 -32.63
C ASP H 130 -37.66 18.23 -32.50
N LYS H 131 -38.64 19.13 -32.47
CA LYS H 131 -38.34 20.55 -32.25
C LYS H 131 -37.63 20.83 -30.92
N ILE H 132 -38.20 20.33 -29.82
CA ILE H 132 -37.64 20.68 -28.52
C ILE H 132 -36.29 20.03 -28.29
N VAL H 133 -36.19 18.73 -28.56
CA VAL H 133 -34.95 18.02 -28.30
C VAL H 133 -33.83 18.33 -29.31
N ASP H 134 -34.17 18.46 -30.59
CA ASP H 134 -33.13 18.77 -31.58
C ASP H 134 -32.55 20.15 -31.31
N THR H 135 -33.41 21.10 -30.99
CA THR H 135 -32.96 22.46 -30.71
C THR H 135 -32.14 22.56 -29.41
N ASN H 136 -32.59 21.89 -28.36
CA ASN H 136 -31.97 22.04 -27.03
C ASN H 136 -30.73 21.16 -26.82
N LEU H 137 -30.64 20.07 -27.56
CA LEU H 137 -29.59 19.09 -27.29
C LEU H 137 -28.74 18.78 -28.53
N LYS H 138 -29.39 18.45 -29.64
CA LYS H 138 -28.68 18.12 -30.87
C LYS H 138 -27.93 19.34 -31.45
N ALA H 139 -28.62 20.47 -31.52
CA ALA H 139 -28.02 21.70 -32.05
C ALA H 139 -26.77 22.18 -31.27
N PRO H 140 -26.85 22.26 -29.92
CA PRO H 140 -25.64 22.61 -29.19
C PRO H 140 -24.50 21.63 -29.46
N TRP H 141 -24.82 20.35 -29.57
CA TRP H 141 -23.82 19.33 -29.89
C TRP H 141 -23.19 19.53 -31.27
N GLN H 142 -24.03 19.68 -32.30
CA GLN H 142 -23.56 19.97 -33.66
C GLN H 142 -22.68 21.21 -33.71
N CYS H 143 -23.14 22.30 -33.11
CA CYS H 143 -22.40 23.55 -33.11
C CYS H 143 -21.05 23.39 -32.43
N ALA H 144 -21.04 22.68 -31.29
CA ALA H 144 -19.79 22.45 -30.55
C ALA H 144 -18.76 21.73 -31.41
N GLN H 145 -19.18 20.66 -32.07
CA GLN H 145 -18.33 19.92 -32.98
C GLN H 145 -17.70 20.79 -34.05
N GLU H 146 -18.54 21.60 -34.71
CA GLU H 146 -18.05 22.39 -35.83
C GLU H 146 -17.07 23.44 -35.34
N VAL H 147 -17.44 24.09 -34.25
CA VAL H 147 -16.59 25.12 -33.67
C VAL H 147 -15.26 24.52 -33.20
N VAL H 148 -15.32 23.32 -32.65
CA VAL H 148 -14.09 22.65 -32.24
C VAL H 148 -13.14 22.39 -33.41
N GLN H 149 -13.67 21.94 -34.54
CA GLN H 149 -12.87 21.75 -35.74
C GLN H 149 -12.24 23.08 -36.16
N HIS H 150 -13.05 24.14 -36.07
CA HIS H 150 -12.67 25.51 -36.40
C HIS H 150 -11.52 25.97 -35.52
N ILE H 152 -9.49 23.91 -33.71
CA ILE H 152 -8.33 23.04 -33.94
C ILE H 152 -7.52 23.46 -35.16
N LYS H 153 -8.20 23.75 -36.26
CA LYS H 153 -7.55 24.20 -37.49
C LYS H 153 -6.69 25.42 -37.23
N ALA H 154 -7.14 26.26 -36.32
CA ALA H 154 -6.41 27.47 -35.95
C ALA H 154 -5.49 27.28 -34.75
N GLU H 155 -5.41 26.06 -34.21
CA GLU H 155 -4.66 25.78 -32.99
C GLU H 155 -5.02 26.76 -31.86
N ARG H 156 -6.31 26.85 -31.54
CA ARG H 156 -6.79 27.82 -30.57
C ARG H 156 -7.45 27.12 -29.40
N LYS H 157 -7.05 27.48 -28.19
CA LYS H 157 -7.58 26.80 -27.03
C LYS H 157 -8.72 27.57 -26.36
N GLY H 158 -9.90 27.45 -26.96
CA GLY H 158 -11.04 28.24 -26.53
C GLY H 158 -11.91 27.62 -25.46
N SER H 159 -13.13 28.14 -25.35
CA SER H 159 -14.09 27.73 -24.34
C SER H 159 -15.47 27.52 -24.95
N ILE H 160 -16.22 26.59 -24.38
CA ILE H 160 -17.60 26.40 -24.79
C ILE H 160 -18.50 26.54 -23.58
N ILE H 161 -19.56 27.32 -23.72
CA ILE H 161 -20.51 27.47 -22.63
C ILE H 161 -21.91 27.09 -23.09
N ASN H 162 -22.45 26.05 -22.48
CA ASN H 162 -23.81 25.60 -22.76
C ASN H 162 -24.79 26.19 -21.77
N ILE H 163 -25.79 26.89 -22.26
CA ILE H 163 -26.85 27.34 -21.37
C ILE H 163 -27.85 26.21 -21.17
N THR H 164 -27.88 25.64 -19.98
CA THR H 164 -28.86 24.61 -19.72
C THR H 164 -30.11 25.22 -19.07
N SER H 165 -30.34 24.86 -17.81
CA SER H 165 -31.52 25.22 -17.05
C SER H 165 -31.46 24.41 -15.76
N ILE H 166 -32.03 24.93 -14.68
CA ILE H 166 -32.09 24.12 -13.46
C ILE H 166 -32.98 22.89 -13.69
N LEU H 167 -33.81 22.98 -14.72
CA LEU H 167 -34.67 21.88 -15.11
C LEU H 167 -33.90 20.69 -15.67
N SER H 168 -32.58 20.83 -15.78
CA SER H 168 -31.71 19.75 -16.18
C SER H 168 -31.60 18.76 -15.03
N GLN H 169 -31.91 19.21 -13.83
CA GLN H 169 -31.94 18.31 -12.69
C GLN H 169 -33.21 18.41 -11.86
N SER H 170 -33.84 19.58 -11.84
CA SER H 170 -35.09 19.74 -11.12
C SER H 170 -36.21 19.46 -12.11
N THR H 171 -37.43 19.28 -11.61
CA THR H 171 -38.56 19.04 -12.48
C THR H 171 -39.59 20.15 -12.36
N ASN H 172 -40.42 20.23 -13.38
CA ASN H 172 -41.66 20.98 -13.30
C ASN H 172 -42.67 20.33 -14.23
N LEU H 173 -43.91 20.80 -14.21
CA LEU H 173 -44.96 20.19 -15.03
C LEU H 173 -45.05 20.79 -16.44
N GLY H 174 -45.38 19.92 -17.39
CA GLY H 174 -45.70 20.36 -18.75
C GLY H 174 -44.51 20.59 -19.65
N VAL H 175 -43.33 20.15 -19.22
CA VAL H 175 -42.10 20.44 -19.94
C VAL H 175 -41.17 19.23 -20.07
N SER H 176 -41.77 18.04 -20.19
N SER H 176 -41.78 18.05 -20.19
CA SER H 176 -41.00 16.80 -20.22
CA SER H 176 -41.04 16.79 -20.24
C SER H 176 -39.91 16.72 -21.30
C SER H 176 -39.92 16.70 -21.30
N PRO H 177 -40.21 17.09 -22.56
CA PRO H 177 -39.11 17.06 -23.55
C PRO H 177 -37.98 18.05 -23.25
N TYR H 178 -38.33 19.23 -22.74
CA TYR H 178 -37.36 20.23 -22.32
C TYR H 178 -36.44 19.67 -21.23
N CYS H 179 -37.03 19.07 -20.20
CA CYS H 179 -36.25 18.47 -19.11
C CYS H 179 -35.28 17.39 -19.63
N ALA H 180 -35.79 16.49 -20.47
CA ALA H 180 -34.99 15.39 -21.00
C ALA H 180 -33.79 15.93 -21.76
N SER H 181 -34.04 16.91 -22.62
CA SER H 181 -33.01 17.50 -23.45
C SER H 181 -31.99 18.27 -22.60
N LYS H 182 -32.46 19.01 -21.59
CA LYS H 182 -31.57 19.74 -20.70
C LYS H 182 -30.65 18.84 -19.86
N ALA H 183 -31.20 17.77 -19.29
CA ALA H 183 -30.36 16.80 -18.57
C ALA H 183 -29.39 16.13 -19.52
N GLY H 184 -29.83 15.85 -20.74
CA GLY H 184 -28.94 15.30 -21.73
C GLY H 184 -27.78 16.26 -21.96
N LEU H 185 -28.10 17.54 -22.12
CA LEU H 185 -27.09 18.56 -22.37
C LEU H 185 -26.13 18.74 -21.18
N ARG H 186 -26.65 18.63 -19.97
CA ARG H 186 -25.83 18.73 -18.77
C ARG H 186 -24.77 17.63 -18.77
N HIS H 187 -25.20 16.41 -19.04
CA HIS H 187 -24.27 15.29 -19.00
C HIS H 187 -23.33 15.33 -20.22
N LEU H 188 -23.81 15.83 -21.34
CA LEU H 188 -23.00 15.91 -22.55
C LEU H 188 -21.86 16.89 -22.29
N THR H 189 -22.16 17.92 -21.52
CA THR H 189 -21.17 18.90 -21.07
C THR H 189 -19.99 18.25 -20.32
N GLU H 190 -20.32 17.36 -19.37
CA GLU H 190 -19.30 16.66 -18.61
C GLU H 190 -18.48 15.77 -19.53
N VAL H 191 -19.18 15.04 -20.40
CA VAL H 191 -18.54 14.13 -21.35
C VAL H 191 -17.70 14.89 -22.37
N ALA H 193 -16.26 17.78 -21.88
CA ALA H 193 -15.12 18.32 -21.15
C ALA H 193 -13.96 17.33 -21.13
N VAL H 194 -14.30 16.07 -20.90
CA VAL H 194 -13.33 14.99 -20.86
C VAL H 194 -12.74 14.75 -22.25
N GLU H 195 -13.58 14.72 -23.28
CA GLU H 195 -13.13 14.36 -24.63
C GLU H 195 -12.39 15.49 -25.38
N LEU H 196 -12.61 16.73 -24.94
CA LEU H 196 -12.01 17.89 -25.59
C LEU H 196 -10.85 18.52 -24.81
N ALA H 197 -10.58 17.99 -23.62
CA ALA H 197 -9.46 18.48 -22.82
C ALA H 197 -8.13 18.44 -23.59
N ARG H 198 -7.98 17.45 -24.47
CA ARG H 198 -6.76 17.27 -25.27
C ARG H 198 -6.53 18.41 -26.27
N PHE H 199 -7.56 19.19 -26.56
CA PHE H 199 -7.42 20.32 -27.47
C PHE H 199 -7.31 21.63 -26.73
N GLY H 200 -7.20 21.56 -25.41
CA GLY H 200 -7.12 22.76 -24.59
C GLY H 200 -8.45 23.51 -24.51
N ILE H 201 -9.55 22.81 -24.81
CA ILE H 201 -10.86 23.43 -24.81
C ILE H 201 -11.70 23.01 -23.59
N ASN H 202 -12.06 23.97 -22.75
CA ASN H 202 -12.93 23.64 -21.64
C ASN H 202 -14.40 23.88 -22.01
N VAL H 203 -15.26 23.04 -21.42
CA VAL H 203 -16.67 23.00 -21.77
C VAL H 203 -17.43 22.99 -20.46
N ASN H 204 -18.28 23.99 -20.28
CA ASN H 204 -19.04 24.14 -19.04
C ASN H 204 -20.45 24.60 -19.31
N ALA H 205 -21.30 24.52 -18.28
CA ALA H 205 -22.67 24.94 -18.46
C ALA H 205 -23.07 25.98 -17.43
N ILE H 206 -23.98 26.87 -17.82
CA ILE H 206 -24.63 27.76 -16.87
C ILE H 206 -26.09 27.36 -16.91
N ALA H 207 -26.67 27.18 -15.73
CA ALA H 207 -28.06 26.74 -15.59
C ALA H 207 -28.91 27.82 -14.93
N PRO H 208 -29.62 28.63 -15.72
CA PRO H 208 -30.46 29.66 -15.09
C PRO H 208 -31.69 29.07 -14.40
N GLY H 209 -32.18 29.79 -13.38
CA GLY H 209 -33.48 29.51 -12.84
C GLY H 209 -34.54 30.11 -13.73
N TYR H 210 -35.72 30.39 -13.19
CA TYR H 210 -36.76 31.03 -13.98
C TYR H 210 -36.43 32.50 -14.19
N ILE H 212 -37.19 36.25 -15.73
CA ILE H 212 -38.22 37.17 -16.12
C ILE H 212 -38.05 37.62 -17.58
N THR H 213 -38.81 36.98 -18.48
CA THR H 213 -38.75 37.30 -19.90
C THR H 213 -40.16 37.53 -20.40
N GLU H 214 -40.31 37.82 -21.69
CA GLU H 214 -41.61 38.11 -22.26
C GLU H 214 -42.21 36.84 -22.83
N ILE H 215 -41.35 35.86 -23.05
CA ILE H 215 -41.75 34.57 -23.59
C ILE H 215 -42.51 33.65 -22.62
N ASN H 216 -42.34 33.85 -21.31
CA ASN H 216 -43.08 33.06 -20.30
C ASN H 216 -43.73 33.98 -19.28
N GLU H 217 -44.27 35.09 -19.77
CA GLU H 217 -44.85 36.12 -18.93
C GLU H 217 -46.10 35.63 -18.21
N GLU H 218 -46.93 34.86 -18.91
CA GLU H 218 -48.17 34.35 -18.33
C GLU H 218 -47.94 33.42 -17.15
N TYR H 219 -47.01 32.47 -17.33
CA TYR H 219 -46.72 31.49 -16.28
C TYR H 219 -46.24 32.13 -14.99
N LEU H 220 -45.31 33.07 -15.10
CA LEU H 220 -44.65 33.63 -13.93
C LEU H 220 -45.57 34.62 -13.21
N THR H 221 -46.35 35.37 -13.98
CA THR H 221 -47.27 36.39 -13.44
C THR H 221 -48.63 35.81 -12.98
N SER H 222 -48.90 34.55 -13.31
CA SER H 222 -50.15 33.91 -12.93
C SER H 222 -50.16 33.64 -11.44
N GLU H 223 -51.22 33.01 -10.96
CA GLU H 223 -51.34 32.74 -9.53
C GLU H 223 -50.43 31.59 -9.11
N VAL H 224 -50.29 30.59 -9.97
CA VAL H 224 -49.37 29.47 -9.74
C VAL H 224 -47.89 29.89 -9.70
N GLY H 225 -47.50 30.86 -10.53
CA GLY H 225 -46.12 31.30 -10.56
C GLY H 225 -45.80 32.24 -9.40
N GLN H 226 -46.81 32.94 -8.91
CA GLN H 226 -46.61 33.83 -7.76
C GLN H 226 -46.40 32.99 -6.51
N GLN H 227 -46.89 31.77 -6.57
CA GLN H 227 -46.68 30.78 -5.52
C GLN H 227 -45.25 30.24 -5.56
N LEU H 228 -44.67 30.18 -6.76
CA LEU H 228 -43.25 29.82 -6.93
C LEU H 228 -42.34 30.83 -6.27
N LEU H 229 -42.64 32.10 -6.51
CA LEU H 229 -41.88 33.19 -5.92
C LEU H 229 -41.77 33.04 -4.41
N LYS H 230 -42.85 32.62 -3.77
CA LYS H 230 -42.80 32.42 -2.31
C LYS H 230 -42.02 31.17 -1.90
N LYS H 231 -41.76 30.27 -2.85
CA LYS H 231 -40.98 29.06 -2.57
C LYS H 231 -39.47 29.30 -2.77
N ILE H 232 -39.12 30.21 -3.68
CA ILE H 232 -37.73 30.53 -4.00
C ILE H 232 -37.10 31.29 -2.84
N PRO H 233 -35.95 30.81 -2.33
CA PRO H 233 -35.34 31.38 -1.12
C PRO H 233 -35.12 32.88 -1.18
N THR H 234 -34.62 33.44 -2.28
CA THR H 234 -34.44 34.89 -2.38
C THR H 234 -35.75 35.63 -2.67
N ARG H 235 -36.81 34.87 -2.91
CA ARG H 235 -38.11 35.43 -3.31
C ARG H 235 -38.00 36.26 -4.58
N LYS H 236 -37.06 35.92 -5.46
CA LYS H 236 -36.86 36.67 -6.70
C LYS H 236 -36.61 35.74 -7.86
N PHE H 237 -37.20 36.05 -9.01
CA PHE H 237 -36.84 35.33 -10.21
C PHE H 237 -35.46 35.79 -10.65
N VAL H 238 -34.86 35.05 -11.57
CA VAL H 238 -33.51 35.36 -12.03
C VAL H 238 -33.50 36.54 -12.97
N GLU H 239 -32.62 37.51 -12.70
CA GLU H 239 -32.40 38.61 -13.61
C GLU H 239 -31.21 38.27 -14.49
N PHE H 240 -31.21 38.81 -15.71
CA PHE H 240 -30.14 38.56 -16.68
C PHE H 240 -28.76 38.86 -16.07
N ASP H 241 -28.69 39.95 -15.32
CA ASP H 241 -27.45 40.38 -14.69
C ASP H 241 -26.82 39.33 -13.78
N ASP H 242 -27.65 38.45 -13.25
CA ASP H 242 -27.20 37.38 -12.38
C ASP H 242 -26.28 36.42 -13.12
N LEU H 243 -26.38 36.42 -14.44
CA LEU H 243 -25.59 35.51 -15.27
C LEU H 243 -24.25 36.10 -15.68
N ASN H 244 -24.09 37.41 -15.53
CA ASN H 244 -22.86 38.08 -15.96
C ASN H 244 -21.59 37.47 -15.38
N GLY H 245 -21.56 37.28 -14.06
CA GLY H 245 -20.42 36.71 -13.39
C GLY H 245 -19.98 35.35 -13.89
N PRO H 246 -20.89 34.37 -13.88
CA PRO H 246 -20.54 33.03 -14.39
C PRO H 246 -20.13 33.06 -15.87
N LEU H 247 -20.81 33.89 -16.67
CA LEU H 247 -20.47 34.04 -18.08
C LEU H 247 -19.04 34.52 -18.28
N LEU H 248 -18.64 35.55 -17.54
CA LEU H 248 -17.31 36.09 -17.66
C LEU H 248 -16.29 35.11 -17.09
N LEU H 249 -16.64 34.44 -15.99
CA LEU H 249 -15.78 33.40 -15.43
C LEU H 249 -15.46 32.32 -16.46
N LEU H 250 -16.51 31.76 -17.06
CA LEU H 250 -16.36 30.60 -17.93
C LEU H 250 -15.83 30.93 -19.33
N ALA H 251 -15.79 32.22 -19.66
CA ALA H 251 -15.31 32.66 -20.97
C ALA H 251 -13.86 33.17 -20.93
N SER H 252 -13.30 33.27 -19.74
CA SER H 252 -11.98 33.87 -19.58
C SER H 252 -10.91 32.96 -18.97
N GLN H 253 -9.70 33.49 -18.82
CA GLN H 253 -8.58 32.78 -18.20
C GLN H 253 -8.94 32.32 -16.78
N ALA H 254 -9.76 33.11 -16.08
CA ALA H 254 -10.21 32.78 -14.72
C ALA H 254 -10.88 31.40 -14.65
N GLY H 255 -11.47 30.95 -15.76
CA GLY H 255 -12.19 29.67 -15.79
C GLY H 255 -11.38 28.56 -16.43
N GLN H 256 -10.11 28.83 -16.67
CA GLN H 256 -9.24 27.95 -17.41
C GLN H 256 -9.02 26.59 -16.75
N GLY H 257 -9.03 26.57 -15.41
CA GLY H 257 -8.91 25.34 -14.63
C GLY H 257 -10.25 24.66 -14.34
N ILE H 258 -11.32 25.22 -14.88
CA ILE H 258 -12.64 24.67 -14.61
C ILE H 258 -13.16 24.06 -15.90
N THR H 259 -13.51 22.78 -15.86
CA THR H 259 -14.11 22.14 -17.02
C THR H 259 -15.07 21.04 -16.58
N GLY H 260 -16.19 20.92 -17.29
CA GLY H 260 -17.15 19.86 -17.05
C GLY H 260 -18.18 20.12 -15.95
N ILE H 261 -18.41 21.38 -15.59
CA ILE H 261 -19.33 21.68 -14.49
C ILE H 261 -20.55 22.47 -14.97
N GLU H 262 -21.58 22.51 -14.14
CA GLU H 262 -22.76 23.33 -14.37
C GLU H 262 -22.97 24.29 -13.17
N ILE H 263 -22.89 25.59 -13.43
CA ILE H 263 -23.11 26.60 -12.40
C ILE H 263 -24.57 27.04 -12.37
N LYS H 264 -25.30 26.72 -11.31
CA LYS H 264 -26.69 27.13 -11.18
C LYS H 264 -26.80 28.57 -10.69
N VAL H 265 -27.64 29.34 -11.39
CA VAL H 265 -27.88 30.72 -11.02
C VAL H 265 -29.38 30.86 -10.87
N ASP H 266 -29.88 30.73 -9.64
CA ASP H 266 -31.32 30.57 -9.41
C ASP H 266 -31.82 31.08 -8.07
N GLY H 267 -31.00 31.80 -7.33
CA GLY H 267 -31.37 32.30 -6.00
C GLY H 267 -31.78 31.20 -5.04
N GLY H 268 -31.23 30.01 -5.24
CA GLY H 268 -31.47 28.89 -4.35
C GLY H 268 -32.71 28.07 -4.67
N HIS H 269 -33.35 28.37 -5.81
CA HIS H 269 -34.58 27.71 -6.26
C HIS H 269 -34.46 26.18 -6.21
N SER H 270 -33.36 25.66 -6.72
CA SER H 270 -33.17 24.22 -6.76
C SER H 270 -32.90 23.61 -5.40
N ALA H 271 -32.60 24.45 -4.41
CA ALA H 271 -32.34 23.94 -3.06
C ALA H 271 -33.57 24.02 -2.16
N ALA H 272 -34.62 24.67 -2.66
CA ALA H 272 -35.81 24.92 -1.85
C ALA H 272 -36.46 23.62 -1.36
N PRO H 273 -37.06 23.66 -0.17
CA PRO H 273 -37.70 22.51 0.49
C PRO H 273 -38.74 21.79 -0.37
#